data_1X60
#
_entry.id   1X60
#
_entity_poly.entity_id   1
_entity_poly.type   'polypeptide(L)'
_entity_poly.pdbx_seq_one_letter_code
;LKKTSSSGLYKVQIGAFKVKANADSLASNAEAKGFDSIVLLKDGLYKVQIGAFSSKDNADTLAARAKNAGFDAIVILES
;
_entity_poly.pdbx_strand_id   A
#
# COMPACT_ATOMS: atom_id res chain seq x y z
N LEU A 1 24.75 1.21 14.68
CA LEU A 1 24.23 1.00 16.06
C LEU A 1 23.25 2.11 16.45
N LYS A 2 21.97 1.80 16.38
CA LYS A 2 20.93 2.76 16.73
C LYS A 2 21.01 3.99 15.82
N LYS A 3 20.09 4.08 14.87
CA LYS A 3 20.06 5.20 13.94
C LYS A 3 18.68 5.35 13.31
N THR A 4 18.36 6.58 12.88
CA THR A 4 17.06 6.85 12.27
C THR A 4 15.93 6.62 13.26
N SER A 5 15.17 7.66 13.54
CA SER A 5 14.06 7.57 14.49
C SER A 5 12.90 6.79 13.87
N SER A 6 12.33 5.88 14.64
CA SER A 6 11.22 5.05 14.18
C SER A 6 9.91 5.50 14.81
N SER A 7 8.99 5.99 13.99
CA SER A 7 7.69 6.44 14.47
C SER A 7 6.72 6.63 13.32
N GLY A 8 5.96 5.58 13.02
CA GLY A 8 5.00 5.64 11.93
C GLY A 8 5.60 5.33 10.59
N LEU A 9 4.78 4.90 9.65
CA LEU A 9 5.23 4.57 8.31
C LEU A 9 4.19 4.98 7.28
N TYR A 10 4.64 5.52 6.17
CA TYR A 10 3.73 5.93 5.12
C TYR A 10 3.71 4.92 4.00
N LYS A 11 2.62 4.16 3.94
CA LYS A 11 2.46 3.14 2.91
C LYS A 11 1.16 3.36 2.15
N VAL A 12 1.12 2.93 0.89
CA VAL A 12 -0.08 3.09 0.09
C VAL A 12 -0.82 1.77 -0.04
N GLN A 13 -2.15 1.82 -0.01
CA GLN A 13 -2.97 0.61 -0.11
C GLN A 13 -4.14 0.79 -1.06
N ILE A 14 -4.33 -0.18 -1.95
CA ILE A 14 -5.40 -0.10 -2.93
C ILE A 14 -6.56 -1.05 -2.60
N GLY A 15 -6.41 -1.89 -1.57
CA GLY A 15 -7.49 -2.79 -1.22
C GLY A 15 -7.07 -3.99 -0.40
N ALA A 16 -8.07 -4.75 0.05
CA ALA A 16 -7.87 -5.96 0.83
C ALA A 16 -9.02 -6.93 0.58
N PHE A 17 -8.74 -8.23 0.51
CA PHE A 17 -9.78 -9.21 0.28
C PHE A 17 -9.48 -10.53 0.98
N LYS A 18 -10.54 -11.25 1.35
CA LYS A 18 -10.40 -12.52 2.03
C LYS A 18 -9.63 -13.53 1.17
N VAL A 19 -9.49 -13.24 -0.11
CA VAL A 19 -8.79 -14.13 -1.03
C VAL A 19 -7.42 -13.58 -1.42
N LYS A 20 -6.40 -14.43 -1.28
CA LYS A 20 -5.03 -14.06 -1.61
C LYS A 20 -4.87 -13.94 -3.12
N ALA A 21 -5.49 -14.84 -3.87
CA ALA A 21 -5.41 -14.82 -5.32
C ALA A 21 -5.91 -13.48 -5.83
N ASN A 22 -6.87 -12.91 -5.11
CA ASN A 22 -7.42 -11.61 -5.48
C ASN A 22 -6.44 -10.52 -5.06
N ALA A 23 -5.77 -10.75 -3.93
CA ALA A 23 -4.78 -9.79 -3.43
C ALA A 23 -3.52 -9.81 -4.28
N ASP A 24 -3.33 -10.90 -5.03
CA ASP A 24 -2.16 -11.04 -5.90
C ASP A 24 -2.40 -10.34 -7.23
N SER A 25 -3.62 -10.43 -7.73
CA SER A 25 -3.98 -9.79 -9.00
C SER A 25 -3.91 -8.28 -8.83
N LEU A 26 -4.33 -7.82 -7.66
CA LEU A 26 -4.30 -6.40 -7.34
C LEU A 26 -2.87 -5.90 -7.27
N ALA A 27 -2.04 -6.62 -6.52
CA ALA A 27 -0.63 -6.26 -6.38
C ALA A 27 0.05 -6.25 -7.74
N SER A 28 -0.51 -6.99 -8.68
CA SER A 28 0.03 -7.08 -10.02
C SER A 28 -0.24 -5.78 -10.79
N ASN A 29 -1.45 -5.25 -10.62
CA ASN A 29 -1.83 -4.01 -11.29
C ASN A 29 -0.88 -2.87 -10.91
N ALA A 30 -0.64 -2.75 -9.61
CA ALA A 30 0.26 -1.71 -9.11
C ALA A 30 1.66 -1.89 -9.67
N GLU A 31 2.10 -3.15 -9.74
CA GLU A 31 3.42 -3.46 -10.26
C GLU A 31 3.60 -2.87 -11.66
N ALA A 32 2.51 -2.89 -12.43
CA ALA A 32 2.52 -2.35 -13.79
C ALA A 32 3.02 -0.92 -13.78
N LYS A 33 2.44 -0.09 -12.92
CA LYS A 33 2.85 1.29 -12.81
C LYS A 33 4.30 1.34 -12.34
N GLY A 34 4.69 0.32 -11.59
CA GLY A 34 6.04 0.22 -11.10
C GLY A 34 6.13 0.46 -9.61
N PHE A 35 5.10 0.04 -8.89
CA PHE A 35 5.06 0.19 -7.45
C PHE A 35 5.42 -1.11 -6.76
N ASP A 36 5.90 -1.00 -5.52
CA ASP A 36 6.27 -2.17 -4.75
C ASP A 36 5.04 -2.72 -4.04
N SER A 37 4.39 -3.69 -4.66
CA SER A 37 3.18 -4.28 -4.09
C SER A 37 3.52 -5.30 -3.02
N ILE A 38 2.59 -5.52 -2.11
CA ILE A 38 2.77 -6.44 -1.01
C ILE A 38 1.44 -6.98 -0.50
N VAL A 39 1.40 -8.28 -0.23
CA VAL A 39 0.20 -8.92 0.26
C VAL A 39 0.38 -9.44 1.69
N LEU A 40 -0.35 -8.86 2.63
CA LEU A 40 -0.26 -9.27 4.03
C LEU A 40 -1.56 -9.92 4.48
N LEU A 41 -1.44 -11.14 4.99
CA LEU A 41 -2.61 -11.88 5.47
C LEU A 41 -2.91 -11.56 6.93
N LYS A 42 -4.05 -10.93 7.16
CA LYS A 42 -4.49 -10.60 8.50
C LYS A 42 -5.49 -11.64 8.95
N ASP A 43 -5.79 -11.65 10.25
CA ASP A 43 -6.73 -12.61 10.80
C ASP A 43 -8.09 -12.61 10.10
N GLY A 44 -8.14 -13.02 8.83
CA GLY A 44 -9.40 -13.07 8.12
C GLY A 44 -9.37 -12.50 6.70
N LEU A 45 -8.42 -11.61 6.41
CA LEU A 45 -8.36 -11.01 5.07
C LEU A 45 -6.92 -10.76 4.60
N TYR A 46 -6.79 -10.50 3.30
CA TYR A 46 -5.50 -10.21 2.68
C TYR A 46 -5.47 -8.76 2.22
N LYS A 47 -4.38 -8.07 2.51
CA LYS A 47 -4.24 -6.67 2.13
C LYS A 47 -3.25 -6.48 1.01
N VAL A 48 -3.52 -5.47 0.19
CA VAL A 48 -2.66 -5.16 -0.94
C VAL A 48 -2.11 -3.73 -0.84
N GLN A 49 -0.86 -3.63 -0.41
CA GLN A 49 -0.21 -2.33 -0.26
C GLN A 49 0.83 -2.11 -1.34
N ILE A 50 0.92 -0.87 -1.82
CA ILE A 50 1.88 -0.51 -2.85
C ILE A 50 2.60 0.79 -2.53
N GLY A 51 3.92 0.70 -2.48
CA GLY A 51 4.75 1.86 -2.18
C GLY A 51 4.80 2.18 -0.70
N ALA A 52 5.92 1.88 -0.07
CA ALA A 52 6.10 2.15 1.35
C ALA A 52 7.38 2.95 1.59
N PHE A 53 7.27 4.10 2.24
CA PHE A 53 8.43 4.94 2.51
C PHE A 53 8.33 5.60 3.88
N SER A 54 9.42 6.27 4.26
CA SER A 54 9.48 6.95 5.55
C SER A 54 8.83 8.33 5.47
N SER A 55 8.62 8.82 4.25
CA SER A 55 8.00 10.13 4.05
C SER A 55 6.62 9.99 3.40
N LYS A 56 5.62 10.62 4.01
CA LYS A 56 4.26 10.57 3.50
C LYS A 56 4.18 11.05 2.06
N ASP A 57 5.02 12.03 1.72
CA ASP A 57 5.04 12.58 0.36
C ASP A 57 5.22 11.46 -0.67
N ASN A 58 5.91 10.41 -0.28
CA ASN A 58 6.14 9.27 -1.17
C ASN A 58 4.85 8.49 -1.39
N ALA A 59 4.18 8.15 -0.30
CA ALA A 59 2.92 7.41 -0.36
C ALA A 59 1.88 8.18 -1.16
N ASP A 60 1.82 9.50 -0.96
CA ASP A 60 0.87 10.34 -1.66
C ASP A 60 1.07 10.26 -3.17
N THR A 61 2.31 10.46 -3.62
CA THR A 61 2.63 10.41 -5.04
C THR A 61 2.28 9.06 -5.63
N LEU A 62 2.49 8.01 -4.83
CA LEU A 62 2.19 6.65 -5.26
C LEU A 62 0.70 6.45 -5.38
N ALA A 63 0.02 6.80 -4.30
CA ALA A 63 -1.40 6.65 -4.23
C ALA A 63 -2.09 7.31 -5.42
N ALA A 64 -1.87 8.61 -5.55
CA ALA A 64 -2.45 9.38 -6.65
C ALA A 64 -2.13 8.72 -7.98
N ARG A 65 -0.92 8.17 -8.09
CA ARG A 65 -0.49 7.49 -9.30
C ARG A 65 -1.36 6.26 -9.53
N ALA A 66 -1.69 5.58 -8.43
CA ALA A 66 -2.53 4.40 -8.51
C ALA A 66 -3.91 4.79 -9.00
N LYS A 67 -4.41 5.92 -8.49
CA LYS A 67 -5.71 6.41 -8.90
C LYS A 67 -5.71 6.71 -10.39
N ASN A 68 -4.66 7.40 -10.83
CA ASN A 68 -4.51 7.74 -12.24
C ASN A 68 -4.20 6.46 -13.04
N ALA A 69 -3.63 5.48 -12.36
CA ALA A 69 -3.28 4.21 -12.97
C ALA A 69 -4.51 3.32 -13.15
N GLY A 70 -5.55 3.58 -12.37
CA GLY A 70 -6.76 2.80 -12.45
C GLY A 70 -6.97 1.97 -11.21
N PHE A 71 -6.38 2.42 -10.11
CA PHE A 71 -6.46 1.72 -8.84
C PHE A 71 -6.83 2.72 -7.73
N ASP A 72 -7.55 2.25 -6.72
CA ASP A 72 -7.95 3.10 -5.63
C ASP A 72 -6.93 3.03 -4.50
N ALA A 73 -5.78 3.67 -4.69
CA ALA A 73 -4.72 3.66 -3.68
C ALA A 73 -4.94 4.75 -2.63
N ILE A 74 -4.61 4.42 -1.39
CA ILE A 74 -4.74 5.35 -0.28
C ILE A 74 -3.48 5.31 0.58
N VAL A 75 -3.18 6.42 1.26
CA VAL A 75 -2.00 6.47 2.11
C VAL A 75 -2.40 6.40 3.58
N ILE A 76 -1.68 5.57 4.33
CA ILE A 76 -1.96 5.41 5.75
C ILE A 76 -0.67 5.42 6.57
N LEU A 77 -0.72 6.09 7.72
CA LEU A 77 0.43 6.19 8.61
C LEU A 77 0.32 5.13 9.72
N GLU A 78 1.12 4.07 9.59
CA GLU A 78 1.11 2.99 10.57
C GLU A 78 2.33 3.06 11.48
N SER A 79 2.09 3.01 12.79
CA SER A 79 3.18 3.07 13.77
C SER A 79 3.35 1.73 14.47
N LEU A 1 16.99 -5.45 13.35
CA LEU A 1 17.00 -5.62 14.83
C LEU A 1 15.80 -4.92 15.47
N LYS A 2 14.67 -5.61 15.48
CA LYS A 2 13.45 -5.07 16.07
C LYS A 2 13.06 -3.76 15.40
N LYS A 3 11.87 -3.26 15.71
CA LYS A 3 11.38 -2.02 15.14
C LYS A 3 11.02 -1.02 16.24
N THR A 4 10.63 0.19 15.84
CA THR A 4 10.27 1.24 16.78
C THR A 4 8.77 1.50 16.75
N SER A 5 8.19 1.77 17.91
CA SER A 5 6.76 2.05 18.02
C SER A 5 6.51 3.53 18.26
N SER A 6 7.40 4.38 17.73
CA SER A 6 7.27 5.82 17.89
C SER A 6 6.94 6.48 16.56
N SER A 7 7.88 6.43 15.63
CA SER A 7 7.69 7.02 14.31
C SER A 7 6.82 6.12 13.43
N GLY A 8 5.83 6.72 12.77
CA GLY A 8 4.94 5.96 11.91
C GLY A 8 5.58 5.64 10.58
N LEU A 9 4.75 5.21 9.62
CA LEU A 9 5.22 4.87 8.29
C LEU A 9 4.19 5.29 7.26
N TYR A 10 4.66 5.81 6.13
CA TYR A 10 3.77 6.24 5.08
C TYR A 10 3.74 5.20 3.96
N LYS A 11 2.64 4.46 3.90
CA LYS A 11 2.47 3.42 2.88
C LYS A 11 1.18 3.64 2.11
N VAL A 12 1.12 3.11 0.89
CA VAL A 12 -0.09 3.26 0.08
C VAL A 12 -0.80 1.91 -0.05
N GLN A 13 -2.13 1.91 0.08
CA GLN A 13 -2.91 0.67 -0.01
C GLN A 13 -4.09 0.83 -0.96
N ILE A 14 -4.29 -0.16 -1.82
CA ILE A 14 -5.39 -0.12 -2.78
C ILE A 14 -6.55 -1.05 -2.42
N GLY A 15 -6.39 -1.87 -1.38
CA GLY A 15 -7.48 -2.76 -1.00
C GLY A 15 -7.06 -4.00 -0.23
N ALA A 16 -8.06 -4.78 0.18
CA ALA A 16 -7.84 -6.03 0.91
C ALA A 16 -9.01 -6.98 0.61
N PHE A 17 -8.72 -8.28 0.53
CA PHE A 17 -9.77 -9.25 0.24
C PHE A 17 -9.49 -10.59 0.92
N LYS A 18 -10.56 -11.30 1.26
CA LYS A 18 -10.42 -12.60 1.91
C LYS A 18 -9.70 -13.60 1.01
N VAL A 19 -9.56 -13.27 -0.27
CA VAL A 19 -8.89 -14.16 -1.20
C VAL A 19 -7.51 -13.65 -1.58
N LYS A 20 -6.50 -14.49 -1.40
CA LYS A 20 -5.12 -14.15 -1.72
C LYS A 20 -4.96 -14.00 -3.22
N ALA A 21 -5.58 -14.89 -3.99
CA ALA A 21 -5.50 -14.82 -5.44
C ALA A 21 -6.00 -13.48 -5.93
N ASN A 22 -6.95 -12.91 -5.19
CA ASN A 22 -7.50 -11.60 -5.52
C ASN A 22 -6.52 -10.53 -5.07
N ALA A 23 -5.85 -10.77 -3.95
CA ALA A 23 -4.88 -9.82 -3.42
C ALA A 23 -3.60 -9.83 -4.28
N ASP A 24 -3.42 -10.90 -5.04
CA ASP A 24 -2.25 -11.03 -5.91
C ASP A 24 -2.48 -10.34 -7.24
N SER A 25 -3.72 -10.42 -7.73
CA SER A 25 -4.07 -9.76 -8.99
C SER A 25 -3.99 -8.25 -8.82
N LEU A 26 -4.38 -7.79 -7.64
CA LEU A 26 -4.34 -6.38 -7.31
C LEU A 26 -2.89 -5.91 -7.23
N ALA A 27 -2.08 -6.63 -6.47
CA ALA A 27 -0.66 -6.29 -6.32
C ALA A 27 0.03 -6.29 -7.68
N SER A 28 -0.55 -7.03 -8.63
CA SER A 28 0.00 -7.12 -9.97
C SER A 28 -0.25 -5.83 -10.73
N ASN A 29 -1.44 -5.27 -10.58
CA ASN A 29 -1.80 -4.03 -11.25
C ASN A 29 -0.84 -2.92 -10.85
N ALA A 30 -0.59 -2.78 -9.55
CA ALA A 30 0.29 -1.75 -9.04
C ALA A 30 1.70 -1.95 -9.60
N GLU A 31 2.14 -3.19 -9.66
CA GLU A 31 3.46 -3.51 -10.18
C GLU A 31 3.64 -2.93 -11.59
N ALA A 32 2.56 -2.97 -12.36
CA ALA A 32 2.57 -2.44 -13.72
C ALA A 32 3.06 -1.00 -13.72
N LYS A 33 2.45 -0.18 -12.85
CA LYS A 33 2.85 1.22 -12.75
C LYS A 33 4.30 1.28 -12.29
N GLY A 34 4.70 0.26 -11.54
CA GLY A 34 6.06 0.19 -11.04
C GLY A 34 6.15 0.40 -9.55
N PHE A 35 5.11 0.00 -8.84
CA PHE A 35 5.07 0.14 -7.39
C PHE A 35 5.42 -1.18 -6.71
N ASP A 36 5.87 -1.09 -5.47
CA ASP A 36 6.22 -2.27 -4.70
C ASP A 36 4.98 -2.81 -3.99
N SER A 37 4.31 -3.76 -4.62
CA SER A 37 3.10 -4.32 -4.05
C SER A 37 3.43 -5.36 -3.00
N ILE A 38 2.48 -5.60 -2.11
CA ILE A 38 2.68 -6.55 -1.03
C ILE A 38 1.34 -7.09 -0.52
N VAL A 39 1.29 -8.39 -0.24
CA VAL A 39 0.08 -9.02 0.24
C VAL A 39 0.28 -9.60 1.63
N LEU A 40 -0.45 -9.08 2.62
CA LEU A 40 -0.32 -9.56 3.99
C LEU A 40 -1.60 -10.25 4.43
N LEU A 41 -1.47 -11.49 4.89
CA LEU A 41 -2.60 -12.27 5.34
C LEU A 41 -2.91 -11.99 6.81
N LYS A 42 -4.07 -11.39 7.05
CA LYS A 42 -4.51 -11.10 8.41
C LYS A 42 -5.53 -12.15 8.83
N ASP A 43 -5.85 -12.20 10.10
CA ASP A 43 -6.80 -13.17 10.62
C ASP A 43 -8.15 -13.14 9.90
N GLY A 44 -8.16 -13.49 8.61
CA GLY A 44 -9.42 -13.50 7.88
C GLY A 44 -9.39 -12.85 6.51
N LEU A 45 -8.45 -11.94 6.27
CA LEU A 45 -8.37 -11.25 4.98
C LEU A 45 -6.94 -11.00 4.51
N TYR A 46 -6.80 -10.71 3.21
CA TYR A 46 -5.51 -10.41 2.61
C TYR A 46 -5.47 -8.94 2.20
N LYS A 47 -4.39 -8.25 2.56
CA LYS A 47 -4.25 -6.84 2.23
C LYS A 47 -3.29 -6.62 1.07
N VAL A 48 -3.58 -5.60 0.26
CA VAL A 48 -2.76 -5.27 -0.89
C VAL A 48 -2.23 -3.84 -0.76
N GLN A 49 -0.96 -3.72 -0.39
CA GLN A 49 -0.33 -2.42 -0.22
C GLN A 49 0.73 -2.19 -1.30
N ILE A 50 0.84 -0.94 -1.75
CA ILE A 50 1.81 -0.57 -2.76
C ILE A 50 2.50 0.75 -2.42
N GLY A 51 3.83 0.68 -2.36
CA GLY A 51 4.64 1.85 -2.04
C GLY A 51 4.71 2.15 -0.56
N ALA A 52 5.88 1.92 0.04
CA ALA A 52 6.07 2.19 1.45
C ALA A 52 7.37 2.96 1.67
N PHE A 53 7.27 4.14 2.29
CA PHE A 53 8.43 4.97 2.54
C PHE A 53 8.36 5.66 3.89
N SER A 54 9.43 6.37 4.24
CA SER A 54 9.49 7.10 5.50
C SER A 54 8.89 8.49 5.37
N SER A 55 8.69 8.95 4.14
CA SER A 55 8.13 10.27 3.88
C SER A 55 6.74 10.16 3.24
N LYS A 56 5.76 10.82 3.86
CA LYS A 56 4.39 10.80 3.36
C LYS A 56 4.33 11.26 1.91
N ASP A 57 5.17 12.22 1.54
CA ASP A 57 5.20 12.75 0.18
C ASP A 57 5.37 11.61 -0.83
N ASN A 58 6.04 10.55 -0.41
CA ASN A 58 6.27 9.41 -1.28
C ASN A 58 4.99 8.61 -1.47
N ALA A 59 4.33 8.30 -0.36
CA ALA A 59 3.08 7.55 -0.41
C ALA A 59 2.01 8.30 -1.20
N ASP A 60 1.95 9.61 -1.01
CA ASP A 60 0.96 10.42 -1.72
C ASP A 60 1.17 10.33 -3.22
N THR A 61 2.40 10.53 -3.66
CA THR A 61 2.72 10.46 -5.09
C THR A 61 2.35 9.10 -5.66
N LEU A 62 2.56 8.05 -4.87
CA LEU A 62 2.24 6.69 -5.27
C LEU A 62 0.75 6.52 -5.37
N ALA A 63 0.09 6.93 -4.30
CA ALA A 63 -1.35 6.80 -4.21
C ALA A 63 -2.03 7.43 -5.42
N ALA A 64 -1.82 8.73 -5.59
CA ALA A 64 -2.40 9.46 -6.71
C ALA A 64 -2.09 8.77 -8.03
N ARG A 65 -0.89 8.21 -8.11
CA ARG A 65 -0.47 7.50 -9.31
C ARG A 65 -1.34 6.26 -9.52
N ALA A 66 -1.68 5.61 -8.40
CA ALA A 66 -2.52 4.42 -8.44
C ALA A 66 -3.90 4.79 -8.93
N LYS A 67 -4.41 5.93 -8.44
CA LYS A 67 -5.71 6.41 -8.84
C LYS A 67 -5.72 6.69 -10.33
N ASN A 68 -4.67 7.38 -10.79
CA ASN A 68 -4.52 7.70 -12.20
C ASN A 68 -4.21 6.44 -12.98
N ALA A 69 -3.62 5.46 -12.30
CA ALA A 69 -3.26 4.18 -12.90
C ALA A 69 -4.48 3.30 -13.09
N GLY A 70 -5.52 3.54 -12.29
CA GLY A 70 -6.72 2.75 -12.37
C GLY A 70 -6.93 1.92 -11.13
N PHE A 71 -6.35 2.37 -10.02
CA PHE A 71 -6.44 1.67 -8.76
C PHE A 71 -6.83 2.65 -7.65
N ASP A 72 -7.56 2.17 -6.65
CA ASP A 72 -7.97 3.02 -5.55
C ASP A 72 -6.97 2.95 -4.40
N ALA A 73 -5.80 3.57 -4.59
CA ALA A 73 -4.77 3.56 -3.56
C ALA A 73 -4.94 4.73 -2.59
N ILE A 74 -4.62 4.47 -1.33
CA ILE A 74 -4.71 5.48 -0.29
C ILE A 74 -3.45 5.47 0.56
N VAL A 75 -3.16 6.57 1.23
CA VAL A 75 -1.96 6.65 2.07
C VAL A 75 -2.34 6.68 3.54
N ILE A 76 -1.62 5.89 4.33
CA ILE A 76 -1.87 5.83 5.76
C ILE A 76 -0.57 5.89 6.57
N LEU A 77 -0.62 6.59 7.70
CA LEU A 77 0.54 6.73 8.56
C LEU A 77 0.40 5.84 9.79
N GLU A 78 1.13 4.73 9.80
CA GLU A 78 1.08 3.79 10.92
C GLU A 78 2.49 3.38 11.36
N SER A 79 2.67 3.19 12.66
CA SER A 79 3.96 2.80 13.20
C SER A 79 3.99 1.30 13.52
N LEU A 1 14.64 17.61 19.22
CA LEU A 1 14.55 17.29 17.77
C LEU A 1 13.37 16.37 17.47
N LYS A 2 12.92 16.37 16.22
CA LYS A 2 11.80 15.53 15.81
C LYS A 2 10.55 15.88 16.59
N LYS A 3 9.43 15.25 16.24
CA LYS A 3 8.17 15.50 16.90
C LYS A 3 7.86 14.41 17.92
N THR A 4 6.80 14.62 18.70
CA THR A 4 6.40 13.66 19.72
C THR A 4 4.88 13.58 19.83
N SER A 5 4.20 13.80 18.72
CA SER A 5 2.74 13.76 18.69
C SER A 5 2.25 12.46 18.05
N SER A 6 2.82 12.12 16.90
CA SER A 6 2.43 10.90 16.19
C SER A 6 3.37 10.63 15.02
N SER A 7 4.00 9.46 15.04
CA SER A 7 4.93 9.06 13.99
C SER A 7 4.73 7.60 13.62
N GLY A 8 5.15 7.24 12.41
CA GLY A 8 5.02 5.86 11.97
C GLY A 8 5.64 5.62 10.61
N LEU A 9 4.82 5.20 9.65
CA LEU A 9 5.30 4.94 8.29
C LEU A 9 4.24 5.34 7.29
N TYR A 10 4.68 5.87 6.16
CA TYR A 10 3.76 6.29 5.11
C TYR A 10 3.74 5.27 4.00
N LYS A 11 2.64 4.51 3.94
CA LYS A 11 2.49 3.48 2.92
C LYS A 11 1.18 3.67 2.16
N VAL A 12 1.11 3.17 0.93
CA VAL A 12 -0.09 3.30 0.13
C VAL A 12 -0.80 1.96 0.00
N GLN A 13 -2.12 1.95 0.13
CA GLN A 13 -2.89 0.71 0.03
C GLN A 13 -4.06 0.85 -0.95
N ILE A 14 -4.26 -0.15 -1.79
CA ILE A 14 -5.32 -0.10 -2.79
C ILE A 14 -6.47 -1.06 -2.47
N GLY A 15 -6.33 -1.91 -1.46
CA GLY A 15 -7.42 -2.82 -1.14
C GLY A 15 -7.01 -4.04 -0.33
N ALA A 16 -8.02 -4.82 0.06
CA ALA A 16 -7.83 -6.06 0.81
C ALA A 16 -8.99 -7.00 0.52
N PHE A 17 -8.71 -8.30 0.42
CA PHE A 17 -9.76 -9.27 0.14
C PHE A 17 -9.51 -10.59 0.85
N LYS A 18 -10.59 -11.28 1.21
CA LYS A 18 -10.49 -12.56 1.90
C LYS A 18 -9.76 -13.60 1.04
N VAL A 19 -9.59 -13.30 -0.25
CA VAL A 19 -8.92 -14.22 -1.16
C VAL A 19 -7.53 -13.72 -1.54
N LYS A 20 -6.54 -14.59 -1.34
CA LYS A 20 -5.16 -14.28 -1.67
C LYS A 20 -4.99 -14.11 -3.17
N ALA A 21 -5.62 -14.99 -3.94
CA ALA A 21 -5.54 -14.92 -5.39
C ALA A 21 -6.01 -13.55 -5.87
N ASN A 22 -6.97 -12.99 -5.15
CA ASN A 22 -7.49 -11.67 -5.47
C ASN A 22 -6.51 -10.61 -4.99
N ALA A 23 -5.86 -10.87 -3.86
CA ALA A 23 -4.88 -9.94 -3.32
C ALA A 23 -3.62 -9.92 -4.19
N ASP A 24 -3.41 -11.00 -4.94
CA ASP A 24 -2.26 -11.12 -5.82
C ASP A 24 -2.51 -10.39 -7.13
N SER A 25 -3.75 -10.45 -7.60
CA SER A 25 -4.12 -9.77 -8.83
C SER A 25 -3.98 -8.27 -8.66
N LEU A 26 -4.31 -7.80 -7.46
CA LEU A 26 -4.21 -6.39 -7.13
C LEU A 26 -2.74 -5.96 -7.08
N ALA A 27 -1.94 -6.70 -6.32
CA ALA A 27 -0.52 -6.38 -6.21
C ALA A 27 0.14 -6.37 -7.58
N SER A 28 -0.46 -7.10 -8.52
CA SER A 28 0.06 -7.17 -9.89
C SER A 28 -0.25 -5.88 -10.65
N ASN A 29 -1.46 -5.36 -10.46
CA ASN A 29 -1.87 -4.13 -11.13
C ASN A 29 -0.94 -2.98 -10.74
N ALA A 30 -0.70 -2.83 -9.45
CA ALA A 30 0.17 -1.79 -8.94
C ALA A 30 1.56 -1.95 -9.52
N GLU A 31 2.01 -3.20 -9.61
CA GLU A 31 3.34 -3.49 -10.14
C GLU A 31 3.48 -2.90 -11.54
N ALA A 32 2.40 -2.93 -12.31
CA ALA A 32 2.39 -2.39 -13.66
C ALA A 32 2.91 -0.97 -13.67
N LYS A 33 2.36 -0.13 -12.80
CA LYS A 33 2.81 1.25 -12.69
C LYS A 33 4.26 1.27 -12.25
N GLY A 34 4.64 0.25 -11.50
CA GLY A 34 5.99 0.13 -11.01
C GLY A 34 6.10 0.39 -9.53
N PHE A 35 5.07 -0.01 -8.79
CA PHE A 35 5.05 0.18 -7.35
C PHE A 35 5.40 -1.11 -6.63
N ASP A 36 5.90 -0.97 -5.41
CA ASP A 36 6.25 -2.13 -4.60
C ASP A 36 5.01 -2.67 -3.92
N SER A 37 4.32 -3.59 -4.58
CA SER A 37 3.10 -4.16 -4.02
C SER A 37 3.43 -5.24 -3.01
N ILE A 38 2.47 -5.52 -2.13
CA ILE A 38 2.68 -6.51 -1.09
C ILE A 38 1.34 -7.06 -0.59
N VAL A 39 1.32 -8.37 -0.30
CA VAL A 39 0.11 -9.01 0.18
C VAL A 39 0.31 -9.58 1.58
N LEU A 40 -0.43 -9.07 2.55
CA LEU A 40 -0.32 -9.54 3.93
C LEU A 40 -1.60 -10.24 4.36
N LEU A 41 -1.46 -11.47 4.82
CA LEU A 41 -2.60 -12.25 5.27
C LEU A 41 -2.90 -11.99 6.74
N LYS A 42 -4.08 -11.43 7.00
CA LYS A 42 -4.52 -11.16 8.35
C LYS A 42 -5.54 -12.21 8.76
N ASP A 43 -5.85 -12.27 10.04
CA ASP A 43 -6.81 -13.26 10.54
C ASP A 43 -8.15 -13.20 9.82
N GLY A 44 -8.18 -13.53 8.53
CA GLY A 44 -9.44 -13.52 7.80
C GLY A 44 -9.41 -12.82 6.44
N LEU A 45 -8.46 -11.92 6.23
CA LEU A 45 -8.38 -11.19 4.96
C LEU A 45 -6.96 -10.95 4.48
N TYR A 46 -6.82 -10.69 3.18
CA TYR A 46 -5.53 -10.40 2.56
C TYR A 46 -5.49 -8.94 2.14
N LYS A 47 -4.42 -8.25 2.51
CA LYS A 47 -4.27 -6.83 2.18
C LYS A 47 -3.27 -6.62 1.06
N VAL A 48 -3.52 -5.60 0.25
CA VAL A 48 -2.64 -5.28 -0.86
C VAL A 48 -2.14 -3.84 -0.75
N GLN A 49 -0.89 -3.71 -0.33
CA GLN A 49 -0.27 -2.39 -0.16
C GLN A 49 0.78 -2.13 -1.24
N ILE A 50 0.85 -0.88 -1.69
CA ILE A 50 1.82 -0.49 -2.71
C ILE A 50 2.52 0.82 -2.35
N GLY A 51 3.83 0.76 -2.31
CA GLY A 51 4.64 1.93 -1.99
C GLY A 51 4.70 2.22 -0.50
N ALA A 52 5.84 1.91 0.12
CA ALA A 52 6.03 2.14 1.53
C ALA A 52 7.33 2.90 1.77
N PHE A 53 7.22 4.15 2.23
CA PHE A 53 8.39 4.97 2.49
C PHE A 53 8.31 5.66 3.84
N SER A 54 9.41 6.29 4.25
CA SER A 54 9.48 6.98 5.52
C SER A 54 8.86 8.38 5.41
N SER A 55 8.68 8.86 4.18
CA SER A 55 8.09 10.17 3.95
C SER A 55 6.75 10.05 3.23
N LYS A 56 5.75 10.75 3.76
CA LYS A 56 4.41 10.73 3.19
C LYS A 56 4.42 11.18 1.73
N ASP A 57 5.26 12.17 1.43
CA ASP A 57 5.36 12.71 0.06
C ASP A 57 5.46 11.57 -0.94
N ASN A 58 6.08 10.48 -0.53
CA ASN A 58 6.24 9.31 -1.39
C ASN A 58 4.91 8.58 -1.53
N ALA A 59 4.26 8.32 -0.41
CA ALA A 59 2.97 7.63 -0.39
C ALA A 59 1.94 8.39 -1.22
N ASP A 60 1.87 9.70 -1.03
CA ASP A 60 0.92 10.54 -1.76
C ASP A 60 1.13 10.42 -3.26
N THR A 61 2.37 10.61 -3.70
CA THR A 61 2.70 10.52 -5.13
C THR A 61 2.35 9.14 -5.68
N LEU A 62 2.53 8.11 -4.86
CA LEU A 62 2.23 6.74 -5.25
C LEU A 62 0.74 6.56 -5.39
N ALA A 63 0.05 6.95 -4.33
CA ALA A 63 -1.39 6.81 -4.27
C ALA A 63 -2.05 7.47 -5.47
N ALA A 64 -1.83 8.77 -5.61
CA ALA A 64 -2.40 9.53 -6.72
C ALA A 64 -2.09 8.84 -8.05
N ARG A 65 -0.89 8.26 -8.14
CA ARG A 65 -0.47 7.56 -9.33
C ARG A 65 -1.33 6.32 -9.53
N ALA A 66 -1.64 5.64 -8.43
CA ALA A 66 -2.48 4.46 -8.48
C ALA A 66 -3.86 4.83 -8.96
N LYS A 67 -4.37 5.96 -8.46
CA LYS A 67 -5.68 6.44 -8.86
C LYS A 67 -5.69 6.72 -10.36
N ASN A 68 -4.66 7.43 -10.81
CA ASN A 68 -4.52 7.75 -12.23
C ASN A 68 -4.21 6.48 -13.02
N ALA A 69 -3.63 5.50 -12.33
CA ALA A 69 -3.28 4.23 -12.94
C ALA A 69 -4.50 3.34 -13.11
N GLY A 70 -5.54 3.61 -12.32
CA GLY A 70 -6.75 2.82 -12.39
C GLY A 70 -6.93 1.97 -11.14
N PHE A 71 -6.31 2.42 -10.05
CA PHE A 71 -6.39 1.72 -8.79
C PHE A 71 -6.76 2.69 -7.68
N ASP A 72 -7.46 2.20 -6.65
CA ASP A 72 -7.87 3.05 -5.55
C ASP A 72 -6.84 3.02 -4.43
N ALA A 73 -5.70 3.68 -4.64
CA ALA A 73 -4.65 3.71 -3.63
C ALA A 73 -4.86 4.83 -2.61
N ILE A 74 -4.58 4.52 -1.36
CA ILE A 74 -4.72 5.48 -0.26
C ILE A 74 -3.47 5.47 0.60
N VAL A 75 -3.15 6.61 1.20
CA VAL A 75 -1.97 6.71 2.06
C VAL A 75 -2.37 6.69 3.52
N ILE A 76 -1.63 5.92 4.32
CA ILE A 76 -1.91 5.82 5.74
C ILE A 76 -0.62 5.80 6.55
N LEU A 77 -0.65 6.50 7.68
CA LEU A 77 0.50 6.59 8.57
C LEU A 77 0.42 5.50 9.65
N GLU A 78 1.23 4.46 9.51
CA GLU A 78 1.24 3.35 10.46
C GLU A 78 2.33 3.54 11.50
N SER A 79 1.92 3.66 12.76
CA SER A 79 2.86 3.84 13.87
C SER A 79 3.45 2.50 14.30
N LEU A 1 20.09 17.19 20.61
CA LEU A 1 19.06 16.13 20.46
C LEU A 1 18.06 16.50 19.36
N LYS A 2 17.00 15.70 19.23
CA LYS A 2 15.97 15.94 18.22
C LYS A 2 14.61 16.14 18.88
N LYS A 3 13.76 16.94 18.23
CA LYS A 3 12.43 17.21 18.75
C LYS A 3 11.38 17.07 17.65
N THR A 4 11.65 17.72 16.51
CA THR A 4 10.73 17.67 15.37
C THR A 4 10.89 16.37 14.60
N SER A 5 9.85 15.53 14.62
CA SER A 5 9.88 14.25 13.91
C SER A 5 8.52 13.57 13.98
N SER A 6 8.39 12.45 13.27
CA SER A 6 7.14 11.70 13.25
C SER A 6 7.31 10.35 13.95
N SER A 7 6.29 9.51 13.83
CA SER A 7 6.33 8.18 14.45
C SER A 7 5.40 7.21 13.71
N GLY A 8 5.94 6.56 12.68
CA GLY A 8 5.14 5.61 11.92
C GLY A 8 5.74 5.34 10.55
N LEU A 9 4.90 4.93 9.61
CA LEU A 9 5.34 4.64 8.26
C LEU A 9 4.29 5.06 7.26
N TYR A 10 4.71 5.62 6.14
CA TYR A 10 3.79 6.05 5.11
C TYR A 10 3.76 5.03 3.98
N LYS A 11 2.68 4.28 3.92
CA LYS A 11 2.52 3.27 2.88
C LYS A 11 1.20 3.48 2.13
N VAL A 12 1.13 3.00 0.89
CA VAL A 12 -0.09 3.15 0.10
C VAL A 12 -0.81 1.81 -0.02
N GLN A 13 -2.13 1.84 0.02
CA GLN A 13 -2.93 0.61 -0.07
C GLN A 13 -4.10 0.78 -1.04
N ILE A 14 -4.28 -0.19 -1.93
CA ILE A 14 -5.35 -0.13 -2.92
C ILE A 14 -6.51 -1.07 -2.59
N GLY A 15 -6.38 -1.90 -1.56
CA GLY A 15 -7.47 -2.80 -1.24
C GLY A 15 -7.08 -4.02 -0.42
N ALA A 16 -8.09 -4.79 -0.01
CA ALA A 16 -7.90 -6.01 0.76
C ALA A 16 -9.06 -6.97 0.48
N PHE A 17 -8.78 -8.27 0.42
CA PHE A 17 -9.83 -9.25 0.16
C PHE A 17 -9.57 -10.56 0.88
N LYS A 18 -10.63 -11.27 1.20
CA LYS A 18 -10.52 -12.55 1.89
C LYS A 18 -9.74 -13.57 1.06
N VAL A 19 -9.57 -13.28 -0.24
CA VAL A 19 -8.85 -14.18 -1.13
C VAL A 19 -7.47 -13.66 -1.47
N LYS A 20 -6.47 -14.51 -1.29
CA LYS A 20 -5.09 -14.18 -1.58
C LYS A 20 -4.88 -14.03 -3.09
N ALA A 21 -5.47 -14.95 -3.85
CA ALA A 21 -5.36 -14.89 -5.31
C ALA A 21 -5.83 -13.54 -5.82
N ASN A 22 -6.79 -12.97 -5.09
CA ASN A 22 -7.32 -11.66 -5.44
C ASN A 22 -6.35 -10.58 -4.99
N ALA A 23 -5.70 -10.83 -3.86
CA ALA A 23 -4.72 -9.89 -3.32
C ALA A 23 -3.45 -9.88 -4.17
N ASP A 24 -3.24 -10.97 -4.92
CA ASP A 24 -2.07 -11.10 -5.78
C ASP A 24 -2.31 -10.39 -7.11
N SER A 25 -3.54 -10.49 -7.61
CA SER A 25 -3.90 -9.84 -8.87
C SER A 25 -3.80 -8.33 -8.70
N LEU A 26 -4.17 -7.86 -7.52
CA LEU A 26 -4.13 -6.44 -7.21
C LEU A 26 -2.69 -5.96 -7.12
N ALA A 27 -1.86 -6.70 -6.38
CA ALA A 27 -0.45 -6.35 -6.24
C ALA A 27 0.23 -6.30 -7.61
N SER A 28 -0.34 -7.05 -8.56
CA SER A 28 0.19 -7.09 -9.92
C SER A 28 -0.15 -5.82 -10.69
N ASN A 29 -1.38 -5.34 -10.51
CA ASN A 29 -1.83 -4.13 -11.19
C ASN A 29 -0.94 -2.95 -10.84
N ALA A 30 -0.70 -2.78 -9.54
CA ALA A 30 0.15 -1.69 -9.07
C ALA A 30 1.57 -1.86 -9.59
N GLU A 31 2.03 -3.11 -9.65
CA GLU A 31 3.37 -3.41 -10.14
C GLU A 31 3.56 -2.83 -11.53
N ALA A 32 2.49 -2.87 -12.33
CA ALA A 32 2.52 -2.34 -13.69
C ALA A 32 3.02 -0.91 -13.69
N LYS A 33 2.41 -0.07 -12.85
CA LYS A 33 2.83 1.32 -12.75
C LYS A 33 4.27 1.38 -12.28
N GLY A 34 4.67 0.35 -11.54
CA GLY A 34 6.03 0.27 -11.03
C GLY A 34 6.11 0.51 -9.55
N PHE A 35 5.06 0.11 -8.83
CA PHE A 35 5.02 0.28 -7.39
C PHE A 35 5.38 -1.01 -6.68
N ASP A 36 5.88 -0.89 -5.46
CA ASP A 36 6.25 -2.06 -4.67
C ASP A 36 5.02 -2.63 -4.00
N SER A 37 4.38 -3.59 -4.65
CA SER A 37 3.17 -4.20 -4.11
C SER A 37 3.52 -5.24 -3.05
N ILE A 38 2.57 -5.49 -2.16
CA ILE A 38 2.76 -6.43 -1.08
C ILE A 38 1.42 -6.94 -0.56
N VAL A 39 1.36 -8.22 -0.22
CA VAL A 39 0.13 -8.83 0.29
C VAL A 39 0.33 -9.39 1.69
N LEU A 40 -0.43 -8.87 2.65
CA LEU A 40 -0.32 -9.34 4.03
C LEU A 40 -1.63 -10.00 4.47
N LEU A 41 -1.52 -11.23 4.94
CA LEU A 41 -2.68 -11.97 5.40
C LEU A 41 -3.00 -11.68 6.87
N LYS A 42 -4.14 -11.07 7.10
CA LYS A 42 -4.60 -10.77 8.45
C LYS A 42 -5.62 -11.82 8.87
N ASP A 43 -5.92 -11.86 10.15
CA ASP A 43 -6.86 -12.85 10.69
C ASP A 43 -8.22 -12.81 9.98
N GLY A 44 -8.26 -13.16 8.69
CA GLY A 44 -9.52 -13.18 7.97
C GLY A 44 -9.50 -12.54 6.59
N LEU A 45 -8.53 -11.65 6.33
CA LEU A 45 -8.47 -10.99 5.02
C LEU A 45 -7.03 -10.78 4.54
N TYR A 46 -6.89 -10.54 3.24
CA TYR A 46 -5.60 -10.27 2.62
C TYR A 46 -5.55 -8.82 2.16
N LYS A 47 -4.46 -8.13 2.50
CA LYS A 47 -4.32 -6.73 2.13
C LYS A 47 -3.32 -6.54 1.01
N VAL A 48 -3.54 -5.52 0.20
CA VAL A 48 -2.67 -5.21 -0.91
C VAL A 48 -2.14 -3.78 -0.80
N GLN A 49 -0.88 -3.66 -0.41
CA GLN A 49 -0.24 -2.36 -0.24
C GLN A 49 0.80 -2.12 -1.33
N ILE A 50 0.88 -0.87 -1.79
CA ILE A 50 1.84 -0.50 -2.82
C ILE A 50 2.56 0.80 -2.48
N GLY A 51 3.89 0.72 -2.44
CA GLY A 51 4.71 1.87 -2.14
C GLY A 51 4.79 2.17 -0.66
N ALA A 52 5.92 1.83 -0.05
CA ALA A 52 6.12 2.06 1.38
C ALA A 52 7.41 2.87 1.60
N PHE A 53 7.29 4.02 2.24
CA PHE A 53 8.44 4.87 2.48
C PHE A 53 8.38 5.55 3.85
N SER A 54 9.46 6.21 4.23
CA SER A 54 9.54 6.91 5.50
C SER A 54 8.89 8.28 5.41
N SER A 55 8.69 8.77 4.18
CA SER A 55 8.08 10.08 3.96
C SER A 55 6.72 9.93 3.28
N LYS A 56 5.71 10.60 3.84
CA LYS A 56 4.36 10.55 3.28
C LYS A 56 4.34 11.03 1.82
N ASP A 57 5.14 12.05 1.53
CA ASP A 57 5.21 12.60 0.17
C ASP A 57 5.34 11.49 -0.86
N ASN A 58 5.98 10.39 -0.46
CA ASN A 58 6.16 9.25 -1.34
C ASN A 58 4.85 8.49 -1.49
N ALA A 59 4.21 8.20 -0.37
CA ALA A 59 2.93 7.48 -0.37
C ALA A 59 1.88 8.25 -1.15
N ASP A 60 1.80 9.56 -0.93
CA ASP A 60 0.81 10.39 -1.61
C ASP A 60 0.99 10.31 -3.12
N THR A 61 2.22 10.55 -3.58
CA THR A 61 2.51 10.52 -5.01
C THR A 61 2.20 9.15 -5.60
N LEU A 62 2.41 8.11 -4.81
CA LEU A 62 2.13 6.74 -5.24
C LEU A 62 0.65 6.53 -5.35
N ALA A 63 -0.03 6.88 -4.29
CA ALA A 63 -1.46 6.70 -4.22
C ALA A 63 -2.15 7.36 -5.41
N ALA A 64 -1.94 8.67 -5.54
CA ALA A 64 -2.52 9.43 -6.65
C ALA A 64 -2.19 8.77 -7.98
N ARG A 65 -0.97 8.22 -8.06
CA ARG A 65 -0.53 7.54 -9.27
C ARG A 65 -1.39 6.31 -9.50
N ALA A 66 -1.72 5.61 -8.42
CA ALA A 66 -2.55 4.42 -8.50
C ALA A 66 -3.93 4.81 -8.97
N LYS A 67 -4.43 5.93 -8.46
CA LYS A 67 -5.75 6.42 -8.87
C LYS A 67 -5.75 6.73 -10.35
N ASN A 68 -4.72 7.44 -10.79
CA ASN A 68 -4.56 7.79 -12.20
C ASN A 68 -4.26 6.53 -13.01
N ALA A 69 -3.68 5.54 -12.33
CA ALA A 69 -3.32 4.27 -12.96
C ALA A 69 -4.55 3.39 -13.15
N GLY A 70 -5.59 3.65 -12.36
CA GLY A 70 -6.81 2.86 -12.44
C GLY A 70 -6.99 2.01 -11.20
N PHE A 71 -6.38 2.44 -10.10
CA PHE A 71 -6.46 1.73 -8.85
C PHE A 71 -6.83 2.70 -7.72
N ASP A 72 -7.53 2.21 -6.71
CA ASP A 72 -7.93 3.05 -5.60
C ASP A 72 -6.90 2.99 -4.47
N ALA A 73 -5.76 3.66 -4.67
CA ALA A 73 -4.70 3.66 -3.66
C ALA A 73 -4.92 4.75 -2.61
N ILE A 74 -4.60 4.42 -1.37
CA ILE A 74 -4.74 5.35 -0.26
C ILE A 74 -3.48 5.33 0.60
N VAL A 75 -3.18 6.44 1.25
CA VAL A 75 -1.99 6.51 2.10
C VAL A 75 -2.38 6.46 3.57
N ILE A 76 -1.65 5.64 4.33
CA ILE A 76 -1.90 5.49 5.75
C ILE A 76 -0.60 5.51 6.54
N LEU A 77 -0.62 6.21 7.67
CA LEU A 77 0.55 6.32 8.54
C LEU A 77 0.50 5.24 9.62
N GLU A 78 1.37 4.24 9.48
CA GLU A 78 1.42 3.14 10.44
C GLU A 78 2.38 3.47 11.59
N SER A 79 1.82 3.82 12.74
CA SER A 79 2.63 4.15 13.91
C SER A 79 3.20 2.89 14.54
N LEU A 1 -0.02 25.80 16.30
CA LEU A 1 0.50 25.17 15.05
C LEU A 1 1.87 24.53 15.28
N LYS A 2 2.04 23.32 14.74
CA LYS A 2 3.30 22.61 14.88
C LYS A 2 3.65 21.85 13.61
N LYS A 3 4.75 21.13 13.63
CA LYS A 3 5.19 20.35 12.47
C LYS A 3 6.27 19.35 12.87
N THR A 4 6.12 18.75 14.04
CA THR A 4 7.08 17.77 14.54
C THR A 4 6.44 16.39 14.63
N SER A 5 6.63 15.59 13.58
CA SER A 5 6.08 14.23 13.54
C SER A 5 7.14 13.21 13.90
N SER A 6 6.79 12.30 14.81
CA SER A 6 7.72 11.25 15.24
C SER A 6 7.07 9.88 15.15
N SER A 7 7.85 8.88 14.75
CA SER A 7 7.34 7.52 14.62
C SER A 7 6.23 7.43 13.57
N GLY A 8 6.12 6.27 12.92
CA GLY A 8 5.11 6.09 11.91
C GLY A 8 5.70 5.72 10.56
N LEU A 9 4.85 5.28 9.65
CA LEU A 9 5.29 4.90 8.31
C LEU A 9 4.24 5.29 7.28
N TYR A 10 4.69 5.82 6.16
CA TYR A 10 3.78 6.23 5.11
C TYR A 10 3.75 5.19 4.00
N LYS A 11 2.67 4.43 3.95
CA LYS A 11 2.50 3.40 2.93
C LYS A 11 1.21 3.61 2.17
N VAL A 12 1.14 3.09 0.95
CA VAL A 12 -0.06 3.23 0.14
C VAL A 12 -0.76 1.88 -0.01
N GLN A 13 -2.09 1.87 0.09
CA GLN A 13 -2.86 0.63 -0.03
C GLN A 13 -4.05 0.80 -0.97
N ILE A 14 -4.26 -0.18 -1.84
CA ILE A 14 -5.35 -0.12 -2.79
C ILE A 14 -6.50 -1.09 -2.49
N GLY A 15 -6.34 -1.94 -1.47
CA GLY A 15 -7.42 -2.87 -1.16
C GLY A 15 -7.02 -4.08 -0.35
N ALA A 16 -8.02 -4.84 0.06
CA ALA A 16 -7.84 -6.07 0.83
C ALA A 16 -8.99 -7.03 0.55
N PHE A 17 -8.71 -8.32 0.47
CA PHE A 17 -9.75 -9.31 0.20
C PHE A 17 -9.49 -10.62 0.91
N LYS A 18 -10.56 -11.32 1.28
CA LYS A 18 -10.45 -12.60 1.97
C LYS A 18 -9.69 -13.63 1.12
N VAL A 19 -9.54 -13.33 -0.17
CA VAL A 19 -8.84 -14.25 -1.07
C VAL A 19 -7.48 -13.70 -1.48
N LYS A 20 -6.45 -14.54 -1.35
CA LYS A 20 -5.09 -14.16 -1.70
C LYS A 20 -4.96 -14.01 -3.21
N ALA A 21 -5.58 -14.91 -3.96
CA ALA A 21 -5.52 -14.84 -5.42
C ALA A 21 -6.01 -13.47 -5.88
N ASN A 22 -6.99 -12.94 -5.17
CA ASN A 22 -7.53 -11.62 -5.47
C ASN A 22 -6.53 -10.56 -5.03
N ALA A 23 -5.82 -10.84 -3.93
CA ALA A 23 -4.81 -9.91 -3.43
C ALA A 23 -3.58 -9.90 -4.33
N ASP A 24 -3.43 -10.96 -5.13
CA ASP A 24 -2.30 -11.07 -6.05
C ASP A 24 -2.58 -10.30 -7.33
N SER A 25 -3.84 -10.31 -7.76
CA SER A 25 -4.24 -9.61 -8.97
C SER A 25 -4.13 -8.11 -8.75
N LEU A 26 -4.49 -7.67 -7.54
CA LEU A 26 -4.43 -6.26 -7.17
C LEU A 26 -2.97 -5.79 -7.14
N ALA A 27 -2.15 -6.51 -6.38
CA ALA A 27 -0.74 -6.18 -6.27
C ALA A 27 -0.06 -6.22 -7.64
N SER A 28 -0.65 -6.99 -8.55
CA SER A 28 -0.12 -7.11 -9.90
C SER A 28 -0.32 -5.82 -10.68
N ASN A 29 -1.51 -5.23 -10.54
CA ASN A 29 -1.83 -3.99 -11.23
C ASN A 29 -0.87 -2.89 -10.83
N ALA A 30 -0.62 -2.77 -9.52
CA ALA A 30 0.29 -1.76 -9.01
C ALA A 30 1.68 -1.95 -9.57
N GLU A 31 2.11 -3.20 -9.64
CA GLU A 31 3.44 -3.52 -10.17
C GLU A 31 3.59 -2.94 -11.58
N ALA A 32 2.50 -2.99 -12.34
CA ALA A 32 2.50 -2.46 -13.70
C ALA A 32 2.98 -1.01 -13.70
N LYS A 33 2.39 -0.20 -12.83
CA LYS A 33 2.79 1.19 -12.72
C LYS A 33 4.25 1.26 -12.29
N GLY A 34 4.66 0.24 -11.54
CA GLY A 34 6.02 0.17 -11.06
C GLY A 34 6.13 0.39 -9.56
N PHE A 35 5.11 -0.03 -8.83
CA PHE A 35 5.09 0.13 -7.39
C PHE A 35 5.45 -1.19 -6.70
N ASP A 36 5.90 -1.10 -5.47
CA ASP A 36 6.27 -2.29 -4.70
C ASP A 36 5.03 -2.83 -3.99
N SER A 37 4.36 -3.79 -4.62
CA SER A 37 3.16 -4.36 -4.04
C SER A 37 3.50 -5.39 -2.97
N ILE A 38 2.56 -5.62 -2.08
CA ILE A 38 2.75 -6.56 -0.98
C ILE A 38 1.42 -7.12 -0.49
N VAL A 39 1.38 -8.41 -0.22
CA VAL A 39 0.17 -9.06 0.25
C VAL A 39 0.33 -9.58 1.66
N LEU A 40 -0.39 -8.98 2.61
CA LEU A 40 -0.31 -9.39 4.01
C LEU A 40 -1.59 -10.10 4.44
N LEU A 41 -1.43 -11.33 4.91
CA LEU A 41 -2.56 -12.12 5.36
C LEU A 41 -2.88 -11.84 6.83
N LYS A 42 -4.05 -11.27 7.07
CA LYS A 42 -4.50 -11.00 8.43
C LYS A 42 -5.50 -12.06 8.83
N ASP A 43 -5.82 -12.12 10.12
CA ASP A 43 -6.75 -13.12 10.63
C ASP A 43 -8.10 -13.10 9.92
N GLY A 44 -8.12 -13.43 8.62
CA GLY A 44 -9.37 -13.47 7.89
C GLY A 44 -9.34 -12.79 6.53
N LEU A 45 -8.42 -11.86 6.29
CA LEU A 45 -8.35 -11.18 5.01
C LEU A 45 -6.92 -10.93 4.53
N TYR A 46 -6.80 -10.66 3.22
CA TYR A 46 -5.50 -10.38 2.60
C TYR A 46 -5.46 -8.92 2.15
N LYS A 47 -4.37 -8.23 2.45
CA LYS A 47 -4.22 -6.83 2.07
C LYS A 47 -3.25 -6.65 0.92
N VAL A 48 -3.51 -5.63 0.11
CA VAL A 48 -2.67 -5.31 -1.01
C VAL A 48 -2.15 -3.89 -0.90
N GLN A 49 -0.92 -3.75 -0.42
CA GLN A 49 -0.30 -2.45 -0.25
C GLN A 49 0.75 -2.18 -1.30
N ILE A 50 0.85 -0.94 -1.76
CA ILE A 50 1.82 -0.56 -2.77
C ILE A 50 2.50 0.76 -2.41
N GLY A 51 3.82 0.70 -2.33
CA GLY A 51 4.63 1.86 -2.01
C GLY A 51 4.68 2.16 -0.52
N ALA A 52 5.84 1.94 0.09
CA ALA A 52 6.03 2.19 1.51
C ALA A 52 7.33 2.94 1.77
N PHE A 53 7.23 4.18 2.21
CA PHE A 53 8.40 5.00 2.48
C PHE A 53 8.32 5.69 3.85
N SER A 54 9.40 6.36 4.22
CA SER A 54 9.47 7.07 5.49
C SER A 54 8.86 8.46 5.38
N SER A 55 8.68 8.94 4.15
CA SER A 55 8.10 10.26 3.93
C SER A 55 6.71 10.16 3.29
N LYS A 56 5.74 10.83 3.89
CA LYS A 56 4.37 10.81 3.38
C LYS A 56 4.32 11.25 1.93
N ASP A 57 5.16 12.21 1.56
CA ASP A 57 5.20 12.72 0.20
C ASP A 57 5.38 11.58 -0.80
N ASN A 58 6.06 10.52 -0.36
CA ASN A 58 6.30 9.36 -1.21
C ASN A 58 5.01 8.56 -1.41
N ALA A 59 4.33 8.26 -0.31
CA ALA A 59 3.08 7.51 -0.37
C ALA A 59 2.02 8.27 -1.17
N ASP A 60 1.95 9.58 -0.97
CA ASP A 60 0.98 10.40 -1.67
C ASP A 60 1.17 10.30 -3.18
N THR A 61 2.40 10.51 -3.63
CA THR A 61 2.73 10.44 -5.06
C THR A 61 2.35 9.09 -5.63
N LEU A 62 2.55 8.04 -4.83
CA LEU A 62 2.22 6.67 -5.25
C LEU A 62 0.73 6.51 -5.34
N ALA A 63 0.06 6.93 -4.28
CA ALA A 63 -1.37 6.79 -4.19
C ALA A 63 -2.06 7.41 -5.40
N ALA A 64 -1.85 8.72 -5.58
CA ALA A 64 -2.44 9.46 -6.68
C ALA A 64 -2.11 8.77 -8.01
N ARG A 65 -0.92 8.23 -8.11
CA ARG A 65 -0.49 7.53 -9.32
C ARG A 65 -1.35 6.30 -9.54
N ALA A 66 -1.66 5.60 -8.46
CA ALA A 66 -2.50 4.41 -8.52
C ALA A 66 -3.89 4.80 -8.99
N LYS A 67 -4.39 5.92 -8.49
CA LYS A 67 -5.70 6.41 -8.89
C LYS A 67 -5.71 6.71 -10.38
N ASN A 68 -4.67 7.40 -10.83
CA ASN A 68 -4.53 7.73 -12.24
C ASN A 68 -4.23 6.47 -13.04
N ALA A 69 -3.63 5.49 -12.36
CA ALA A 69 -3.28 4.22 -12.99
C ALA A 69 -4.51 3.32 -13.15
N GLY A 70 -5.54 3.59 -12.36
CA GLY A 70 -6.75 2.79 -12.43
C GLY A 70 -6.94 1.96 -11.18
N PHE A 71 -6.33 2.41 -10.08
CA PHE A 71 -6.41 1.70 -8.81
C PHE A 71 -6.79 2.68 -7.70
N ASP A 72 -7.49 2.19 -6.70
CA ASP A 72 -7.90 3.05 -5.59
C ASP A 72 -6.87 2.99 -4.46
N ALA A 73 -5.72 3.62 -4.68
CA ALA A 73 -4.67 3.64 -3.68
C ALA A 73 -4.86 4.76 -2.67
N ILE A 74 -4.56 4.46 -1.41
CA ILE A 74 -4.68 5.44 -0.33
C ILE A 74 -3.43 5.42 0.53
N VAL A 75 -3.14 6.53 1.19
CA VAL A 75 -1.95 6.62 2.04
C VAL A 75 -2.35 6.63 3.51
N ILE A 76 -1.62 5.86 4.31
CA ILE A 76 -1.90 5.77 5.73
C ILE A 76 -0.61 5.79 6.56
N LEU A 77 -0.66 6.48 7.69
CA LEU A 77 0.48 6.59 8.59
C LEU A 77 0.32 5.63 9.77
N GLU A 78 1.03 4.51 9.72
CA GLU A 78 0.95 3.52 10.78
C GLU A 78 2.19 3.56 11.66
N SER A 79 1.99 3.44 12.98
CA SER A 79 3.10 3.46 13.93
C SER A 79 3.37 2.07 14.48
N LEU A 1 17.18 18.72 24.28
CA LEU A 1 16.61 18.55 25.64
C LEU A 1 15.82 17.26 25.75
N LYS A 2 14.68 17.20 25.06
CA LYS A 2 13.83 16.01 25.08
C LYS A 2 13.76 15.37 23.69
N LYS A 3 14.11 14.09 23.61
CA LYS A 3 14.07 13.37 22.34
C LYS A 3 12.67 12.88 22.04
N THR A 4 11.85 13.74 21.43
CA THR A 4 10.48 13.40 21.09
C THR A 4 10.45 12.51 19.84
N SER A 5 9.36 11.76 19.69
CA SER A 5 9.20 10.87 18.55
C SER A 5 7.74 10.52 18.34
N SER A 6 7.10 11.20 17.39
CA SER A 6 5.70 10.96 17.09
C SER A 6 5.49 10.77 15.58
N SER A 7 5.81 9.57 15.10
CA SER A 7 5.66 9.25 13.68
C SER A 7 5.48 7.76 13.47
N GLY A 8 5.16 7.37 12.24
CA GLY A 8 4.97 5.97 11.92
C GLY A 8 5.57 5.60 10.58
N LEU A 9 4.72 5.15 9.65
CA LEU A 9 5.18 4.76 8.33
C LEU A 9 4.15 5.17 7.29
N TYR A 10 4.62 5.68 6.17
CA TYR A 10 3.72 6.09 5.11
C TYR A 10 3.70 5.05 4.00
N LYS A 11 2.61 4.30 3.94
CA LYS A 11 2.46 3.26 2.93
C LYS A 11 1.15 3.46 2.17
N VAL A 12 1.11 2.99 0.91
CA VAL A 12 -0.09 3.14 0.11
C VAL A 12 -0.80 1.79 -0.04
N GLN A 13 -2.12 1.78 0.10
CA GLN A 13 -2.90 0.55 0.00
C GLN A 13 -4.06 0.71 -0.98
N ILE A 14 -4.25 -0.29 -1.83
CA ILE A 14 -5.32 -0.22 -2.83
C ILE A 14 -6.49 -1.15 -2.52
N GLY A 15 -6.38 -1.99 -1.49
CA GLY A 15 -7.49 -2.87 -1.17
C GLY A 15 -7.14 -4.06 -0.28
N ALA A 16 -8.19 -4.76 0.14
CA ALA A 16 -8.06 -5.96 0.97
C ALA A 16 -9.23 -6.90 0.70
N PHE A 17 -8.96 -8.19 0.61
CA PHE A 17 -10.01 -9.17 0.34
C PHE A 17 -9.68 -10.51 0.99
N LYS A 18 -10.73 -11.26 1.35
CA LYS A 18 -10.57 -12.54 1.99
C LYS A 18 -9.81 -13.54 1.12
N VAL A 19 -9.64 -13.21 -0.17
CA VAL A 19 -8.95 -14.10 -1.08
C VAL A 19 -7.58 -13.55 -1.48
N LYS A 20 -6.55 -14.40 -1.36
CA LYS A 20 -5.20 -14.02 -1.70
C LYS A 20 -5.03 -13.91 -3.21
N ALA A 21 -5.67 -14.81 -3.95
CA ALA A 21 -5.59 -14.80 -5.40
C ALA A 21 -6.02 -13.43 -5.91
N ASN A 22 -6.98 -12.83 -5.21
CA ASN A 22 -7.47 -11.51 -5.56
C ASN A 22 -6.44 -10.47 -5.13
N ALA A 23 -5.73 -10.77 -4.04
CA ALA A 23 -4.71 -9.87 -3.53
C ALA A 23 -3.46 -9.91 -4.41
N ASP A 24 -3.34 -10.98 -5.19
CA ASP A 24 -2.18 -11.14 -6.09
C ASP A 24 -2.41 -10.40 -7.40
N SER A 25 -3.65 -10.44 -7.89
CA SER A 25 -4.00 -9.76 -9.12
C SER A 25 -3.94 -8.25 -8.92
N LEU A 26 -4.31 -7.82 -7.72
CA LEU A 26 -4.30 -6.41 -7.35
C LEU A 26 -2.86 -5.91 -7.27
N ALA A 27 -2.04 -6.63 -6.50
CA ALA A 27 -0.64 -6.26 -6.34
C ALA A 27 0.06 -6.26 -7.70
N SER A 28 -0.49 -7.04 -8.64
CA SER A 28 0.06 -7.13 -9.98
C SER A 28 -0.18 -5.84 -10.75
N ASN A 29 -1.37 -5.27 -10.59
CA ASN A 29 -1.73 -4.03 -11.26
C ASN A 29 -0.77 -2.92 -10.85
N ALA A 30 -0.54 -2.80 -9.55
CA ALA A 30 0.35 -1.78 -9.02
C ALA A 30 1.74 -1.94 -9.59
N GLU A 31 2.20 -3.18 -9.69
CA GLU A 31 3.52 -3.48 -10.24
C GLU A 31 3.66 -2.89 -11.63
N ALA A 32 2.56 -2.93 -12.39
CA ALA A 32 2.53 -2.38 -13.74
C ALA A 32 3.01 -0.93 -13.74
N LYS A 33 2.43 -0.12 -12.85
CA LYS A 33 2.83 1.27 -12.74
C LYS A 33 4.29 1.34 -12.31
N GLY A 34 4.70 0.32 -11.57
CA GLY A 34 6.06 0.25 -11.09
C GLY A 34 6.18 0.47 -9.61
N PHE A 35 5.16 0.03 -8.87
CA PHE A 35 5.16 0.19 -7.43
C PHE A 35 5.53 -1.12 -6.74
N ASP A 36 5.99 -1.02 -5.51
CA ASP A 36 6.37 -2.21 -4.75
C ASP A 36 5.14 -2.79 -4.08
N SER A 37 4.48 -3.73 -4.74
CA SER A 37 3.27 -4.33 -4.20
C SER A 37 3.61 -5.41 -3.18
N ILE A 38 2.65 -5.67 -2.30
CA ILE A 38 2.85 -6.66 -1.25
C ILE A 38 1.49 -7.15 -0.73
N VAL A 39 1.40 -8.44 -0.43
CA VAL A 39 0.18 -9.03 0.08
C VAL A 39 0.35 -9.51 1.51
N LEU A 40 -0.33 -8.85 2.44
CA LEU A 40 -0.26 -9.23 3.85
C LEU A 40 -1.55 -9.89 4.30
N LEU A 41 -1.44 -11.08 4.84
CA LEU A 41 -2.62 -11.81 5.31
C LEU A 41 -2.95 -11.44 6.75
N LYS A 42 -4.08 -10.77 6.93
CA LYS A 42 -4.54 -10.37 8.25
C LYS A 42 -5.44 -11.46 8.81
N ASP A 43 -5.72 -11.40 10.10
CA ASP A 43 -6.56 -12.39 10.76
C ASP A 43 -7.95 -12.51 10.12
N GLY A 44 -8.02 -13.01 8.89
CA GLY A 44 -9.30 -13.18 8.24
C GLY A 44 -9.33 -12.72 6.78
N LEU A 45 -8.45 -11.79 6.41
CA LEU A 45 -8.43 -11.28 5.03
C LEU A 45 -7.01 -11.01 4.53
N TYR A 46 -6.92 -10.73 3.23
CA TYR A 46 -5.64 -10.42 2.59
C TYR A 46 -5.67 -8.98 2.09
N LYS A 47 -4.57 -8.25 2.25
CA LYS A 47 -4.52 -6.86 1.80
C LYS A 47 -3.40 -6.64 0.80
N VAL A 48 -3.53 -5.58 0.03
CA VAL A 48 -2.54 -5.24 -0.97
C VAL A 48 -1.99 -3.84 -0.77
N GLN A 49 -0.71 -3.76 -0.43
CA GLN A 49 -0.04 -2.49 -0.19
C GLN A 49 1.00 -2.20 -1.27
N ILE A 50 1.04 -0.96 -1.73
CA ILE A 50 1.98 -0.55 -2.75
C ILE A 50 2.64 0.78 -2.40
N GLY A 51 3.97 0.74 -2.37
CA GLY A 51 4.75 1.92 -2.06
C GLY A 51 4.80 2.23 -0.58
N ALA A 52 5.91 1.90 0.07
CA ALA A 52 6.09 2.14 1.49
C ALA A 52 7.38 2.93 1.72
N PHE A 53 7.26 4.11 2.32
CA PHE A 53 8.42 4.95 2.58
C PHE A 53 8.33 5.63 3.94
N SER A 54 9.41 6.33 4.31
CA SER A 54 9.47 7.04 5.58
C SER A 54 8.84 8.43 5.46
N SER A 55 8.64 8.89 4.22
CA SER A 55 8.04 10.20 3.98
C SER A 55 6.67 10.07 3.33
N LYS A 56 5.67 10.72 3.92
CA LYS A 56 4.31 10.68 3.41
C LYS A 56 4.25 11.14 1.95
N ASP A 57 5.08 12.10 1.60
CA ASP A 57 5.12 12.64 0.25
C ASP A 57 5.27 11.50 -0.77
N ASN A 58 5.95 10.44 -0.38
CA ASN A 58 6.15 9.30 -1.25
C ASN A 58 4.86 8.52 -1.44
N ALA A 59 4.21 8.21 -0.32
CA ALA A 59 2.95 7.47 -0.35
C ALA A 59 1.89 8.22 -1.13
N ASP A 60 1.82 9.53 -0.92
CA ASP A 60 0.84 10.36 -1.62
C ASP A 60 1.04 10.28 -3.13
N THR A 61 2.27 10.49 -3.57
CA THR A 61 2.61 10.45 -5.00
C THR A 61 2.26 9.08 -5.59
N LEU A 62 2.48 8.04 -4.80
CA LEU A 62 2.20 6.68 -5.23
C LEU A 62 0.71 6.48 -5.35
N ALA A 63 0.02 6.84 -4.28
CA ALA A 63 -1.41 6.69 -4.21
C ALA A 63 -2.09 7.35 -5.40
N ALA A 64 -1.90 8.65 -5.54
CA ALA A 64 -2.48 9.41 -6.64
C ALA A 64 -2.17 8.75 -7.96
N ARG A 65 -0.97 8.19 -8.07
CA ARG A 65 -0.54 7.50 -9.27
C ARG A 65 -1.38 6.25 -9.48
N ALA A 66 -1.68 5.56 -8.38
CA ALA A 66 -2.50 4.36 -8.43
C ALA A 66 -3.90 4.72 -8.88
N LYS A 67 -4.42 5.82 -8.36
CA LYS A 67 -5.74 6.30 -8.74
C LYS A 67 -5.77 6.61 -10.23
N ASN A 68 -4.75 7.33 -10.68
CA ASN A 68 -4.64 7.68 -12.09
C ASN A 68 -4.31 6.43 -12.90
N ALA A 69 -3.69 5.45 -12.23
CA ALA A 69 -3.32 4.20 -12.87
C ALA A 69 -4.53 3.28 -13.06
N GLY A 70 -5.57 3.51 -12.26
CA GLY A 70 -6.76 2.71 -12.34
C GLY A 70 -6.94 1.85 -11.09
N PHE A 71 -6.32 2.30 -10.00
CA PHE A 71 -6.39 1.60 -8.74
C PHE A 71 -6.78 2.56 -7.62
N ASP A 72 -7.50 2.07 -6.62
CA ASP A 72 -7.92 2.91 -5.51
C ASP A 72 -6.89 2.87 -4.39
N ALA A 73 -5.75 3.54 -4.61
CA ALA A 73 -4.69 3.56 -3.60
C ALA A 73 -4.91 4.68 -2.58
N ILE A 74 -4.62 4.36 -1.32
CA ILE A 74 -4.76 5.32 -0.23
C ILE A 74 -3.50 5.31 0.62
N VAL A 75 -3.18 6.43 1.24
CA VAL A 75 -2.00 6.52 2.10
C VAL A 75 -2.39 6.50 3.57
N ILE A 76 -1.65 5.72 4.35
CA ILE A 76 -1.91 5.60 5.78
C ILE A 76 -0.63 5.64 6.59
N LEU A 77 -0.68 6.35 7.71
CA LEU A 77 0.47 6.49 8.60
C LEU A 77 0.40 5.46 9.72
N GLU A 78 1.25 4.43 9.63
CA GLU A 78 1.29 3.38 10.64
C GLU A 78 2.32 3.67 11.71
N SER A 79 1.86 4.01 12.90
CA SER A 79 2.75 4.32 14.02
C SER A 79 3.49 3.08 14.49
N LEU A 1 -7.88 4.99 23.85
CA LEU A 1 -8.06 6.29 23.17
C LEU A 1 -6.81 6.66 22.36
N LYS A 2 -7.02 7.07 21.12
CA LYS A 2 -5.92 7.44 20.23
C LYS A 2 -6.24 8.73 19.47
N LYS A 3 -5.45 9.78 19.72
CA LYS A 3 -5.66 11.06 19.06
C LYS A 3 -4.48 11.39 18.14
N THR A 4 -3.27 11.10 18.62
CA THR A 4 -2.06 11.37 17.84
C THR A 4 -1.16 10.15 17.80
N SER A 5 -0.44 9.98 16.69
CA SER A 5 0.45 8.85 16.52
C SER A 5 1.43 9.10 15.38
N SER A 6 2.44 9.93 15.63
CA SER A 6 3.44 10.26 14.62
C SER A 6 4.60 9.27 14.67
N SER A 7 5.61 9.52 13.84
CA SER A 7 6.78 8.64 13.79
C SER A 7 6.39 7.24 13.35
N GLY A 8 5.47 7.15 12.39
CA GLY A 8 5.03 5.86 11.90
C GLY A 8 5.62 5.52 10.55
N LEU A 9 4.77 5.10 9.62
CA LEU A 9 5.22 4.74 8.28
C LEU A 9 4.17 5.15 7.27
N TYR A 10 4.62 5.69 6.14
CA TYR A 10 3.72 6.11 5.10
C TYR A 10 3.69 5.08 3.98
N LYS A 11 2.60 4.32 3.92
CA LYS A 11 2.44 3.30 2.90
C LYS A 11 1.14 3.51 2.13
N VAL A 12 1.11 3.05 0.88
CA VAL A 12 -0.09 3.20 0.07
C VAL A 12 -0.81 1.85 -0.07
N GLN A 13 -2.13 1.85 0.03
CA GLN A 13 -2.91 0.62 -0.07
C GLN A 13 -4.10 0.80 -0.99
N ILE A 14 -4.32 -0.17 -1.88
CA ILE A 14 -5.42 -0.10 -2.83
C ILE A 14 -6.56 -1.05 -2.48
N GLY A 15 -6.41 -1.88 -1.45
CA GLY A 15 -7.50 -2.78 -1.08
C GLY A 15 -7.07 -3.99 -0.27
N ALA A 16 -8.07 -4.75 0.17
CA ALA A 16 -7.87 -5.98 0.93
C ALA A 16 -9.02 -6.93 0.66
N PHE A 17 -8.74 -8.23 0.57
CA PHE A 17 -9.79 -9.21 0.31
C PHE A 17 -9.48 -10.54 0.98
N LYS A 18 -10.54 -11.26 1.35
CA LYS A 18 -10.38 -12.56 2.01
C LYS A 18 -9.67 -13.55 1.10
N VAL A 19 -9.55 -13.23 -0.19
CA VAL A 19 -8.89 -14.12 -1.14
C VAL A 19 -7.51 -13.60 -1.53
N LYS A 20 -6.50 -14.46 -1.37
CA LYS A 20 -5.13 -14.12 -1.71
C LYS A 20 -4.98 -13.97 -3.21
N ALA A 21 -5.62 -14.85 -3.98
CA ALA A 21 -5.56 -14.78 -5.43
C ALA A 21 -6.04 -13.42 -5.90
N ASN A 22 -6.97 -12.85 -5.15
CA ASN A 22 -7.50 -11.53 -5.48
C ASN A 22 -6.50 -10.47 -5.04
N ALA A 23 -5.80 -10.75 -3.93
CA ALA A 23 -4.79 -9.82 -3.42
C ALA A 23 -3.55 -9.84 -4.29
N ASP A 24 -3.38 -10.91 -5.07
CA ASP A 24 -2.22 -11.06 -5.96
C ASP A 24 -2.47 -10.34 -7.28
N SER A 25 -3.71 -10.40 -7.76
CA SER A 25 -4.07 -9.74 -9.00
C SER A 25 -3.97 -8.23 -8.82
N LEU A 26 -4.38 -7.76 -7.65
CA LEU A 26 -4.34 -6.36 -7.31
C LEU A 26 -2.89 -5.87 -7.24
N ALA A 27 -2.08 -6.60 -6.46
CA ALA A 27 -0.66 -6.26 -6.32
C ALA A 27 0.02 -6.27 -7.68
N SER A 28 -0.55 -7.01 -8.62
CA SER A 28 -0.01 -7.11 -9.97
C SER A 28 -0.24 -5.81 -10.74
N ASN A 29 -1.44 -5.26 -10.58
CA ASN A 29 -1.80 -4.02 -11.26
C ASN A 29 -0.83 -2.90 -10.87
N ALA A 30 -0.60 -2.77 -9.58
CA ALA A 30 0.30 -1.74 -9.08
C ALA A 30 1.71 -1.94 -9.63
N GLU A 31 2.13 -3.20 -9.67
CA GLU A 31 3.46 -3.52 -10.18
C GLU A 31 3.64 -2.95 -11.58
N ALA A 32 2.57 -2.99 -12.37
CA ALA A 32 2.59 -2.46 -13.73
C ALA A 32 3.07 -1.02 -13.74
N LYS A 33 2.46 -0.21 -12.88
CA LYS A 33 2.85 1.19 -12.77
C LYS A 33 4.29 1.27 -12.31
N GLY A 34 4.72 0.25 -11.57
CA GLY A 34 6.07 0.18 -11.08
C GLY A 34 6.16 0.41 -9.59
N PHE A 35 5.13 0.01 -8.87
CA PHE A 35 5.10 0.16 -7.43
C PHE A 35 5.45 -1.14 -6.73
N ASP A 36 5.94 -1.03 -5.51
CA ASP A 36 6.30 -2.21 -4.73
C ASP A 36 5.07 -2.76 -4.03
N SER A 37 4.40 -3.72 -4.66
CA SER A 37 3.18 -4.29 -4.10
C SER A 37 3.52 -5.34 -3.05
N ILE A 38 2.58 -5.59 -2.16
CA ILE A 38 2.77 -6.54 -1.08
C ILE A 38 1.43 -7.06 -0.56
N VAL A 39 1.36 -8.35 -0.27
CA VAL A 39 0.14 -8.96 0.23
C VAL A 39 0.32 -9.48 1.64
N LEU A 40 -0.40 -8.92 2.60
CA LEU A 40 -0.30 -9.35 3.99
C LEU A 40 -1.58 -10.04 4.42
N LEU A 41 -1.44 -11.27 4.91
CA LEU A 41 -2.59 -12.04 5.36
C LEU A 41 -2.88 -11.78 6.84
N LYS A 42 -4.03 -11.18 7.10
CA LYS A 42 -4.47 -10.90 8.46
C LYS A 42 -5.47 -11.96 8.89
N ASP A 43 -5.76 -12.01 10.18
CA ASP A 43 -6.69 -13.00 10.71
C ASP A 43 -8.05 -12.98 10.01
N GLY A 44 -8.07 -13.34 8.71
CA GLY A 44 -9.32 -13.39 7.98
C GLY A 44 -9.30 -12.75 6.60
N LEU A 45 -8.38 -11.82 6.35
CA LEU A 45 -8.32 -11.15 5.03
C LEU A 45 -6.89 -10.91 4.55
N TYR A 46 -6.77 -10.63 3.26
CA TYR A 46 -5.49 -10.33 2.62
C TYR A 46 -5.46 -8.87 2.19
N LYS A 47 -4.35 -8.18 2.48
CA LYS A 47 -4.23 -6.78 2.11
C LYS A 47 -3.27 -6.58 0.95
N VAL A 48 -3.55 -5.56 0.14
CA VAL A 48 -2.73 -5.23 -1.00
C VAL A 48 -2.18 -3.82 -0.87
N GLN A 49 -0.92 -3.72 -0.46
CA GLN A 49 -0.27 -2.43 -0.28
C GLN A 49 0.79 -2.19 -1.36
N ILE A 50 0.88 -0.94 -1.80
CA ILE A 50 1.86 -0.56 -2.81
C ILE A 50 2.55 0.75 -2.47
N GLY A 51 3.87 0.68 -2.39
CA GLY A 51 4.68 1.84 -2.08
C GLY A 51 4.73 2.14 -0.59
N ALA A 52 5.89 1.87 0.01
CA ALA A 52 6.09 2.12 1.44
C ALA A 52 7.38 2.91 1.68
N PHE A 53 7.24 4.10 2.24
CA PHE A 53 8.41 4.95 2.50
C PHE A 53 8.32 5.62 3.87
N SER A 54 9.40 6.28 4.25
CA SER A 54 9.46 6.98 5.53
C SER A 54 8.84 8.37 5.42
N SER A 55 8.65 8.85 4.19
CA SER A 55 8.06 10.18 3.98
C SER A 55 6.68 10.06 3.34
N LYS A 56 5.70 10.73 3.94
CA LYS A 56 4.33 10.71 3.44
C LYS A 56 4.27 11.15 1.98
N ASP A 57 5.12 12.11 1.62
CA ASP A 57 5.16 12.62 0.25
C ASP A 57 5.32 11.49 -0.76
N ASN A 58 5.99 10.42 -0.33
CA ASN A 58 6.21 9.26 -1.19
C ASN A 58 4.90 8.49 -1.41
N ALA A 59 4.21 8.19 -0.32
CA ALA A 59 2.95 7.46 -0.37
C ALA A 59 1.91 8.24 -1.18
N ASP A 60 1.87 9.56 -0.98
CA ASP A 60 0.91 10.40 -1.69
C ASP A 60 1.13 10.31 -3.20
N THR A 61 2.36 10.50 -3.64
CA THR A 61 2.70 10.43 -5.05
C THR A 61 2.34 9.06 -5.64
N LEU A 62 2.53 8.02 -4.84
CA LEU A 62 2.22 6.66 -5.26
C LEU A 62 0.73 6.48 -5.39
N ALA A 63 0.05 6.88 -4.32
CA ALA A 63 -1.38 6.74 -4.26
C ALA A 63 -2.06 7.41 -5.45
N ALA A 64 -1.83 8.72 -5.59
CA ALA A 64 -2.41 9.47 -6.70
C ALA A 64 -2.10 8.80 -8.02
N ARG A 65 -0.90 8.21 -8.11
CA ARG A 65 -0.48 7.52 -9.32
C ARG A 65 -1.35 6.28 -9.52
N ALA A 66 -1.68 5.60 -8.41
CA ALA A 66 -2.52 4.42 -8.47
C ALA A 66 -3.90 4.80 -8.96
N LYS A 67 -4.40 5.94 -8.46
CA LYS A 67 -5.70 6.42 -8.87
C LYS A 67 -5.71 6.70 -10.37
N ASN A 68 -4.66 7.39 -10.81
CA ASN A 68 -4.50 7.71 -12.23
C ASN A 68 -4.19 6.44 -13.02
N ALA A 69 -3.62 5.46 -12.33
CA ALA A 69 -3.26 4.18 -12.92
C ALA A 69 -4.49 3.30 -13.12
N GLY A 70 -5.53 3.56 -12.32
CA GLY A 70 -6.74 2.77 -12.40
C GLY A 70 -6.95 1.95 -11.15
N PHE A 71 -6.35 2.39 -10.06
CA PHE A 71 -6.45 1.70 -8.78
C PHE A 71 -6.83 2.69 -7.69
N ASP A 72 -7.56 2.22 -6.69
CA ASP A 72 -7.96 3.09 -5.59
C ASP A 72 -6.95 3.03 -4.45
N ALA A 73 -5.79 3.66 -4.65
CA ALA A 73 -4.74 3.66 -3.64
C ALA A 73 -4.96 4.76 -2.60
N ILE A 74 -4.65 4.43 -1.36
CA ILE A 74 -4.78 5.38 -0.25
C ILE A 74 -3.52 5.36 0.60
N VAL A 75 -3.22 6.47 1.25
CA VAL A 75 -2.03 6.55 2.09
C VAL A 75 -2.41 6.53 3.57
N ILE A 76 -1.67 5.74 4.34
CA ILE A 76 -1.93 5.62 5.77
C ILE A 76 -0.63 5.67 6.57
N LEU A 77 -0.68 6.40 7.69
CA LEU A 77 0.48 6.53 8.56
C LEU A 77 0.37 5.59 9.75
N GLU A 78 1.14 4.50 9.72
CA GLU A 78 1.11 3.52 10.80
C GLU A 78 2.21 3.81 11.82
N SER A 79 1.79 4.17 13.03
CA SER A 79 2.75 4.47 14.10
C SER A 79 2.78 3.34 15.12
N LEU A 1 6.08 -3.37 22.76
CA LEU A 1 7.27 -2.51 22.97
C LEU A 1 8.54 -3.21 22.51
N LYS A 2 8.41 -4.08 21.51
CA LYS A 2 9.55 -4.81 20.98
C LYS A 2 10.53 -3.87 20.29
N LYS A 3 10.01 -2.85 19.63
CA LYS A 3 10.83 -1.88 18.92
C LYS A 3 10.32 -0.46 19.14
N THR A 4 10.49 0.04 20.36
CA THR A 4 10.04 1.39 20.69
C THR A 4 8.53 1.52 20.49
N SER A 5 8.00 2.68 20.88
CA SER A 5 6.56 2.95 20.74
C SER A 5 6.30 3.97 19.63
N SER A 6 5.28 3.70 18.82
CA SER A 6 4.93 4.60 17.74
C SER A 6 6.08 4.74 16.74
N SER A 7 5.99 3.99 15.64
CA SER A 7 7.03 4.04 14.61
C SER A 7 6.67 5.06 13.52
N GLY A 8 5.51 4.87 12.91
CA GLY A 8 5.07 5.78 11.87
C GLY A 8 5.66 5.45 10.52
N LEU A 9 4.82 4.97 9.60
CA LEU A 9 5.27 4.63 8.26
C LEU A 9 4.22 5.03 7.25
N TYR A 10 4.65 5.59 6.13
CA TYR A 10 3.74 6.01 5.10
C TYR A 10 3.71 4.99 3.98
N LYS A 11 2.62 4.24 3.91
CA LYS A 11 2.45 3.21 2.88
C LYS A 11 1.16 3.43 2.13
N VAL A 12 1.10 2.98 0.87
CA VAL A 12 -0.10 3.14 0.08
C VAL A 12 -0.83 1.81 -0.05
N GLN A 13 -2.16 1.84 0.02
CA GLN A 13 -2.97 0.63 -0.07
C GLN A 13 -4.13 0.79 -1.04
N ILE A 14 -4.29 -0.18 -1.93
CA ILE A 14 -5.37 -0.11 -2.92
C ILE A 14 -6.52 -1.07 -2.61
N GLY A 15 -6.38 -1.91 -1.59
CA GLY A 15 -7.46 -2.82 -1.26
C GLY A 15 -7.06 -4.01 -0.41
N ALA A 16 -8.09 -4.76 0.02
CA ALA A 16 -7.90 -5.96 0.83
C ALA A 16 -9.05 -6.93 0.57
N PHE A 17 -8.77 -8.22 0.50
CA PHE A 17 -9.81 -9.21 0.24
C PHE A 17 -9.52 -10.51 0.96
N LYS A 18 -10.59 -11.23 1.31
CA LYS A 18 -10.45 -12.50 2.01
C LYS A 18 -9.70 -13.53 1.16
N VAL A 19 -9.53 -13.23 -0.12
CA VAL A 19 -8.83 -14.13 -1.02
C VAL A 19 -7.45 -13.62 -1.39
N LYS A 20 -6.44 -14.48 -1.22
CA LYS A 20 -5.07 -14.15 -1.53
C LYS A 20 -4.88 -14.02 -3.04
N ALA A 21 -5.50 -14.91 -3.80
CA ALA A 21 -5.40 -14.87 -5.25
C ALA A 21 -5.88 -13.52 -5.76
N ASN A 22 -6.83 -12.93 -5.04
CA ASN A 22 -7.35 -11.62 -5.38
C ASN A 22 -6.37 -10.55 -4.94
N ALA A 23 -5.71 -10.80 -3.81
CA ALA A 23 -4.72 -9.85 -3.30
C ALA A 23 -3.47 -9.85 -4.17
N ASP A 24 -3.25 -10.96 -4.90
CA ASP A 24 -2.10 -11.09 -5.78
C ASP A 24 -2.35 -10.39 -7.10
N SER A 25 -3.58 -10.48 -7.60
CA SER A 25 -3.95 -9.83 -8.84
C SER A 25 -3.83 -8.33 -8.69
N LEU A 26 -4.21 -7.85 -7.52
CA LEU A 26 -4.15 -6.43 -7.20
C LEU A 26 -2.69 -5.96 -7.14
N ALA A 27 -1.86 -6.73 -6.45
CA ALA A 27 -0.45 -6.41 -6.34
C ALA A 27 0.20 -6.33 -7.72
N SER A 28 -0.37 -7.07 -8.66
CA SER A 28 0.14 -7.09 -10.03
C SER A 28 -0.22 -5.81 -10.78
N ASN A 29 -1.44 -5.33 -10.58
CA ASN A 29 -1.89 -4.10 -11.23
C ASN A 29 -0.98 -2.93 -10.86
N ALA A 30 -0.72 -2.79 -9.58
CA ALA A 30 0.14 -1.71 -9.10
C ALA A 30 1.55 -1.88 -9.65
N GLU A 31 2.00 -3.12 -9.73
CA GLU A 31 3.33 -3.43 -10.24
C GLU A 31 3.52 -2.82 -11.63
N ALA A 32 2.44 -2.85 -12.42
CA ALA A 32 2.47 -2.29 -13.77
C ALA A 32 3.00 -0.87 -13.76
N LYS A 33 2.43 -0.03 -12.90
CA LYS A 33 2.87 1.35 -12.79
C LYS A 33 4.32 1.37 -12.31
N GLY A 34 4.69 0.32 -11.57
CA GLY A 34 6.03 0.20 -11.07
C GLY A 34 6.12 0.45 -9.58
N PHE A 35 5.09 0.04 -8.85
CA PHE A 35 5.05 0.21 -7.42
C PHE A 35 5.41 -1.09 -6.72
N ASP A 36 5.88 -0.97 -5.49
CA ASP A 36 6.25 -2.14 -4.69
C ASP A 36 5.02 -2.70 -4.02
N SER A 37 4.38 -3.69 -4.65
CA SER A 37 3.17 -4.28 -4.09
C SER A 37 3.51 -5.28 -3.01
N ILE A 38 2.55 -5.49 -2.11
CA ILE A 38 2.74 -6.41 -0.99
C ILE A 38 1.40 -6.93 -0.49
N VAL A 39 1.35 -8.21 -0.15
CA VAL A 39 0.12 -8.81 0.35
C VAL A 39 0.30 -9.34 1.77
N LEU A 40 -0.44 -8.78 2.72
CA LEU A 40 -0.35 -9.21 4.11
C LEU A 40 -1.63 -9.92 4.54
N LEU A 41 -1.49 -11.14 5.01
CA LEU A 41 -2.63 -11.92 5.45
C LEU A 41 -2.95 -11.66 6.92
N LYS A 42 -4.12 -11.07 7.15
CA LYS A 42 -4.59 -10.80 8.51
C LYS A 42 -5.58 -11.88 8.91
N ASP A 43 -5.90 -11.95 10.19
CA ASP A 43 -6.82 -12.96 10.69
C ASP A 43 -8.18 -12.93 9.98
N GLY A 44 -8.20 -13.27 8.69
CA GLY A 44 -9.46 -13.30 7.95
C GLY A 44 -9.42 -12.64 6.59
N LEU A 45 -8.49 -11.71 6.35
CA LEU A 45 -8.42 -11.02 5.07
C LEU A 45 -6.98 -10.78 4.59
N TYR A 46 -6.85 -10.51 3.30
CA TYR A 46 -5.56 -10.22 2.68
C TYR A 46 -5.52 -8.76 2.22
N LYS A 47 -4.42 -8.07 2.51
CA LYS A 47 -4.29 -6.68 2.12
C LYS A 47 -3.30 -6.51 1.00
N VAL A 48 -3.51 -5.49 0.18
CA VAL A 48 -2.64 -5.20 -0.93
C VAL A 48 -2.12 -3.77 -0.86
N GLN A 49 -0.87 -3.64 -0.41
CA GLN A 49 -0.24 -2.33 -0.27
C GLN A 49 0.81 -2.09 -1.35
N ILE A 50 0.89 -0.86 -1.84
CA ILE A 50 1.86 -0.50 -2.86
C ILE A 50 2.57 0.81 -2.53
N GLY A 51 3.88 0.73 -2.48
CA GLY A 51 4.71 1.88 -2.18
C GLY A 51 4.76 2.20 -0.69
N ALA A 52 5.88 1.90 -0.07
CA ALA A 52 6.07 2.16 1.36
C ALA A 52 7.36 2.94 1.58
N PHE A 53 7.24 4.11 2.21
CA PHE A 53 8.41 4.94 2.47
C PHE A 53 8.33 5.60 3.84
N SER A 54 9.43 6.24 4.23
CA SER A 54 9.51 6.93 5.52
C SER A 54 8.84 8.30 5.43
N SER A 55 8.66 8.80 4.22
CA SER A 55 8.03 10.10 4.01
C SER A 55 6.67 9.96 3.31
N LYS A 56 5.66 10.60 3.87
CA LYS A 56 4.31 10.55 3.31
C LYS A 56 4.30 11.03 1.87
N ASP A 57 5.09 12.05 1.57
CA ASP A 57 5.17 12.60 0.22
C ASP A 57 5.30 11.48 -0.82
N ASN A 58 5.95 10.40 -0.41
CA ASN A 58 6.13 9.25 -1.28
C ASN A 58 4.82 8.49 -1.46
N ALA A 59 4.18 8.19 -0.34
CA ALA A 59 2.90 7.48 -0.34
C ALA A 59 1.86 8.24 -1.14
N ASP A 60 1.77 9.55 -0.92
CA ASP A 60 0.80 10.38 -1.61
C ASP A 60 1.01 10.31 -3.13
N THR A 61 2.25 10.53 -3.56
CA THR A 61 2.59 10.50 -4.98
C THR A 61 2.26 9.14 -5.58
N LEU A 62 2.45 8.09 -4.78
CA LEU A 62 2.16 6.73 -5.23
C LEU A 62 0.68 6.53 -5.36
N ALA A 63 -0.02 6.87 -4.29
CA ALA A 63 -1.44 6.70 -4.23
C ALA A 63 -2.12 7.38 -5.42
N ALA A 64 -1.89 8.68 -5.56
CA ALA A 64 -2.46 9.45 -6.65
C ALA A 64 -2.13 8.80 -7.99
N ARG A 65 -0.92 8.26 -8.08
CA ARG A 65 -0.48 7.59 -9.30
C ARG A 65 -1.33 6.35 -9.53
N ALA A 66 -1.68 5.66 -8.45
CA ALA A 66 -2.50 4.47 -8.52
C ALA A 66 -3.89 4.86 -9.01
N LYS A 67 -4.40 5.98 -8.50
CA LYS A 67 -5.71 6.46 -8.91
C LYS A 67 -5.70 6.77 -10.40
N ASN A 68 -4.66 7.48 -10.83
CA ASN A 68 -4.51 7.83 -12.24
C ASN A 68 -4.19 6.56 -13.04
N ALA A 69 -3.60 5.59 -12.37
CA ALA A 69 -3.25 4.31 -12.98
C ALA A 69 -4.47 3.42 -13.18
N GLY A 70 -5.51 3.67 -12.39
CA GLY A 70 -6.72 2.88 -12.49
C GLY A 70 -6.93 2.02 -11.25
N PHE A 71 -6.33 2.46 -10.15
CA PHE A 71 -6.42 1.75 -8.88
C PHE A 71 -6.78 2.72 -7.76
N ASP A 72 -7.50 2.23 -6.76
CA ASP A 72 -7.91 3.08 -5.65
C ASP A 72 -6.89 3.01 -4.52
N ALA A 73 -5.74 3.67 -4.71
CA ALA A 73 -4.69 3.66 -3.69
C ALA A 73 -4.91 4.76 -2.64
N ILE A 74 -4.61 4.43 -1.40
CA ILE A 74 -4.75 5.37 -0.29
C ILE A 74 -3.50 5.34 0.57
N VAL A 75 -3.20 6.45 1.23
CA VAL A 75 -2.03 6.52 2.09
C VAL A 75 -2.42 6.46 3.57
N ILE A 76 -1.67 5.67 4.34
CA ILE A 76 -1.94 5.52 5.76
C ILE A 76 -0.64 5.48 6.56
N LEU A 77 -0.67 6.10 7.74
CA LEU A 77 0.47 6.13 8.63
C LEU A 77 0.43 4.94 9.59
N GLU A 78 1.35 4.00 9.41
CA GLU A 78 1.40 2.82 10.26
C GLU A 78 2.36 3.02 11.43
N SER A 79 1.99 2.48 12.59
CA SER A 79 2.81 2.60 13.79
C SER A 79 2.48 1.50 14.79
N LEU A 1 17.86 -2.56 6.00
CA LEU A 1 16.73 -3.52 5.83
C LEU A 1 16.60 -4.43 7.05
N LYS A 2 16.58 -3.83 8.24
CA LYS A 2 16.45 -4.58 9.48
C LYS A 2 16.27 -3.64 10.67
N LYS A 3 17.18 -2.68 10.80
CA LYS A 3 17.12 -1.73 11.90
C LYS A 3 16.26 -0.52 11.52
N THR A 4 15.45 -0.06 12.47
CA THR A 4 14.57 1.08 12.25
C THR A 4 15.31 2.39 12.48
N SER A 5 14.64 3.50 12.23
CA SER A 5 15.23 4.82 12.41
C SER A 5 14.22 5.81 12.99
N SER A 6 13.04 5.85 12.38
CA SER A 6 11.98 6.75 12.83
C SER A 6 10.68 5.98 13.06
N SER A 7 9.76 6.60 13.80
CA SER A 7 8.47 5.99 14.09
C SER A 7 7.48 6.22 12.95
N GLY A 8 6.41 5.44 12.94
CA GLY A 8 5.41 5.57 11.90
C GLY A 8 5.97 5.33 10.51
N LEU A 9 5.11 4.90 9.59
CA LEU A 9 5.53 4.63 8.22
C LEU A 9 4.42 5.03 7.26
N TYR A 10 4.81 5.61 6.14
CA TYR A 10 3.85 6.03 5.14
C TYR A 10 3.82 5.03 4.00
N LYS A 11 2.75 4.24 3.96
CA LYS A 11 2.59 3.24 2.92
C LYS A 11 1.26 3.44 2.18
N VAL A 12 1.18 2.97 0.94
CA VAL A 12 -0.04 3.13 0.17
C VAL A 12 -0.77 1.79 0.05
N GLN A 13 -2.10 1.81 0.09
CA GLN A 13 -2.90 0.60 0.01
C GLN A 13 -4.06 0.76 -0.97
N ILE A 14 -4.24 -0.22 -1.84
CA ILE A 14 -5.30 -0.16 -2.84
C ILE A 14 -6.48 -1.07 -2.52
N GLY A 15 -6.38 -1.89 -1.47
CA GLY A 15 -7.51 -2.76 -1.14
C GLY A 15 -7.16 -3.95 -0.26
N ALA A 16 -8.21 -4.66 0.15
CA ALA A 16 -8.08 -5.86 0.97
C ALA A 16 -9.24 -6.81 0.68
N PHE A 17 -8.96 -8.10 0.54
CA PHE A 17 -9.99 -9.08 0.27
C PHE A 17 -9.68 -10.41 0.95
N LYS A 18 -10.73 -11.14 1.32
CA LYS A 18 -10.57 -12.43 1.98
C LYS A 18 -9.81 -13.44 1.11
N VAL A 19 -9.67 -13.12 -0.17
CA VAL A 19 -8.97 -14.03 -1.09
C VAL A 19 -7.59 -13.51 -1.47
N LYS A 20 -6.59 -14.36 -1.30
CA LYS A 20 -5.21 -14.01 -1.63
C LYS A 20 -5.04 -13.89 -3.14
N ALA A 21 -5.63 -14.82 -3.89
CA ALA A 21 -5.54 -14.79 -5.34
C ALA A 21 -5.97 -13.42 -5.85
N ASN A 22 -6.92 -12.82 -5.14
CA ASN A 22 -7.40 -11.50 -5.49
C ASN A 22 -6.39 -10.45 -5.05
N ALA A 23 -5.69 -10.74 -3.95
CA ALA A 23 -4.67 -9.83 -3.44
C ALA A 23 -3.42 -9.87 -4.31
N ASP A 24 -3.25 -10.95 -5.07
CA ASP A 24 -2.10 -11.11 -5.95
C ASP A 24 -2.33 -10.39 -7.27
N SER A 25 -3.55 -10.47 -7.78
CA SER A 25 -3.90 -9.81 -9.03
C SER A 25 -3.83 -8.30 -8.85
N LEU A 26 -4.24 -7.84 -7.67
CA LEU A 26 -4.22 -6.44 -7.33
C LEU A 26 -2.78 -5.93 -7.25
N ALA A 27 -1.97 -6.63 -6.47
CA ALA A 27 -0.57 -6.27 -6.31
C ALA A 27 0.13 -6.26 -7.67
N SER A 28 -0.42 -7.04 -8.61
CA SER A 28 0.14 -7.12 -9.96
C SER A 28 -0.11 -5.83 -10.73
N ASN A 29 -1.31 -5.29 -10.57
CA ASN A 29 -1.68 -4.05 -11.26
C ASN A 29 -0.73 -2.92 -10.85
N ALA A 30 -0.51 -2.79 -9.55
CA ALA A 30 0.37 -1.75 -9.04
C ALA A 30 1.77 -1.92 -9.60
N GLU A 31 2.23 -3.16 -9.66
CA GLU A 31 3.57 -3.46 -10.18
C GLU A 31 3.72 -2.87 -11.59
N ALA A 32 2.65 -2.93 -12.35
CA ALA A 32 2.64 -2.40 -13.72
C ALA A 32 3.11 -0.95 -13.71
N LYS A 33 2.49 -0.13 -12.86
CA LYS A 33 2.87 1.27 -12.76
C LYS A 33 4.32 1.36 -12.29
N GLY A 34 4.74 0.34 -11.54
CA GLY A 34 6.09 0.28 -11.05
C GLY A 34 6.19 0.50 -9.56
N PHE A 35 5.15 0.07 -8.84
CA PHE A 35 5.13 0.21 -7.40
C PHE A 35 5.48 -1.11 -6.71
N ASP A 36 5.93 -1.01 -5.48
CA ASP A 36 6.29 -2.19 -4.71
C ASP A 36 5.06 -2.74 -4.00
N SER A 37 4.40 -3.72 -4.63
CA SER A 37 3.20 -4.30 -4.06
C SER A 37 3.54 -5.33 -2.99
N ILE A 38 2.58 -5.56 -2.09
CA ILE A 38 2.78 -6.49 -1.00
C ILE A 38 1.43 -7.02 -0.49
N VAL A 39 1.38 -8.32 -0.24
CA VAL A 39 0.14 -8.94 0.24
C VAL A 39 0.31 -9.46 1.67
N LEU A 40 -0.39 -8.84 2.61
CA LEU A 40 -0.32 -9.25 4.01
C LEU A 40 -1.61 -9.95 4.42
N LEU A 41 -1.48 -11.17 4.94
CA LEU A 41 -2.63 -11.94 5.38
C LEU A 41 -3.00 -11.58 6.81
N LYS A 42 -4.15 -10.92 6.95
CA LYS A 42 -4.67 -10.53 8.26
C LYS A 42 -5.60 -11.63 8.78
N ASP A 43 -5.94 -11.56 10.06
CA ASP A 43 -6.80 -12.56 10.68
C ASP A 43 -8.17 -12.68 9.99
N GLY A 44 -8.16 -13.16 8.73
CA GLY A 44 -9.42 -13.33 8.03
C GLY A 44 -9.48 -12.65 6.66
N LEU A 45 -8.52 -11.78 6.38
CA LEU A 45 -8.50 -11.06 5.10
C LEU A 45 -7.09 -10.84 4.57
N TYR A 46 -7.00 -10.62 3.27
CA TYR A 46 -5.73 -10.33 2.60
C TYR A 46 -5.72 -8.89 2.12
N LYS A 47 -4.62 -8.18 2.32
CA LYS A 47 -4.55 -6.78 1.89
C LYS A 47 -3.41 -6.57 0.91
N VAL A 48 -3.54 -5.51 0.11
CA VAL A 48 -2.55 -5.19 -0.89
C VAL A 48 -2.05 -3.75 -0.73
N GLN A 49 -0.77 -3.63 -0.38
CA GLN A 49 -0.15 -2.33 -0.19
C GLN A 49 0.89 -2.08 -1.28
N ILE A 50 0.96 -0.85 -1.76
CA ILE A 50 1.92 -0.48 -2.79
C ILE A 50 2.62 0.83 -2.48
N GLY A 51 3.94 0.76 -2.43
CA GLY A 51 4.75 1.94 -2.15
C GLY A 51 4.82 2.25 -0.67
N ALA A 52 5.99 1.99 -0.07
CA ALA A 52 6.20 2.26 1.35
C ALA A 52 7.47 3.06 1.57
N PHE A 53 7.33 4.27 2.12
CA PHE A 53 8.48 5.13 2.36
C PHE A 53 8.42 5.78 3.74
N SER A 54 9.49 6.49 4.09
CA SER A 54 9.56 7.17 5.38
C SER A 54 8.87 8.52 5.33
N SER A 55 8.62 9.03 4.13
CA SER A 55 7.96 10.32 3.95
C SER A 55 6.58 10.15 3.33
N LYS A 56 5.57 10.74 3.97
CA LYS A 56 4.19 10.66 3.49
C LYS A 56 4.10 11.15 2.05
N ASP A 57 4.89 12.15 1.70
CA ASP A 57 4.89 12.71 0.35
C ASP A 57 5.05 11.62 -0.69
N ASN A 58 5.79 10.58 -0.34
CA ASN A 58 6.03 9.46 -1.24
C ASN A 58 4.76 8.64 -1.44
N ALA A 59 4.12 8.28 -0.33
CA ALA A 59 2.89 7.51 -0.37
C ALA A 59 1.81 8.23 -1.16
N ASP A 60 1.72 9.55 -0.97
CA ASP A 60 0.73 10.35 -1.67
C ASP A 60 0.94 10.28 -3.18
N THR A 61 2.18 10.51 -3.61
CA THR A 61 2.50 10.47 -5.03
C THR A 61 2.19 9.09 -5.62
N LEU A 62 2.39 8.05 -4.82
CA LEU A 62 2.12 6.69 -5.24
C LEU A 62 0.64 6.47 -5.35
N ALA A 63 -0.04 6.83 -4.28
CA ALA A 63 -1.46 6.64 -4.20
C ALA A 63 -2.17 7.29 -5.39
N ALA A 64 -1.96 8.60 -5.54
CA ALA A 64 -2.56 9.35 -6.64
C ALA A 64 -2.22 8.69 -7.97
N ARG A 65 -1.00 8.17 -8.08
CA ARG A 65 -0.57 7.50 -9.30
C ARG A 65 -1.41 6.26 -9.52
N ALA A 66 -1.73 5.56 -8.43
CA ALA A 66 -2.54 4.36 -8.50
C ALA A 66 -3.93 4.72 -8.98
N LYS A 67 -4.45 5.84 -8.47
CA LYS A 67 -5.77 6.31 -8.86
C LYS A 67 -5.78 6.60 -10.36
N ASN A 68 -4.75 7.30 -10.81
CA ASN A 68 -4.60 7.63 -12.22
C ASN A 68 -4.29 6.38 -13.02
N ALA A 69 -3.68 5.40 -12.33
CA ALA A 69 -3.31 4.13 -12.94
C ALA A 69 -4.53 3.23 -13.13
N GLY A 70 -5.56 3.47 -12.32
CA GLY A 70 -6.76 2.66 -12.39
C GLY A 70 -6.94 1.83 -11.14
N PHE A 71 -6.34 2.29 -10.05
CA PHE A 71 -6.40 1.59 -8.77
C PHE A 71 -6.79 2.57 -7.67
N ASP A 72 -7.49 2.08 -6.66
CA ASP A 72 -7.90 2.94 -5.55
C ASP A 72 -6.87 2.90 -4.43
N ALA A 73 -5.73 3.56 -4.65
CA ALA A 73 -4.67 3.58 -3.65
C ALA A 73 -4.88 4.70 -2.64
N ILE A 74 -4.55 4.40 -1.39
CA ILE A 74 -4.65 5.37 -0.30
C ILE A 74 -3.40 5.34 0.55
N VAL A 75 -3.17 6.38 1.34
CA VAL A 75 -1.98 6.44 2.19
C VAL A 75 -2.37 6.35 3.66
N ILE A 76 -1.60 5.57 4.41
CA ILE A 76 -1.85 5.39 5.84
C ILE A 76 -0.55 5.35 6.63
N LEU A 77 -0.56 5.99 7.79
CA LEU A 77 0.60 6.04 8.67
C LEU A 77 0.57 4.88 9.67
N GLU A 78 1.43 3.89 9.46
CA GLU A 78 1.49 2.74 10.34
C GLU A 78 2.65 2.86 11.33
N SER A 79 2.36 2.62 12.60
CA SER A 79 3.37 2.70 13.65
C SER A 79 4.07 1.36 13.82
N LEU A 1 8.26 3.10 29.82
CA LEU A 1 7.02 2.59 29.19
C LEU A 1 6.88 3.11 27.76
N LYS A 2 8.01 3.30 27.10
CA LYS A 2 8.01 3.79 25.72
C LYS A 2 7.61 2.68 24.75
N LYS A 3 6.33 2.63 24.41
CA LYS A 3 5.81 1.63 23.49
C LYS A 3 6.38 1.83 22.09
N THR A 4 6.23 0.82 21.24
CA THR A 4 6.73 0.89 19.87
C THR A 4 8.25 0.96 19.85
N SER A 5 8.84 0.70 18.69
CA SER A 5 10.28 0.73 18.54
C SER A 5 10.71 1.94 17.70
N SER A 6 9.91 2.28 16.71
CA SER A 6 10.21 3.41 15.83
C SER A 6 8.95 4.23 15.56
N SER A 7 9.09 5.25 14.71
CA SER A 7 7.96 6.11 14.37
C SER A 7 7.01 5.42 13.40
N GLY A 8 6.09 6.18 12.82
CA GLY A 8 5.13 5.62 11.89
C GLY A 8 5.73 5.36 10.53
N LEU A 9 4.89 4.96 9.57
CA LEU A 9 5.33 4.70 8.22
C LEU A 9 4.27 5.12 7.23
N TYR A 10 4.70 5.70 6.12
CA TYR A 10 3.78 6.14 5.09
C TYR A 10 3.74 5.13 3.96
N LYS A 11 2.66 4.38 3.89
CA LYS A 11 2.48 3.38 2.84
C LYS A 11 1.17 3.59 2.10
N VAL A 12 1.10 3.10 0.87
CA VAL A 12 -0.12 3.24 0.08
C VAL A 12 -0.83 1.89 -0.04
N GLN A 13 -2.16 1.91 0.08
CA GLN A 13 -2.95 0.68 0.00
C GLN A 13 -4.12 0.83 -0.97
N ILE A 14 -4.31 -0.16 -1.84
CA ILE A 14 -5.38 -0.10 -2.82
C ILE A 14 -6.54 -1.05 -2.49
N GLY A 15 -6.41 -1.87 -1.45
CA GLY A 15 -7.50 -2.77 -1.11
C GLY A 15 -7.10 -3.98 -0.29
N ALA A 16 -8.10 -4.74 0.12
CA ALA A 16 -7.91 -5.98 0.88
C ALA A 16 -9.06 -6.93 0.60
N PHE A 17 -8.77 -8.23 0.52
CA PHE A 17 -9.81 -9.22 0.24
C PHE A 17 -9.52 -10.54 0.95
N LYS A 18 -10.57 -11.26 1.29
CA LYS A 18 -10.43 -12.56 1.96
C LYS A 18 -9.68 -13.56 1.08
N VAL A 19 -9.52 -13.24 -0.19
CA VAL A 19 -8.84 -14.13 -1.11
C VAL A 19 -7.45 -13.61 -1.50
N LYS A 20 -6.44 -14.46 -1.32
CA LYS A 20 -5.07 -14.11 -1.64
C LYS A 20 -4.90 -13.96 -3.15
N ALA A 21 -5.50 -14.87 -3.91
CA ALA A 21 -5.41 -14.81 -5.36
C ALA A 21 -5.91 -13.47 -5.86
N ASN A 22 -6.87 -12.91 -5.13
CA ASN A 22 -7.42 -11.61 -5.48
C ASN A 22 -6.45 -10.52 -5.02
N ALA A 23 -5.78 -10.75 -3.90
CA ALA A 23 -4.83 -9.79 -3.37
C ALA A 23 -3.55 -9.79 -4.21
N ASP A 24 -3.34 -10.86 -4.96
CA ASP A 24 -2.16 -10.99 -5.82
C ASP A 24 -2.39 -10.30 -7.16
N SER A 25 -3.61 -10.42 -7.67
CA SER A 25 -3.96 -9.78 -8.93
C SER A 25 -3.89 -8.27 -8.78
N LEU A 26 -4.31 -7.81 -7.61
CA LEU A 26 -4.29 -6.38 -7.29
C LEU A 26 -2.86 -5.88 -7.21
N ALA A 27 -2.04 -6.58 -6.42
CA ALA A 27 -0.64 -6.24 -6.27
C ALA A 27 0.06 -6.24 -7.63
N SER A 28 -0.50 -6.99 -8.56
CA SER A 28 0.06 -7.09 -9.91
C SER A 28 -0.20 -5.80 -10.68
N ASN A 29 -1.40 -5.26 -10.54
CA ASN A 29 -1.77 -4.02 -11.22
C ASN A 29 -0.83 -2.89 -10.83
N ALA A 30 -0.58 -2.76 -9.53
CA ALA A 30 0.30 -1.71 -9.03
C ALA A 30 1.71 -1.90 -9.57
N GLU A 31 2.15 -3.16 -9.63
CA GLU A 31 3.49 -3.47 -10.13
C GLU A 31 3.67 -2.90 -11.53
N ALA A 32 2.61 -2.95 -12.32
CA ALA A 32 2.63 -2.43 -13.67
C ALA A 32 3.10 -0.98 -13.69
N LYS A 33 2.49 -0.16 -12.85
CA LYS A 33 2.88 1.24 -12.74
C LYS A 33 4.32 1.32 -12.27
N GLY A 34 4.72 0.31 -11.51
CA GLY A 34 6.07 0.24 -11.01
C GLY A 34 6.15 0.48 -9.51
N PHE A 35 5.11 0.06 -8.80
CA PHE A 35 5.07 0.23 -7.36
C PHE A 35 5.43 -1.07 -6.66
N ASP A 36 5.90 -0.94 -5.43
CA ASP A 36 6.26 -2.11 -4.64
C ASP A 36 5.03 -2.67 -3.95
N SER A 37 4.37 -3.62 -4.59
CA SER A 37 3.16 -4.22 -4.03
C SER A 37 3.50 -5.25 -2.99
N ILE A 38 2.55 -5.50 -2.10
CA ILE A 38 2.74 -6.46 -1.01
C ILE A 38 1.39 -6.95 -0.49
N VAL A 39 1.34 -8.23 -0.14
CA VAL A 39 0.11 -8.83 0.39
C VAL A 39 0.32 -9.41 1.77
N LEU A 40 -0.45 -8.94 2.75
CA LEU A 40 -0.33 -9.44 4.11
C LEU A 40 -1.60 -10.17 4.53
N LEU A 41 -1.45 -11.41 4.97
CA LEU A 41 -2.58 -12.21 5.39
C LEU A 41 -2.94 -11.94 6.85
N LYS A 42 -4.12 -11.37 7.05
CA LYS A 42 -4.62 -11.09 8.40
C LYS A 42 -5.64 -12.16 8.78
N ASP A 43 -5.99 -12.20 10.05
CA ASP A 43 -6.94 -13.19 10.55
C ASP A 43 -8.28 -13.17 9.81
N GLY A 44 -8.26 -13.49 8.51
CA GLY A 44 -9.51 -13.52 7.75
C GLY A 44 -9.48 -12.70 6.46
N LEU A 45 -8.48 -11.85 6.28
CA LEU A 45 -8.41 -11.03 5.07
C LEU A 45 -6.98 -10.80 4.58
N TYR A 46 -6.86 -10.58 3.27
CA TYR A 46 -5.56 -10.31 2.64
C TYR A 46 -5.51 -8.85 2.22
N LYS A 47 -4.45 -8.15 2.59
CA LYS A 47 -4.30 -6.74 2.24
C LYS A 47 -3.32 -6.54 1.11
N VAL A 48 -3.58 -5.53 0.30
CA VAL A 48 -2.73 -5.20 -0.84
C VAL A 48 -2.20 -3.78 -0.72
N GLN A 49 -0.91 -3.67 -0.36
CA GLN A 49 -0.27 -2.36 -0.20
C GLN A 49 0.78 -2.12 -1.28
N ILE A 50 0.87 -0.88 -1.75
CA ILE A 50 1.83 -0.52 -2.77
C ILE A 50 2.53 0.81 -2.44
N GLY A 51 3.86 0.73 -2.38
CA GLY A 51 4.66 1.90 -2.09
C GLY A 51 4.75 2.19 -0.60
N ALA A 52 5.90 1.91 0.00
CA ALA A 52 6.12 2.15 1.42
C ALA A 52 7.40 2.93 1.63
N PHE A 53 7.27 4.14 2.19
CA PHE A 53 8.44 4.98 2.43
C PHE A 53 8.36 5.65 3.80
N SER A 54 9.47 6.27 4.19
CA SER A 54 9.54 6.96 5.48
C SER A 54 8.89 8.34 5.40
N SER A 55 8.69 8.83 4.18
CA SER A 55 8.07 10.14 3.98
C SER A 55 6.72 10.00 3.28
N LYS A 56 5.71 10.67 3.82
CA LYS A 56 4.36 10.63 3.25
C LYS A 56 4.36 11.10 1.80
N ASP A 57 5.17 12.11 1.51
CA ASP A 57 5.25 12.65 0.15
C ASP A 57 5.35 11.54 -0.88
N ASN A 58 6.01 10.45 -0.49
CA ASN A 58 6.18 9.30 -1.36
C ASN A 58 4.86 8.55 -1.53
N ALA A 59 4.20 8.27 -0.42
CA ALA A 59 2.92 7.57 -0.43
C ALA A 59 1.89 8.34 -1.25
N ASP A 60 1.83 9.65 -1.06
CA ASP A 60 0.88 10.49 -1.79
C ASP A 60 1.08 10.36 -3.30
N THR A 61 2.31 10.56 -3.75
CA THR A 61 2.63 10.47 -5.17
C THR A 61 2.29 9.09 -5.72
N LEU A 62 2.47 8.07 -4.90
CA LEU A 62 2.16 6.69 -5.29
C LEU A 62 0.67 6.51 -5.42
N ALA A 63 -0.01 6.89 -4.36
CA ALA A 63 -1.43 6.75 -4.29
C ALA A 63 -2.10 7.41 -5.49
N ALA A 64 -1.88 8.71 -5.64
CA ALA A 64 -2.45 9.47 -6.75
C ALA A 64 -2.13 8.77 -8.07
N ARG A 65 -0.93 8.21 -8.16
CA ARG A 65 -0.51 7.49 -9.35
C ARG A 65 -1.38 6.25 -9.54
N ALA A 66 -1.71 5.60 -8.44
CA ALA A 66 -2.55 4.43 -8.47
C ALA A 66 -3.94 4.80 -8.96
N LYS A 67 -4.45 5.93 -8.48
CA LYS A 67 -5.76 6.40 -8.89
C LYS A 67 -5.75 6.69 -10.38
N ASN A 68 -4.71 7.38 -10.83
CA ASN A 68 -4.55 7.70 -12.25
C ASN A 68 -4.24 6.43 -13.02
N ALA A 69 -3.66 5.45 -12.32
CA ALA A 69 -3.30 4.17 -12.92
C ALA A 69 -4.52 3.28 -13.09
N GLY A 70 -5.56 3.53 -12.31
CA GLY A 70 -6.77 2.73 -12.38
C GLY A 70 -6.97 1.91 -11.13
N PHE A 71 -6.37 2.38 -10.03
CA PHE A 71 -6.46 1.69 -8.75
C PHE A 71 -6.84 2.68 -7.66
N ASP A 72 -7.54 2.21 -6.65
CA ASP A 72 -7.95 3.08 -5.55
C ASP A 72 -6.92 3.02 -4.42
N ALA A 73 -5.77 3.66 -4.61
CA ALA A 73 -4.73 3.67 -3.60
C ALA A 73 -4.94 4.78 -2.57
N ILE A 74 -4.61 4.47 -1.33
CA ILE A 74 -4.74 5.43 -0.23
C ILE A 74 -3.49 5.41 0.62
N VAL A 75 -3.17 6.54 1.25
CA VAL A 75 -1.98 6.61 2.10
C VAL A 75 -2.37 6.57 3.58
N ILE A 76 -1.63 5.78 4.35
CA ILE A 76 -1.89 5.64 5.77
C ILE A 76 -0.59 5.62 6.58
N LEU A 77 -0.61 6.29 7.73
CA LEU A 77 0.55 6.35 8.60
C LEU A 77 0.47 5.25 9.65
N GLU A 78 1.30 4.22 9.49
CA GLU A 78 1.32 3.11 10.43
C GLU A 78 2.46 3.23 11.43
N SER A 79 2.12 3.35 12.71
CA SER A 79 3.11 3.49 13.76
C SER A 79 2.77 2.59 14.95
N LEU A 1 -1.46 4.41 21.26
CA LEU A 1 -0.23 4.31 20.44
C LEU A 1 0.91 5.12 21.05
N LYS A 2 1.47 4.62 22.13
CA LYS A 2 2.57 5.30 22.81
C LYS A 2 3.62 4.30 23.29
N LYS A 3 4.61 4.02 22.46
CA LYS A 3 5.67 3.08 22.79
C LYS A 3 6.86 3.23 21.84
N THR A 4 8.02 2.75 22.28
CA THR A 4 9.23 2.82 21.46
C THR A 4 9.46 4.24 20.93
N SER A 5 10.52 4.40 20.15
CA SER A 5 10.85 5.70 19.58
C SER A 5 10.45 5.78 18.10
N SER A 6 11.21 5.11 17.25
CA SER A 6 10.94 5.10 15.82
C SER A 6 9.59 4.44 15.53
N SER A 7 8.58 5.27 15.28
CA SER A 7 7.24 4.76 14.99
C SER A 7 6.54 5.65 13.97
N GLY A 8 5.96 5.02 12.95
CA GLY A 8 5.26 5.76 11.92
C GLY A 8 5.84 5.53 10.54
N LEU A 9 5.00 5.11 9.61
CA LEU A 9 5.44 4.85 8.25
C LEU A 9 4.35 5.25 7.26
N TYR A 10 4.75 5.82 6.14
CA TYR A 10 3.80 6.23 5.13
C TYR A 10 3.78 5.22 3.99
N LYS A 11 2.71 4.43 3.94
CA LYS A 11 2.56 3.43 2.90
C LYS A 11 1.24 3.61 2.16
N VAL A 12 1.19 3.15 0.92
CA VAL A 12 -0.03 3.29 0.12
C VAL A 12 -0.71 1.93 -0.05
N GLN A 13 -2.03 1.89 0.09
CA GLN A 13 -2.78 0.64 -0.03
C GLN A 13 -3.95 0.81 -0.99
N ILE A 14 -4.14 -0.18 -1.87
CA ILE A 14 -5.21 -0.12 -2.85
C ILE A 14 -6.37 -1.05 -2.54
N GLY A 15 -6.25 -1.88 -1.50
CA GLY A 15 -7.36 -2.77 -1.17
C GLY A 15 -6.96 -3.98 -0.33
N ALA A 16 -7.99 -4.72 0.08
CA ALA A 16 -7.82 -5.94 0.87
C ALA A 16 -9.00 -6.88 0.60
N PHE A 17 -8.73 -8.18 0.56
CA PHE A 17 -9.80 -9.15 0.29
C PHE A 17 -9.53 -10.48 0.97
N LYS A 18 -10.59 -11.16 1.37
CA LYS A 18 -10.46 -12.46 2.04
C LYS A 18 -9.78 -13.48 1.14
N VAL A 19 -9.66 -13.17 -0.15
CA VAL A 19 -9.02 -14.09 -1.09
C VAL A 19 -7.63 -13.62 -1.51
N LYS A 20 -6.64 -14.49 -1.30
CA LYS A 20 -5.26 -14.20 -1.65
C LYS A 20 -5.11 -14.03 -3.16
N ALA A 21 -5.72 -14.93 -3.92
CA ALA A 21 -5.65 -14.85 -5.37
C ALA A 21 -6.10 -13.47 -5.84
N ASN A 22 -7.02 -12.88 -5.09
CA ASN A 22 -7.52 -11.55 -5.40
C ASN A 22 -6.51 -10.51 -4.95
N ALA A 23 -5.84 -10.79 -3.83
CA ALA A 23 -4.84 -9.87 -3.31
C ALA A 23 -3.57 -9.89 -4.17
N ASP A 24 -3.39 -10.98 -4.93
CA ASP A 24 -2.25 -11.13 -5.80
C ASP A 24 -2.48 -10.41 -7.13
N SER A 25 -3.71 -10.47 -7.61
CA SER A 25 -4.07 -9.80 -8.86
C SER A 25 -3.92 -8.29 -8.69
N LEU A 26 -4.28 -7.82 -7.50
CA LEU A 26 -4.19 -6.40 -7.18
C LEU A 26 -2.72 -5.96 -7.11
N ALA A 27 -1.91 -6.71 -6.36
CA ALA A 27 -0.49 -6.40 -6.24
C ALA A 27 0.17 -6.36 -7.62
N SER A 28 -0.41 -7.10 -8.56
CA SER A 28 0.11 -7.16 -9.93
C SER A 28 -0.20 -5.87 -10.69
N ASN A 29 -1.42 -5.35 -10.50
CA ASN A 29 -1.83 -4.14 -11.18
C ASN A 29 -0.91 -2.98 -10.81
N ALA A 30 -0.67 -2.81 -9.51
CA ALA A 30 0.20 -1.75 -9.04
C ALA A 30 1.60 -1.93 -9.59
N GLU A 31 2.05 -3.19 -9.65
CA GLU A 31 3.37 -3.51 -10.16
C GLU A 31 3.55 -2.92 -11.56
N ALA A 32 2.48 -2.95 -12.34
CA ALA A 32 2.49 -2.41 -13.70
C ALA A 32 2.99 -0.98 -13.70
N LYS A 33 2.42 -0.15 -12.83
CA LYS A 33 2.83 1.23 -12.72
C LYS A 33 4.29 1.28 -12.28
N GLY A 34 4.68 0.25 -11.55
CA GLY A 34 6.05 0.15 -11.07
C GLY A 34 6.16 0.39 -9.57
N PHE A 35 5.14 -0.04 -8.84
CA PHE A 35 5.13 0.12 -7.40
C PHE A 35 5.48 -1.19 -6.72
N ASP A 36 5.90 -1.10 -5.46
CA ASP A 36 6.24 -2.28 -4.69
C ASP A 36 5.00 -2.83 -4.00
N SER A 37 4.33 -3.79 -4.65
CA SER A 37 3.12 -4.36 -4.09
C SER A 37 3.45 -5.41 -3.04
N ILE A 38 2.50 -5.67 -2.16
CA ILE A 38 2.69 -6.62 -1.08
C ILE A 38 1.36 -7.15 -0.57
N VAL A 39 1.31 -8.44 -0.27
CA VAL A 39 0.09 -9.07 0.22
C VAL A 39 0.31 -9.65 1.61
N LEU A 40 -0.46 -9.16 2.60
CA LEU A 40 -0.33 -9.65 3.96
C LEU A 40 -1.61 -10.34 4.40
N LEU A 41 -1.48 -11.57 4.86
CA LEU A 41 -2.62 -12.35 5.31
C LEU A 41 -2.95 -12.07 6.78
N LYS A 42 -4.11 -11.47 6.99
CA LYS A 42 -4.59 -11.17 8.33
C LYS A 42 -5.63 -12.20 8.74
N ASP A 43 -5.97 -12.23 10.02
CA ASP A 43 -6.94 -13.19 10.52
C ASP A 43 -8.29 -13.12 9.80
N GLY A 44 -8.30 -13.42 8.50
CA GLY A 44 -9.54 -13.40 7.75
C GLY A 44 -9.51 -12.60 6.46
N LEU A 45 -8.49 -11.77 6.28
CA LEU A 45 -8.40 -10.96 5.05
C LEU A 45 -6.97 -10.77 4.55
N TYR A 46 -6.84 -10.58 3.24
CA TYR A 46 -5.56 -10.34 2.60
C TYR A 46 -5.47 -8.88 2.16
N LYS A 47 -4.40 -8.21 2.54
CA LYS A 47 -4.22 -6.80 2.20
C LYS A 47 -3.25 -6.61 1.06
N VAL A 48 -3.51 -5.60 0.24
CA VAL A 48 -2.66 -5.29 -0.89
C VAL A 48 -2.13 -3.86 -0.78
N GLN A 49 -0.87 -3.74 -0.40
CA GLN A 49 -0.24 -2.44 -0.24
C GLN A 49 0.83 -2.19 -1.30
N ILE A 50 0.92 -0.94 -1.75
CA ILE A 50 1.89 -0.54 -2.76
C ILE A 50 2.58 0.77 -2.40
N GLY A 51 3.90 0.71 -2.33
CA GLY A 51 4.70 1.88 -2.01
C GLY A 51 4.76 2.17 -0.52
N ALA A 52 5.93 2.00 0.08
CA ALA A 52 6.12 2.26 1.49
C ALA A 52 7.40 3.06 1.72
N PHE A 53 7.26 4.31 2.16
CA PHE A 53 8.40 5.17 2.40
C PHE A 53 8.35 5.81 3.79
N SER A 54 9.42 6.51 4.14
CA SER A 54 9.51 7.18 5.43
C SER A 54 8.82 8.54 5.38
N SER A 55 8.60 9.06 4.17
CA SER A 55 7.96 10.36 4.00
C SER A 55 6.59 10.20 3.33
N LYS A 56 5.58 10.85 3.91
CA LYS A 56 4.23 10.79 3.37
C LYS A 56 4.18 11.28 1.93
N ASP A 57 4.94 12.33 1.63
CA ASP A 57 4.98 12.90 0.29
C ASP A 57 5.13 11.81 -0.76
N ASN A 58 5.83 10.74 -0.39
CA ASN A 58 6.05 9.61 -1.28
C ASN A 58 4.76 8.83 -1.47
N ALA A 59 4.11 8.50 -0.36
CA ALA A 59 2.85 7.76 -0.39
C ALA A 59 1.81 8.49 -1.23
N ASP A 60 1.76 9.81 -1.10
CA ASP A 60 0.80 10.61 -1.86
C ASP A 60 1.04 10.48 -3.36
N THR A 61 2.29 10.64 -3.77
CA THR A 61 2.65 10.53 -5.18
C THR A 61 2.34 9.14 -5.72
N LEU A 62 2.50 8.13 -4.87
CA LEU A 62 2.22 6.75 -5.25
C LEU A 62 0.73 6.55 -5.38
N ALA A 63 0.04 6.92 -4.34
CA ALA A 63 -1.39 6.76 -4.27
C ALA A 63 -2.06 7.42 -5.47
N ALA A 64 -1.84 8.72 -5.62
CA ALA A 64 -2.41 9.47 -6.73
C ALA A 64 -2.09 8.80 -8.05
N ARG A 65 -0.88 8.25 -8.15
CA ARG A 65 -0.46 7.55 -9.35
C ARG A 65 -1.32 6.31 -9.55
N ALA A 66 -1.62 5.63 -8.45
CA ALA A 66 -2.45 4.43 -8.50
C ALA A 66 -3.84 4.79 -8.96
N LYS A 67 -4.35 5.91 -8.45
CA LYS A 67 -5.68 6.38 -8.83
C LYS A 67 -5.70 6.68 -10.33
N ASN A 68 -4.68 7.41 -10.78
CA ASN A 68 -4.54 7.75 -12.18
C ASN A 68 -4.23 6.50 -12.99
N ALA A 69 -3.63 5.51 -12.32
CA ALA A 69 -3.27 4.25 -12.94
C ALA A 69 -4.49 3.35 -13.12
N GLY A 70 -5.52 3.60 -12.32
CA GLY A 70 -6.72 2.79 -12.39
C GLY A 70 -6.89 1.95 -11.15
N PHE A 71 -6.27 2.38 -10.06
CA PHE A 71 -6.32 1.68 -8.80
C PHE A 71 -6.71 2.64 -7.68
N ASP A 72 -7.40 2.13 -6.67
CA ASP A 72 -7.82 2.98 -5.55
C ASP A 72 -6.79 2.94 -4.44
N ALA A 73 -5.66 3.62 -4.65
CA ALA A 73 -4.60 3.66 -3.64
C ALA A 73 -4.84 4.76 -2.61
N ILE A 74 -4.55 4.45 -1.35
CA ILE A 74 -4.70 5.39 -0.26
C ILE A 74 -3.46 5.38 0.62
N VAL A 75 -3.17 6.50 1.27
CA VAL A 75 -1.99 6.59 2.14
C VAL A 75 -2.39 6.49 3.61
N ILE A 76 -1.61 5.75 4.37
CA ILE A 76 -1.88 5.58 5.79
C ILE A 76 -0.58 5.56 6.60
N LEU A 77 -0.62 6.23 7.75
CA LEU A 77 0.54 6.31 8.63
C LEU A 77 0.45 5.23 9.71
N GLU A 78 1.27 4.20 9.57
CA GLU A 78 1.28 3.09 10.54
C GLU A 78 2.69 2.80 11.02
N SER A 79 2.80 2.29 12.24
CA SER A 79 4.10 1.96 12.83
C SER A 79 4.42 0.48 12.63
N LEU A 1 20.66 1.60 17.22
CA LEU A 1 21.03 2.97 16.78
C LEU A 1 19.80 3.76 16.35
N LYS A 2 19.84 5.07 16.58
CA LYS A 2 18.73 5.94 16.22
C LYS A 2 19.04 6.73 14.95
N LYS A 3 18.84 6.08 13.80
CA LYS A 3 19.11 6.72 12.52
C LYS A 3 17.96 7.65 12.13
N THR A 4 16.75 7.30 12.55
CA THR A 4 15.56 8.09 12.24
C THR A 4 14.82 8.49 13.52
N SER A 5 13.93 9.46 13.40
CA SER A 5 13.16 9.92 14.54
C SER A 5 12.20 8.84 15.04
N SER A 6 11.76 7.98 14.13
CA SER A 6 10.85 6.89 14.47
C SER A 6 9.52 7.44 14.96
N SER A 7 8.43 6.99 14.35
CA SER A 7 7.09 7.43 14.73
C SER A 7 6.02 6.66 13.95
N GLY A 8 6.28 6.44 12.66
CA GLY A 8 5.33 5.72 11.84
C GLY A 8 5.88 5.42 10.46
N LEU A 9 5.01 5.00 9.54
CA LEU A 9 5.41 4.69 8.18
C LEU A 9 4.33 5.10 7.21
N TYR A 10 4.74 5.67 6.09
CA TYR A 10 3.79 6.10 5.08
C TYR A 10 3.75 5.08 3.95
N LYS A 11 2.67 4.32 3.90
CA LYS A 11 2.49 3.31 2.86
C LYS A 11 1.18 3.52 2.13
N VAL A 12 1.10 3.07 0.88
CA VAL A 12 -0.12 3.22 0.10
C VAL A 12 -0.83 1.88 -0.03
N GLN A 13 -2.16 1.90 0.05
CA GLN A 13 -2.95 0.67 -0.04
C GLN A 13 -4.13 0.84 -0.99
N ILE A 14 -4.35 -0.15 -1.85
CA ILE A 14 -5.43 -0.09 -2.81
C ILE A 14 -6.58 -1.04 -2.48
N GLY A 15 -6.43 -1.88 -1.46
CA GLY A 15 -7.52 -2.78 -1.11
C GLY A 15 -7.10 -3.99 -0.29
N ALA A 16 -8.11 -4.75 0.13
CA ALA A 16 -7.91 -5.97 0.90
C ALA A 16 -9.07 -6.94 0.63
N PHE A 17 -8.78 -8.23 0.53
CA PHE A 17 -9.82 -9.21 0.26
C PHE A 17 -9.52 -10.54 0.94
N LYS A 18 -10.58 -11.27 1.31
CA LYS A 18 -10.43 -12.56 1.96
C LYS A 18 -9.71 -13.55 1.08
N VAL A 19 -9.56 -13.23 -0.21
CA VAL A 19 -8.89 -14.12 -1.15
C VAL A 19 -7.51 -13.61 -1.54
N LYS A 20 -6.50 -14.46 -1.36
CA LYS A 20 -5.13 -14.13 -1.69
C LYS A 20 -4.97 -13.97 -3.19
N ALA A 21 -5.59 -14.86 -3.96
CA ALA A 21 -5.52 -14.78 -5.41
C ALA A 21 -5.98 -13.42 -5.88
N ASN A 22 -6.92 -12.83 -5.13
CA ASN A 22 -7.44 -11.52 -5.44
C ASN A 22 -6.45 -10.46 -4.99
N ALA A 23 -5.76 -10.75 -3.89
CA ALA A 23 -4.76 -9.81 -3.37
C ALA A 23 -3.49 -9.83 -4.23
N ASP A 24 -3.32 -10.90 -4.99
CA ASP A 24 -2.16 -11.04 -5.86
C ASP A 24 -2.40 -10.33 -7.19
N SER A 25 -3.63 -10.40 -7.69
CA SER A 25 -3.99 -9.75 -8.94
C SER A 25 -3.90 -8.25 -8.77
N LEU A 26 -4.32 -7.78 -7.59
CA LEU A 26 -4.29 -6.36 -7.27
C LEU A 26 -2.85 -5.87 -7.18
N ALA A 27 -2.03 -6.58 -6.40
CA ALA A 27 -0.62 -6.23 -6.26
C ALA A 27 0.08 -6.24 -7.61
N SER A 28 -0.49 -7.00 -8.55
CA SER A 28 0.06 -7.09 -9.90
C SER A 28 -0.19 -5.81 -10.67
N ASN A 29 -1.40 -5.25 -10.53
CA ASN A 29 -1.75 -4.02 -11.21
C ASN A 29 -0.80 -2.89 -10.81
N ALA A 30 -0.56 -2.76 -9.52
CA ALA A 30 0.32 -1.71 -9.02
C ALA A 30 1.73 -1.91 -9.56
N GLU A 31 2.16 -3.16 -9.62
CA GLU A 31 3.50 -3.48 -10.12
C GLU A 31 3.67 -2.91 -11.53
N ALA A 32 2.61 -2.95 -12.31
CA ALA A 32 2.62 -2.43 -13.67
C ALA A 32 3.09 -0.99 -13.67
N LYS A 33 2.49 -0.17 -12.82
CA LYS A 33 2.88 1.22 -12.71
C LYS A 33 4.33 1.30 -12.25
N GLY A 34 4.74 0.29 -11.50
CA GLY A 34 6.10 0.22 -11.01
C GLY A 34 6.18 0.45 -9.52
N PHE A 35 5.14 0.04 -8.80
CA PHE A 35 5.10 0.19 -7.36
C PHE A 35 5.46 -1.11 -6.67
N ASP A 36 5.92 -1.02 -5.43
CA ASP A 36 6.28 -2.19 -4.66
C ASP A 36 5.05 -2.74 -3.95
N SER A 37 4.38 -3.70 -4.60
CA SER A 37 3.17 -4.27 -4.03
C SER A 37 3.51 -5.32 -2.98
N ILE A 38 2.55 -5.57 -2.10
CA ILE A 38 2.75 -6.52 -1.02
C ILE A 38 1.39 -7.03 -0.51
N VAL A 39 1.34 -8.32 -0.21
CA VAL A 39 0.10 -8.92 0.29
C VAL A 39 0.28 -9.47 1.70
N LEU A 40 -0.45 -8.90 2.66
CA LEU A 40 -0.35 -9.34 4.04
C LEU A 40 -1.64 -10.06 4.47
N LEU A 41 -1.49 -11.29 4.93
CA LEU A 41 -2.63 -12.08 5.35
C LEU A 41 -2.94 -11.84 6.83
N LYS A 42 -4.11 -11.26 7.09
CA LYS A 42 -4.57 -11.01 8.44
C LYS A 42 -5.57 -12.08 8.83
N ASP A 43 -5.89 -12.17 10.11
CA ASP A 43 -6.82 -13.17 10.60
C ASP A 43 -8.18 -13.12 9.88
N GLY A 44 -8.20 -13.44 8.58
CA GLY A 44 -9.45 -13.45 7.85
C GLY A 44 -9.41 -12.76 6.49
N LEU A 45 -8.48 -11.82 6.28
CA LEU A 45 -8.41 -11.10 5.00
C LEU A 45 -6.98 -10.87 4.53
N TYR A 46 -6.85 -10.59 3.23
CA TYR A 46 -5.55 -10.29 2.62
C TYR A 46 -5.51 -8.83 2.18
N LYS A 47 -4.42 -8.14 2.50
CA LYS A 47 -4.28 -6.73 2.13
C LYS A 47 -3.31 -6.54 0.99
N VAL A 48 -3.56 -5.52 0.19
CA VAL A 48 -2.71 -5.20 -0.94
C VAL A 48 -2.17 -3.78 -0.81
N GLN A 49 -0.92 -3.67 -0.38
CA GLN A 49 -0.26 -2.38 -0.20
C GLN A 49 0.78 -2.13 -1.28
N ILE A 50 0.88 -0.89 -1.74
CA ILE A 50 1.84 -0.53 -2.76
C ILE A 50 2.55 0.78 -2.42
N GLY A 51 3.87 0.71 -2.38
CA GLY A 51 4.69 1.87 -2.08
C GLY A 51 4.75 2.19 -0.59
N ALA A 52 5.88 1.89 0.02
CA ALA A 52 6.08 2.15 1.45
C ALA A 52 7.38 2.92 1.67
N PHE A 53 7.26 4.16 2.12
CA PHE A 53 8.42 5.00 2.35
C PHE A 53 8.37 5.65 3.73
N SER A 54 9.47 6.30 4.10
CA SER A 54 9.57 6.98 5.39
C SER A 54 8.90 8.35 5.34
N SER A 55 8.68 8.85 4.13
CA SER A 55 8.04 10.15 3.94
C SER A 55 6.68 10.01 3.27
N LYS A 56 5.68 10.68 3.83
CA LYS A 56 4.33 10.64 3.28
C LYS A 56 4.30 11.11 1.83
N ASP A 57 5.10 12.13 1.53
CA ASP A 57 5.17 12.67 0.17
C ASP A 57 5.28 11.56 -0.86
N ASN A 58 5.93 10.47 -0.47
CA ASN A 58 6.10 9.32 -1.35
C ASN A 58 4.78 8.58 -1.51
N ALA A 59 4.14 8.28 -0.38
CA ALA A 59 2.86 7.58 -0.38
C ALA A 59 1.82 8.34 -1.19
N ASP A 60 1.75 9.65 -1.01
CA ASP A 60 0.79 10.47 -1.73
C ASP A 60 1.00 10.37 -3.24
N THR A 61 2.25 10.56 -3.67
CA THR A 61 2.59 10.49 -5.08
C THR A 61 2.25 9.11 -5.65
N LEU A 62 2.44 8.09 -4.84
CA LEU A 62 2.15 6.71 -5.24
C LEU A 62 0.67 6.51 -5.37
N ALA A 63 -0.03 6.88 -4.32
CA ALA A 63 -1.45 6.73 -4.26
C ALA A 63 -2.13 7.39 -5.46
N ALA A 64 -1.90 8.70 -5.60
CA ALA A 64 -2.46 9.47 -6.71
C ALA A 64 -2.15 8.79 -8.03
N ARG A 65 -0.94 8.22 -8.12
CA ARG A 65 -0.52 7.52 -9.32
C ARG A 65 -1.37 6.28 -9.53
N ALA A 66 -1.69 5.60 -8.43
CA ALA A 66 -2.52 4.42 -8.48
C ALA A 66 -3.90 4.79 -8.97
N LYS A 67 -4.41 5.92 -8.49
CA LYS A 67 -5.72 6.40 -8.91
C LYS A 67 -5.70 6.67 -10.41
N ASN A 68 -4.66 7.35 -10.87
CA ASN A 68 -4.50 7.65 -12.28
C ASN A 68 -4.19 6.37 -13.05
N ALA A 69 -3.62 5.40 -12.35
CA ALA A 69 -3.26 4.12 -12.94
C ALA A 69 -4.49 3.23 -13.11
N GLY A 70 -5.53 3.51 -12.32
CA GLY A 70 -6.74 2.72 -12.39
C GLY A 70 -6.93 1.91 -11.13
N PHE A 71 -6.34 2.37 -10.03
CA PHE A 71 -6.42 1.70 -8.75
C PHE A 71 -6.80 2.70 -7.66
N ASP A 72 -7.53 2.25 -6.66
CA ASP A 72 -7.93 3.13 -5.57
C ASP A 72 -6.91 3.06 -4.42
N ALA A 73 -5.75 3.69 -4.63
CA ALA A 73 -4.71 3.70 -3.60
C ALA A 73 -4.92 4.81 -2.58
N ILE A 74 -4.61 4.50 -1.33
CA ILE A 74 -4.73 5.46 -0.24
C ILE A 74 -3.48 5.41 0.62
N VAL A 75 -3.17 6.53 1.28
CA VAL A 75 -1.98 6.58 2.14
C VAL A 75 -2.36 6.48 3.61
N ILE A 76 -1.61 5.68 4.35
CA ILE A 76 -1.87 5.49 5.77
C ILE A 76 -0.56 5.52 6.57
N LEU A 77 -0.60 6.25 7.68
CA LEU A 77 0.57 6.37 8.55
C LEU A 77 0.48 5.36 9.69
N GLU A 78 1.29 4.31 9.61
CA GLU A 78 1.30 3.27 10.63
C GLU A 78 2.46 3.47 11.60
N SER A 79 2.15 3.54 12.89
CA SER A 79 3.15 3.73 13.92
C SER A 79 4.17 2.59 13.90
N LEU A 1 12.13 12.68 22.97
CA LEU A 1 11.78 13.77 23.94
C LEU A 1 10.79 14.75 23.34
N LYS A 2 11.22 15.45 22.29
CA LYS A 2 10.37 16.43 21.62
C LYS A 2 10.64 16.44 20.12
N LYS A 3 11.01 15.28 19.58
CA LYS A 3 11.29 15.15 18.15
C LYS A 3 10.71 13.85 17.59
N THR A 4 10.95 12.75 18.30
CA THR A 4 10.45 11.45 17.87
C THR A 4 9.13 11.13 18.55
N SER A 5 8.24 12.11 18.58
CA SER A 5 6.92 11.94 19.21
C SER A 5 6.08 10.93 18.43
N SER A 6 6.09 11.06 17.10
CA SER A 6 5.33 10.17 16.24
C SER A 6 6.07 9.92 14.94
N SER A 7 6.71 8.75 14.83
CA SER A 7 7.45 8.38 13.63
C SER A 7 7.00 7.03 13.09
N GLY A 8 5.87 7.03 12.40
CA GLY A 8 5.35 5.79 11.84
C GLY A 8 5.91 5.50 10.47
N LEU A 9 5.05 5.06 9.56
CA LEU A 9 5.46 4.75 8.19
C LEU A 9 4.38 5.13 7.21
N TYR A 10 4.77 5.70 6.09
CA TYR A 10 3.82 6.10 5.08
C TYR A 10 3.78 5.08 3.96
N LYS A 11 2.71 4.31 3.91
CA LYS A 11 2.54 3.29 2.88
C LYS A 11 1.22 3.49 2.14
N VAL A 12 1.16 3.03 0.90
CA VAL A 12 -0.08 3.17 0.12
C VAL A 12 -0.78 1.83 -0.01
N GLN A 13 -2.11 1.84 0.10
CA GLN A 13 -2.89 0.60 0.01
C GLN A 13 -4.07 0.77 -0.95
N ILE A 14 -4.25 -0.21 -1.84
CA ILE A 14 -5.32 -0.14 -2.82
C ILE A 14 -6.49 -1.09 -2.50
N GLY A 15 -6.35 -1.92 -1.46
CA GLY A 15 -7.46 -2.80 -1.12
C GLY A 15 -7.05 -4.03 -0.33
N ALA A 16 -8.06 -4.80 0.07
CA ALA A 16 -7.88 -6.04 0.82
C ALA A 16 -9.04 -6.99 0.52
N PHE A 17 -8.77 -8.29 0.48
CA PHE A 17 -9.83 -9.26 0.19
C PHE A 17 -9.58 -10.59 0.89
N LYS A 18 -10.65 -11.32 1.17
CA LYS A 18 -10.55 -12.61 1.82
C LYS A 18 -9.75 -13.61 0.98
N VAL A 19 -9.57 -13.29 -0.30
CA VAL A 19 -8.85 -14.17 -1.20
C VAL A 19 -7.48 -13.62 -1.55
N LYS A 20 -6.46 -14.46 -1.40
CA LYS A 20 -5.08 -14.10 -1.71
C LYS A 20 -4.90 -13.96 -3.21
N ALA A 21 -5.51 -14.86 -3.97
CA ALA A 21 -5.41 -14.82 -5.42
C ALA A 21 -5.90 -13.48 -5.93
N ASN A 22 -6.88 -12.91 -5.22
CA ASN A 22 -7.42 -11.62 -5.58
C ASN A 22 -6.46 -10.54 -5.14
N ALA A 23 -5.79 -10.77 -4.02
CA ALA A 23 -4.81 -9.82 -3.49
C ALA A 23 -3.54 -9.83 -4.33
N ASP A 24 -3.35 -10.90 -5.10
CA ASP A 24 -2.18 -11.05 -5.96
C ASP A 24 -2.40 -10.34 -7.28
N SER A 25 -3.62 -10.42 -7.79
CA SER A 25 -3.96 -9.77 -9.05
C SER A 25 -3.88 -8.26 -8.87
N LEU A 26 -4.30 -7.80 -7.70
CA LEU A 26 -4.27 -6.39 -7.36
C LEU A 26 -2.83 -5.90 -7.27
N ALA A 27 -2.01 -6.62 -6.50
CA ALA A 27 -0.61 -6.28 -6.34
C ALA A 27 0.09 -6.27 -7.71
N SER A 28 -0.48 -7.02 -8.65
CA SER A 28 0.08 -7.10 -10.00
C SER A 28 -0.17 -5.80 -10.76
N ASN A 29 -1.37 -5.23 -10.59
CA ASN A 29 -1.72 -4.00 -11.27
C ASN A 29 -0.77 -2.88 -10.86
N ALA A 30 -0.54 -2.75 -9.55
CA ALA A 30 0.35 -1.73 -9.03
C ALA A 30 1.75 -1.90 -9.58
N GLU A 31 2.19 -3.17 -9.64
CA GLU A 31 3.52 -3.48 -10.15
C GLU A 31 3.70 -2.89 -11.55
N ALA A 32 2.63 -2.94 -12.34
CA ALA A 32 2.64 -2.41 -13.70
C ALA A 32 3.10 -0.95 -13.69
N LYS A 33 2.47 -0.15 -12.83
CA LYS A 33 2.84 1.25 -12.72
C LYS A 33 4.29 1.34 -12.25
N GLY A 34 4.72 0.32 -11.52
CA GLY A 34 6.08 0.27 -11.03
C GLY A 34 6.17 0.48 -9.54
N PHE A 35 5.14 0.03 -8.83
CA PHE A 35 5.11 0.16 -7.37
C PHE A 35 5.45 -1.16 -6.71
N ASP A 36 5.88 -1.08 -5.46
CA ASP A 36 6.23 -2.27 -4.71
C ASP A 36 4.99 -2.83 -4.01
N SER A 37 4.32 -3.77 -4.66
CA SER A 37 3.10 -4.35 -4.11
C SER A 37 3.44 -5.41 -3.06
N ILE A 38 2.49 -5.68 -2.18
CA ILE A 38 2.68 -6.64 -1.12
C ILE A 38 1.34 -7.15 -0.59
N VAL A 39 1.27 -8.44 -0.30
CA VAL A 39 0.06 -9.06 0.21
C VAL A 39 0.26 -9.60 1.62
N LEU A 40 -0.47 -9.06 2.58
CA LEU A 40 -0.36 -9.52 3.97
C LEU A 40 -1.66 -10.15 4.44
N LEU A 41 -1.56 -11.38 4.95
CA LEU A 41 -2.72 -12.10 5.44
C LEU A 41 -3.01 -11.78 6.89
N LYS A 42 -4.14 -11.12 7.13
CA LYS A 42 -4.57 -10.79 8.48
C LYS A 42 -5.61 -11.79 8.94
N ASP A 43 -5.91 -11.80 10.22
CA ASP A 43 -6.88 -12.73 10.78
C ASP A 43 -8.23 -12.69 10.06
N GLY A 44 -8.27 -13.08 8.79
CA GLY A 44 -9.53 -13.10 8.06
C GLY A 44 -9.48 -12.50 6.66
N LEU A 45 -8.52 -11.63 6.37
CA LEU A 45 -8.45 -11.00 5.04
C LEU A 45 -7.01 -10.81 4.56
N TYR A 46 -6.88 -10.57 3.26
CA TYR A 46 -5.59 -10.31 2.63
C TYR A 46 -5.52 -8.86 2.19
N LYS A 47 -4.43 -8.17 2.51
CA LYS A 47 -4.28 -6.77 2.16
C LYS A 47 -3.28 -6.57 1.02
N VAL A 48 -3.54 -5.57 0.20
CA VAL A 48 -2.66 -5.25 -0.91
C VAL A 48 -2.12 -3.83 -0.78
N GLN A 49 -0.85 -3.73 -0.39
CA GLN A 49 -0.20 -2.44 -0.20
C GLN A 49 0.85 -2.18 -1.28
N ILE A 50 0.92 -0.94 -1.74
CA ILE A 50 1.89 -0.55 -2.77
C ILE A 50 2.58 0.76 -2.42
N GLY A 51 3.91 0.69 -2.38
CA GLY A 51 4.71 1.85 -2.07
C GLY A 51 4.79 2.15 -0.59
N ALA A 52 5.96 1.92 0.00
CA ALA A 52 6.18 2.16 1.42
C ALA A 52 7.45 2.96 1.63
N PHE A 53 7.30 4.20 2.09
CA PHE A 53 8.46 5.08 2.33
C PHE A 53 8.41 5.70 3.71
N SER A 54 9.51 6.35 4.08
CA SER A 54 9.62 7.01 5.38
C SER A 54 8.91 8.36 5.36
N SER A 55 8.66 8.89 4.17
CA SER A 55 7.99 10.18 4.04
C SER A 55 6.63 10.03 3.34
N LYS A 56 5.64 10.73 3.86
CA LYS A 56 4.29 10.68 3.31
C LYS A 56 4.25 11.16 1.86
N ASP A 57 5.03 12.20 1.56
CA ASP A 57 5.07 12.76 0.21
C ASP A 57 5.19 11.65 -0.83
N ASN A 58 5.87 10.57 -0.46
CA ASN A 58 6.05 9.44 -1.36
C ASN A 58 4.75 8.67 -1.50
N ALA A 59 4.12 8.36 -0.38
CA ALA A 59 2.85 7.63 -0.37
C ALA A 59 1.80 8.35 -1.19
N ASP A 60 1.73 9.67 -1.03
CA ASP A 60 0.75 10.48 -1.76
C ASP A 60 0.98 10.38 -3.27
N THR A 61 2.22 10.56 -3.69
CA THR A 61 2.57 10.49 -5.10
C THR A 61 2.27 9.10 -5.67
N LEU A 62 2.44 8.07 -4.83
CA LEU A 62 2.16 6.70 -5.23
C LEU A 62 0.68 6.49 -5.36
N ALA A 63 -0.01 6.85 -4.30
CA ALA A 63 -1.44 6.68 -4.25
C ALA A 63 -2.11 7.36 -5.43
N ALA A 64 -1.88 8.66 -5.57
CA ALA A 64 -2.45 9.42 -6.67
C ALA A 64 -2.14 8.76 -8.00
N ARG A 65 -0.94 8.20 -8.11
CA ARG A 65 -0.52 7.50 -9.31
C ARG A 65 -1.38 6.26 -9.51
N ALA A 66 -1.70 5.61 -8.40
CA ALA A 66 -2.52 4.40 -8.45
C ALA A 66 -3.92 4.77 -8.92
N LYS A 67 -4.44 5.88 -8.40
CA LYS A 67 -5.75 6.36 -8.79
C LYS A 67 -5.77 6.67 -10.28
N ASN A 68 -4.74 7.37 -10.74
CA ASN A 68 -4.60 7.71 -12.14
C ASN A 68 -4.28 6.46 -12.94
N ALA A 69 -3.68 5.49 -12.28
CA ALA A 69 -3.31 4.22 -12.90
C ALA A 69 -4.52 3.32 -13.08
N GLY A 70 -5.56 3.55 -12.28
CA GLY A 70 -6.75 2.74 -12.36
C GLY A 70 -6.93 1.90 -11.11
N PHE A 71 -6.34 2.36 -10.02
CA PHE A 71 -6.40 1.66 -8.74
C PHE A 71 -6.79 2.64 -7.63
N ASP A 72 -7.50 2.16 -6.63
CA ASP A 72 -7.91 3.01 -5.52
C ASP A 72 -6.89 2.96 -4.40
N ALA A 73 -5.75 3.63 -4.60
CA ALA A 73 -4.70 3.64 -3.59
C ALA A 73 -4.92 4.74 -2.55
N ILE A 74 -4.61 4.41 -1.30
CA ILE A 74 -4.74 5.35 -0.20
C ILE A 74 -3.48 5.33 0.66
N VAL A 75 -3.19 6.44 1.33
CA VAL A 75 -2.00 6.51 2.17
C VAL A 75 -2.37 6.42 3.65
N ILE A 76 -1.60 5.64 4.39
CA ILE A 76 -1.83 5.47 5.81
C ILE A 76 -0.52 5.53 6.60
N LEU A 77 -0.55 6.25 7.73
CA LEU A 77 0.61 6.38 8.58
C LEU A 77 0.50 5.48 9.80
N GLU A 78 1.25 4.39 9.81
CA GLU A 78 1.23 3.45 10.92
C GLU A 78 2.45 3.63 11.83
N SER A 79 2.22 3.62 13.13
CA SER A 79 3.31 3.78 14.10
C SER A 79 3.77 2.42 14.62
N LEU A 1 8.78 3.50 20.55
CA LEU A 1 9.35 4.85 20.33
C LEU A 1 10.87 4.77 20.14
N LYS A 2 11.51 3.96 20.95
CA LYS A 2 12.97 3.79 20.88
C LYS A 2 13.33 2.60 19.98
N LYS A 3 14.59 2.19 20.06
CA LYS A 3 15.08 1.08 19.24
C LYS A 3 15.05 1.42 17.76
N THR A 4 13.86 1.39 17.17
CA THR A 4 13.71 1.70 15.75
C THR A 4 13.50 3.19 15.54
N SER A 5 13.72 3.65 14.32
CA SER A 5 13.56 5.07 13.98
C SER A 5 12.09 5.39 13.70
N SER A 6 11.48 6.16 14.59
CA SER A 6 10.07 6.54 14.43
C SER A 6 9.17 5.32 14.48
N SER A 7 8.01 5.48 15.11
CA SER A 7 7.05 4.39 15.23
C SER A 7 5.91 4.55 14.22
N GLY A 8 6.26 4.95 13.00
CA GLY A 8 5.26 5.14 11.96
C GLY A 8 5.82 4.93 10.58
N LEU A 9 4.96 4.55 9.64
CA LEU A 9 5.38 4.32 8.27
C LEU A 9 4.30 4.75 7.31
N TYR A 10 4.70 5.36 6.20
CA TYR A 10 3.75 5.82 5.20
C TYR A 10 3.73 4.86 4.03
N LYS A 11 2.67 4.07 3.95
CA LYS A 11 2.52 3.10 2.86
C LYS A 11 1.21 3.33 2.12
N VAL A 12 1.16 2.92 0.86
CA VAL A 12 -0.06 3.09 0.08
C VAL A 12 -0.79 1.75 -0.07
N GLN A 13 -2.12 1.80 -0.11
CA GLN A 13 -2.92 0.59 -0.21
C GLN A 13 -4.08 0.76 -1.19
N ILE A 14 -4.27 -0.21 -2.07
CA ILE A 14 -5.34 -0.14 -3.06
C ILE A 14 -6.49 -1.09 -2.75
N GLY A 15 -6.35 -1.93 -1.72
CA GLY A 15 -7.44 -2.84 -1.38
C GLY A 15 -7.04 -3.99 -0.48
N ALA A 16 -8.06 -4.70 0.00
CA ALA A 16 -7.88 -5.87 0.87
C ALA A 16 -9.05 -6.83 0.66
N PHE A 17 -8.78 -8.13 0.65
CA PHE A 17 -9.84 -9.11 0.45
C PHE A 17 -9.51 -10.43 1.14
N LYS A 18 -10.55 -11.15 1.56
CA LYS A 18 -10.37 -12.43 2.23
C LYS A 18 -9.66 -13.44 1.33
N VAL A 19 -9.58 -13.14 0.03
CA VAL A 19 -8.93 -14.02 -0.92
C VAL A 19 -7.56 -13.50 -1.35
N LYS A 20 -6.56 -14.36 -1.26
CA LYS A 20 -5.21 -14.00 -1.64
C LYS A 20 -5.09 -13.89 -3.15
N ALA A 21 -5.72 -14.80 -3.89
CA ALA A 21 -5.68 -14.75 -5.34
C ALA A 21 -6.09 -13.37 -5.82
N ASN A 22 -6.93 -12.72 -5.04
CA ASN A 22 -7.38 -11.38 -5.34
C ASN A 22 -6.34 -10.36 -4.89
N ALA A 23 -5.63 -10.69 -3.81
CA ALA A 23 -4.60 -9.80 -3.29
C ALA A 23 -3.35 -9.84 -4.18
N ASP A 24 -3.19 -10.94 -4.92
CA ASP A 24 -2.05 -11.10 -5.82
C ASP A 24 -2.30 -10.41 -7.14
N SER A 25 -3.52 -10.52 -7.65
CA SER A 25 -3.89 -9.88 -8.90
C SER A 25 -3.80 -8.37 -8.75
N LEU A 26 -4.19 -7.88 -7.57
CA LEU A 26 -4.15 -6.46 -7.27
C LEU A 26 -2.70 -5.98 -7.18
N ALA A 27 -1.87 -6.72 -6.46
CA ALA A 27 -0.46 -6.36 -6.33
C ALA A 27 0.20 -6.31 -7.70
N SER A 28 -0.35 -7.06 -8.64
CA SER A 28 0.17 -7.10 -10.00
C SER A 28 -0.18 -5.83 -10.77
N ASN A 29 -1.41 -5.35 -10.59
CA ASN A 29 -1.85 -4.14 -11.27
C ASN A 29 -0.96 -2.96 -10.91
N ALA A 30 -0.72 -2.78 -9.61
CA ALA A 30 0.13 -1.70 -9.15
C ALA A 30 1.54 -1.87 -9.67
N GLU A 31 2.00 -3.12 -9.72
CA GLU A 31 3.35 -3.41 -10.20
C GLU A 31 3.54 -2.83 -11.60
N ALA A 32 2.49 -2.88 -12.41
CA ALA A 32 2.53 -2.35 -13.76
C ALA A 32 3.01 -0.91 -13.76
N LYS A 33 2.42 -0.09 -12.90
CA LYS A 33 2.84 1.31 -12.79
C LYS A 33 4.28 1.37 -12.33
N GLY A 34 4.69 0.33 -11.60
CA GLY A 34 6.03 0.24 -11.10
C GLY A 34 6.12 0.50 -9.61
N PHE A 35 5.07 0.11 -8.89
CA PHE A 35 5.03 0.29 -7.45
C PHE A 35 5.40 -1.00 -6.75
N ASP A 36 5.90 -0.87 -5.53
CA ASP A 36 6.27 -2.04 -4.73
C ASP A 36 5.05 -2.62 -4.06
N SER A 37 4.40 -3.59 -4.71
CA SER A 37 3.21 -4.19 -4.16
C SER A 37 3.54 -5.23 -3.11
N ILE A 38 2.60 -5.46 -2.21
CA ILE A 38 2.80 -6.40 -1.12
C ILE A 38 1.45 -6.91 -0.59
N VAL A 39 1.41 -8.19 -0.25
CA VAL A 39 0.19 -8.80 0.27
C VAL A 39 0.39 -9.33 1.68
N LEU A 40 -0.35 -8.78 2.64
CA LEU A 40 -0.24 -9.22 4.03
C LEU A 40 -1.54 -9.85 4.49
N LEU A 41 -1.43 -11.07 5.03
CA LEU A 41 -2.60 -11.79 5.51
C LEU A 41 -2.88 -11.45 6.97
N LYS A 42 -4.01 -10.77 7.20
CA LYS A 42 -4.43 -10.41 8.55
C LYS A 42 -5.42 -11.45 9.04
N ASP A 43 -5.70 -11.43 10.33
CA ASP A 43 -6.63 -12.40 10.93
C ASP A 43 -8.00 -12.39 10.25
N GLY A 44 -8.07 -12.83 8.99
CA GLY A 44 -9.34 -12.88 8.30
C GLY A 44 -9.33 -12.36 6.87
N LEU A 45 -8.39 -11.47 6.54
CA LEU A 45 -8.33 -10.92 5.17
C LEU A 45 -6.91 -10.69 4.68
N TYR A 46 -6.80 -10.45 3.38
CA TYR A 46 -5.50 -10.18 2.74
C TYR A 46 -5.47 -8.74 2.25
N LYS A 47 -4.37 -8.05 2.51
CA LYS A 47 -4.23 -6.65 2.11
C LYS A 47 -3.24 -6.49 0.97
N VAL A 48 -3.47 -5.46 0.17
CA VAL A 48 -2.59 -5.17 -0.96
C VAL A 48 -2.06 -3.74 -0.87
N GLN A 49 -0.81 -3.62 -0.44
CA GLN A 49 -0.17 -2.32 -0.29
C GLN A 49 0.86 -2.09 -1.39
N ILE A 50 0.93 -0.85 -1.87
CA ILE A 50 1.88 -0.49 -2.91
C ILE A 50 2.59 0.82 -2.58
N GLY A 51 3.92 0.74 -2.55
CA GLY A 51 4.73 1.89 -2.25
C GLY A 51 4.80 2.21 -0.77
N ALA A 52 5.93 1.88 -0.14
CA ALA A 52 6.12 2.13 1.28
C ALA A 52 7.39 2.93 1.51
N PHE A 53 7.26 4.07 2.18
CA PHE A 53 8.41 4.93 2.45
C PHE A 53 8.32 5.54 3.85
N SER A 54 9.38 6.25 4.24
CA SER A 54 9.44 6.88 5.55
C SER A 54 8.74 8.24 5.53
N SER A 55 8.51 8.78 4.33
CA SER A 55 7.83 10.07 4.19
C SER A 55 6.47 9.92 3.53
N LYS A 56 5.45 10.51 4.14
CA LYS A 56 4.09 10.45 3.62
C LYS A 56 4.03 10.98 2.18
N ASP A 57 4.84 11.98 1.88
CA ASP A 57 4.88 12.57 0.55
C ASP A 57 5.07 11.49 -0.52
N ASN A 58 5.81 10.44 -0.16
CA ASN A 58 6.07 9.34 -1.08
C ASN A 58 4.79 8.54 -1.33
N ALA A 59 4.12 8.18 -0.25
CA ALA A 59 2.88 7.41 -0.33
C ALA A 59 1.82 8.18 -1.11
N ASP A 60 1.74 9.48 -0.88
CA ASP A 60 0.76 10.32 -1.56
C ASP A 60 0.96 10.28 -3.07
N THR A 61 2.18 10.53 -3.52
CA THR A 61 2.49 10.53 -4.95
C THR A 61 2.17 9.17 -5.56
N LEU A 62 2.38 8.12 -4.79
CA LEU A 62 2.11 6.75 -5.24
C LEU A 62 0.63 6.53 -5.35
N ALA A 63 -0.06 6.87 -4.28
CA ALA A 63 -1.48 6.69 -4.21
C ALA A 63 -2.18 7.34 -5.40
N ALA A 64 -1.97 8.64 -5.57
CA ALA A 64 -2.56 9.38 -6.67
C ALA A 64 -2.19 8.76 -8.00
N ARG A 65 -0.97 8.23 -8.07
CA ARG A 65 -0.50 7.58 -9.29
C ARG A 65 -1.34 6.34 -9.57
N ALA A 66 -1.66 5.60 -8.51
CA ALA A 66 -2.47 4.41 -8.63
C ALA A 66 -3.87 4.79 -9.11
N LYS A 67 -4.37 5.91 -8.58
CA LYS A 67 -5.69 6.40 -8.98
C LYS A 67 -5.68 6.74 -10.46
N ASN A 68 -4.64 7.45 -10.88
CA ASN A 68 -4.49 7.81 -12.28
C ASN A 68 -4.20 6.57 -13.11
N ALA A 69 -3.60 5.57 -12.46
CA ALA A 69 -3.24 4.31 -13.10
C ALA A 69 -4.48 3.43 -13.31
N GLY A 70 -5.51 3.67 -12.52
CA GLY A 70 -6.72 2.87 -12.62
C GLY A 70 -6.92 2.02 -11.39
N PHE A 71 -6.31 2.44 -10.29
CA PHE A 71 -6.40 1.72 -9.03
C PHE A 71 -6.77 2.67 -7.91
N ASP A 72 -7.49 2.18 -6.91
CA ASP A 72 -7.89 3.03 -5.79
C ASP A 72 -6.86 2.96 -4.67
N ALA A 73 -5.72 3.63 -4.86
CA ALA A 73 -4.67 3.64 -3.85
C ALA A 73 -4.88 4.75 -2.82
N ILE A 74 -4.55 4.44 -1.58
CA ILE A 74 -4.66 5.40 -0.48
C ILE A 74 -3.43 5.32 0.39
N VAL A 75 -3.21 6.34 1.21
CA VAL A 75 -2.04 6.36 2.09
C VAL A 75 -2.46 6.22 3.55
N ILE A 76 -1.72 5.40 4.29
CA ILE A 76 -2.02 5.18 5.70
C ILE A 76 -0.74 5.08 6.52
N LEU A 77 -0.76 5.68 7.70
CA LEU A 77 0.38 5.65 8.60
C LEU A 77 0.33 4.43 9.51
N GLU A 78 1.32 3.56 9.39
CA GLU A 78 1.37 2.35 10.21
C GLU A 78 2.08 2.60 11.53
N SER A 79 1.30 2.77 12.59
CA SER A 79 1.86 3.02 13.92
C SER A 79 1.89 1.73 14.74
N LEU A 1 18.40 19.25 10.30
CA LEU A 1 17.09 19.64 10.90
C LEU A 1 16.23 18.42 11.17
N LYS A 2 15.72 17.80 10.12
CA LYS A 2 14.88 16.62 10.25
C LYS A 2 15.62 15.37 9.80
N LYS A 3 16.17 14.64 10.75
CA LYS A 3 16.92 13.42 10.45
C LYS A 3 16.13 12.19 10.87
N THR A 4 15.47 12.28 12.03
CA THR A 4 14.68 11.17 12.55
C THR A 4 13.50 11.67 13.37
N SER A 5 12.66 10.76 13.82
CA SER A 5 11.49 11.12 14.62
C SER A 5 10.74 9.87 15.08
N SER A 6 10.59 8.91 14.15
CA SER A 6 9.89 7.66 14.46
C SER A 6 8.45 7.94 14.90
N SER A 7 7.57 8.10 13.92
CA SER A 7 6.16 8.38 14.21
C SER A 7 5.25 7.54 13.32
N GLY A 8 5.78 6.43 12.81
CA GLY A 8 4.99 5.56 11.94
C GLY A 8 5.63 5.36 10.58
N LEU A 9 4.82 4.96 9.60
CA LEU A 9 5.30 4.73 8.26
C LEU A 9 4.24 5.16 7.25
N TYR A 10 4.69 5.74 6.15
CA TYR A 10 3.77 6.16 5.12
C TYR A 10 3.74 5.16 3.98
N LYS A 11 2.66 4.41 3.90
CA LYS A 11 2.50 3.40 2.85
C LYS A 11 1.19 3.60 2.10
N VAL A 12 1.13 3.11 0.87
CA VAL A 12 -0.09 3.25 0.08
C VAL A 12 -0.78 1.90 -0.07
N GLN A 13 -2.11 1.88 0.07
CA GLN A 13 -2.88 0.65 -0.03
C GLN A 13 -4.05 0.80 -0.99
N ILE A 14 -4.22 -0.17 -1.89
CA ILE A 14 -5.30 -0.12 -2.87
C ILE A 14 -6.46 -1.05 -2.54
N GLY A 15 -6.33 -1.87 -1.49
CA GLY A 15 -7.44 -2.76 -1.15
C GLY A 15 -7.04 -3.96 -0.31
N ALA A 16 -8.05 -4.72 0.10
CA ALA A 16 -7.87 -5.94 0.89
C ALA A 16 -9.03 -6.90 0.60
N PHE A 17 -8.74 -8.19 0.50
CA PHE A 17 -9.78 -9.18 0.23
C PHE A 17 -9.51 -10.49 0.95
N LYS A 18 -10.57 -11.19 1.31
CA LYS A 18 -10.46 -12.46 2.01
C LYS A 18 -9.72 -13.49 1.17
N VAL A 19 -9.56 -13.21 -0.12
CA VAL A 19 -8.88 -14.13 -1.02
C VAL A 19 -7.48 -13.62 -1.41
N LYS A 20 -6.49 -14.48 -1.25
CA LYS A 20 -5.11 -14.15 -1.58
C LYS A 20 -4.95 -14.00 -3.09
N ALA A 21 -5.55 -14.92 -3.84
CA ALA A 21 -5.47 -14.88 -5.29
C ALA A 21 -5.94 -13.52 -5.79
N ASN A 22 -6.88 -12.93 -5.07
CA ASN A 22 -7.40 -11.63 -5.41
C ASN A 22 -6.41 -10.56 -4.96
N ALA A 23 -5.74 -10.81 -3.85
CA ALA A 23 -4.74 -9.88 -3.33
C ALA A 23 -3.49 -9.89 -4.20
N ASP A 24 -3.32 -10.97 -4.98
CA ASP A 24 -2.17 -11.12 -5.85
C ASP A 24 -2.41 -10.41 -7.18
N SER A 25 -3.65 -10.48 -7.66
CA SER A 25 -4.01 -9.82 -8.91
C SER A 25 -3.89 -8.31 -8.74
N LEU A 26 -4.25 -7.84 -7.55
CA LEU A 26 -4.18 -6.42 -7.23
C LEU A 26 -2.73 -5.97 -7.15
N ALA A 27 -1.92 -6.70 -6.38
CA ALA A 27 -0.50 -6.39 -6.24
C ALA A 27 0.17 -6.34 -7.62
N SER A 28 -0.39 -7.08 -8.56
CA SER A 28 0.14 -7.15 -9.92
C SER A 28 -0.19 -5.86 -10.70
N ASN A 29 -1.41 -5.35 -10.51
CA ASN A 29 -1.82 -4.13 -11.20
C ASN A 29 -0.91 -2.98 -10.83
N ALA A 30 -0.67 -2.80 -9.53
CA ALA A 30 0.18 -1.74 -9.05
C ALA A 30 1.59 -1.92 -9.59
N GLU A 31 2.04 -3.17 -9.64
CA GLU A 31 3.37 -3.48 -10.14
C GLU A 31 3.57 -2.90 -11.55
N ALA A 32 2.50 -2.94 -12.34
CA ALA A 32 2.52 -2.41 -13.70
C ALA A 32 2.99 -0.97 -13.70
N LYS A 33 2.40 -0.15 -12.83
CA LYS A 33 2.78 1.24 -12.73
C LYS A 33 4.24 1.32 -12.28
N GLY A 34 4.66 0.29 -11.55
CA GLY A 34 6.02 0.22 -11.07
C GLY A 34 6.13 0.46 -9.59
N PHE A 35 5.11 0.04 -8.86
CA PHE A 35 5.08 0.19 -7.42
C PHE A 35 5.44 -1.12 -6.72
N ASP A 36 5.86 -1.03 -5.47
CA ASP A 36 6.22 -2.20 -4.70
C ASP A 36 4.99 -2.76 -4.02
N SER A 37 4.34 -3.74 -4.65
CA SER A 37 3.13 -4.32 -4.09
C SER A 37 3.47 -5.35 -3.03
N ILE A 38 2.52 -5.60 -2.14
CA ILE A 38 2.71 -6.54 -1.05
C ILE A 38 1.37 -7.05 -0.53
N VAL A 39 1.33 -8.33 -0.18
CA VAL A 39 0.11 -8.93 0.33
C VAL A 39 0.30 -9.48 1.75
N LEU A 40 -0.45 -8.93 2.70
CA LEU A 40 -0.36 -9.37 4.09
C LEU A 40 -1.61 -10.14 4.50
N LEU A 41 -1.42 -11.37 4.94
CA LEU A 41 -2.54 -12.20 5.37
C LEU A 41 -2.91 -11.91 6.82
N LYS A 42 -4.08 -11.32 7.00
CA LYS A 42 -4.60 -11.01 8.33
C LYS A 42 -5.61 -12.08 8.73
N ASP A 43 -5.97 -12.09 10.01
CA ASP A 43 -6.92 -13.06 10.54
C ASP A 43 -8.25 -13.07 9.78
N GLY A 44 -8.24 -13.44 8.50
CA GLY A 44 -9.47 -13.50 7.73
C GLY A 44 -9.47 -12.66 6.46
N LEU A 45 -8.46 -11.81 6.28
CA LEU A 45 -8.40 -10.96 5.09
C LEU A 45 -6.97 -10.74 4.59
N TYR A 46 -6.84 -10.54 3.27
CA TYR A 46 -5.55 -10.28 2.64
C TYR A 46 -5.50 -8.83 2.19
N LYS A 47 -4.41 -8.14 2.53
CA LYS A 47 -4.26 -6.73 2.14
C LYS A 47 -3.28 -6.56 1.00
N VAL A 48 -3.55 -5.56 0.17
CA VAL A 48 -2.70 -5.25 -0.97
C VAL A 48 -2.17 -3.82 -0.85
N GLN A 49 -0.91 -3.72 -0.43
CA GLN A 49 -0.27 -2.41 -0.26
C GLN A 49 0.79 -2.16 -1.34
N ILE A 50 0.87 -0.92 -1.79
CA ILE A 50 1.84 -0.52 -2.80
C ILE A 50 2.53 0.79 -2.43
N GLY A 51 3.86 0.73 -2.37
CA GLY A 51 4.66 1.90 -2.04
C GLY A 51 4.73 2.17 -0.56
N ALA A 52 5.88 1.86 0.04
CA ALA A 52 6.07 2.09 1.47
C ALA A 52 7.37 2.88 1.70
N PHE A 53 7.24 4.08 2.25
CA PHE A 53 8.40 4.93 2.49
C PHE A 53 8.33 5.59 3.86
N SER A 54 9.41 6.27 4.22
CA SER A 54 9.49 6.97 5.51
C SER A 54 8.83 8.35 5.42
N SER A 55 8.65 8.84 4.20
CA SER A 55 8.03 10.15 3.99
C SER A 55 6.68 10.02 3.29
N LYS A 56 5.67 10.70 3.83
CA LYS A 56 4.33 10.65 3.25
C LYS A 56 4.32 11.13 1.81
N ASP A 57 5.12 12.17 1.52
CA ASP A 57 5.20 12.73 0.19
C ASP A 57 5.32 11.63 -0.87
N ASN A 58 5.99 10.55 -0.48
CA ASN A 58 6.17 9.41 -1.38
C ASN A 58 4.86 8.64 -1.53
N ALA A 59 4.23 8.35 -0.41
CA ALA A 59 2.96 7.63 -0.39
C ALA A 59 1.91 8.37 -1.21
N ASP A 60 1.81 9.68 -1.02
CA ASP A 60 0.84 10.50 -1.74
C ASP A 60 1.06 10.39 -3.24
N THR A 61 2.30 10.60 -3.67
CA THR A 61 2.64 10.54 -5.09
C THR A 61 2.30 9.17 -5.66
N LEU A 62 2.49 8.13 -4.85
CA LEU A 62 2.21 6.76 -5.27
C LEU A 62 0.72 6.56 -5.40
N ALA A 63 0.02 6.94 -4.34
CA ALA A 63 -1.41 6.78 -4.28
C ALA A 63 -2.08 7.45 -5.48
N ALA A 64 -1.87 8.76 -5.60
CA ALA A 64 -2.44 9.53 -6.71
C ALA A 64 -2.14 8.84 -8.04
N ARG A 65 -0.93 8.29 -8.14
CA ARG A 65 -0.51 7.59 -9.35
C ARG A 65 -1.36 6.35 -9.54
N ALA A 66 -1.69 5.69 -8.45
CA ALA A 66 -2.51 4.49 -8.49
C ALA A 66 -3.91 4.85 -8.96
N LYS A 67 -4.43 5.95 -8.44
CA LYS A 67 -5.75 6.42 -8.84
C LYS A 67 -5.77 6.72 -10.33
N ASN A 68 -4.75 7.46 -10.77
CA ASN A 68 -4.61 7.80 -12.18
C ASN A 68 -4.28 6.55 -12.98
N ALA A 69 -3.66 5.58 -12.32
CA ALA A 69 -3.28 4.32 -12.93
C ALA A 69 -4.49 3.40 -13.12
N GLY A 70 -5.53 3.63 -12.33
CA GLY A 70 -6.72 2.81 -12.42
C GLY A 70 -6.90 1.96 -11.18
N PHE A 71 -6.31 2.40 -10.07
CA PHE A 71 -6.38 1.69 -8.81
C PHE A 71 -6.76 2.66 -7.70
N ASP A 72 -7.47 2.17 -6.69
CA ASP A 72 -7.88 3.01 -5.58
C ASP A 72 -6.86 2.95 -4.45
N ALA A 73 -5.71 3.62 -4.64
CA ALA A 73 -4.67 3.63 -3.62
C ALA A 73 -4.89 4.73 -2.60
N ILE A 74 -4.59 4.43 -1.34
CA ILE A 74 -4.73 5.38 -0.25
C ILE A 74 -3.48 5.37 0.62
N VAL A 75 -3.16 6.50 1.23
CA VAL A 75 -1.99 6.59 2.09
C VAL A 75 -2.37 6.56 3.56
N ILE A 76 -1.63 5.79 4.33
CA ILE A 76 -1.90 5.67 5.77
C ILE A 76 -0.61 5.63 6.57
N LEU A 77 -0.64 6.27 7.74
CA LEU A 77 0.52 6.30 8.62
C LEU A 77 0.43 5.20 9.67
N GLU A 78 1.26 4.17 9.52
CA GLU A 78 1.26 3.05 10.45
C GLU A 78 2.38 3.20 11.49
N SER A 79 1.99 3.16 12.76
CA SER A 79 2.95 3.28 13.86
C SER A 79 4.00 2.19 13.79
N LEU A 1 7.93 -3.45 23.48
CA LEU A 1 9.16 -3.20 22.68
C LEU A 1 9.46 -1.71 22.57
N LYS A 2 8.55 -0.96 21.96
CA LYS A 2 8.73 0.47 21.79
C LYS A 2 8.62 1.19 23.14
N LYS A 3 9.69 1.89 23.51
CA LYS A 3 9.71 2.64 24.77
C LYS A 3 10.07 4.10 24.54
N THR A 4 11.09 4.33 23.71
CA THR A 4 11.52 5.69 23.41
C THR A 4 10.73 6.28 22.24
N SER A 5 10.87 5.67 21.07
CA SER A 5 10.16 6.14 19.88
C SER A 5 9.90 4.98 18.93
N SER A 6 8.72 5.00 18.29
CA SER A 6 8.35 3.96 17.35
C SER A 6 8.38 4.48 15.91
N SER A 7 7.94 5.71 15.73
CA SER A 7 7.91 6.33 14.40
C SER A 7 6.97 5.57 13.47
N GLY A 8 6.05 6.30 12.85
CA GLY A 8 5.10 5.68 11.94
C GLY A 8 5.70 5.41 10.57
N LEU A 9 4.87 4.99 9.63
CA LEU A 9 5.31 4.71 8.28
C LEU A 9 4.25 5.13 7.28
N TYR A 10 4.68 5.69 6.16
CA TYR A 10 3.75 6.12 5.13
C TYR A 10 3.72 5.10 4.01
N LYS A 11 2.64 4.33 3.95
CA LYS A 11 2.48 3.32 2.91
C LYS A 11 1.17 3.52 2.16
N VAL A 12 1.13 3.07 0.90
CA VAL A 12 -0.08 3.22 0.10
C VAL A 12 -0.78 1.87 -0.04
N GLN A 13 -2.10 1.86 0.10
CA GLN A 13 -2.87 0.62 0.00
C GLN A 13 -4.04 0.77 -0.96
N ILE A 14 -4.23 -0.22 -1.83
CA ILE A 14 -5.31 -0.16 -2.81
C ILE A 14 -6.47 -1.10 -2.49
N GLY A 15 -6.34 -1.93 -1.45
CA GLY A 15 -7.46 -2.80 -1.11
C GLY A 15 -7.11 -3.99 -0.25
N ALA A 16 -8.14 -4.71 0.18
CA ALA A 16 -8.00 -5.91 1.00
C ALA A 16 -9.18 -6.86 0.73
N PHE A 17 -8.91 -8.14 0.61
CA PHE A 17 -9.96 -9.12 0.34
C PHE A 17 -9.66 -10.45 1.03
N LYS A 18 -10.70 -11.16 1.41
CA LYS A 18 -10.55 -12.46 2.07
C LYS A 18 -9.79 -13.46 1.20
N VAL A 19 -9.64 -13.16 -0.08
CA VAL A 19 -8.94 -14.06 -0.99
C VAL A 19 -7.57 -13.51 -1.39
N LYS A 20 -6.56 -14.36 -1.27
CA LYS A 20 -5.19 -14.00 -1.61
C LYS A 20 -5.03 -13.89 -3.11
N ALA A 21 -5.64 -14.83 -3.86
CA ALA A 21 -5.56 -14.80 -5.31
C ALA A 21 -5.99 -13.44 -5.83
N ASN A 22 -6.96 -12.84 -5.13
CA ASN A 22 -7.45 -11.52 -5.48
C ASN A 22 -6.43 -10.48 -5.06
N ALA A 23 -5.73 -10.76 -3.97
CA ALA A 23 -4.70 -9.85 -3.47
C ALA A 23 -3.45 -9.89 -4.36
N ASP A 24 -3.31 -10.96 -5.12
CA ASP A 24 -2.17 -11.12 -6.02
C ASP A 24 -2.41 -10.39 -7.34
N SER A 25 -3.64 -10.45 -7.82
CA SER A 25 -4.00 -9.77 -9.06
C SER A 25 -3.90 -8.26 -8.87
N LEU A 26 -4.32 -7.81 -7.69
CA LEU A 26 -4.27 -6.40 -7.34
C LEU A 26 -2.83 -5.92 -7.28
N ALA A 27 -2.00 -6.65 -6.53
CA ALA A 27 -0.59 -6.29 -6.40
C ALA A 27 0.09 -6.29 -7.77
N SER A 28 -0.48 -7.05 -8.70
CA SER A 28 0.05 -7.14 -10.05
C SER A 28 -0.18 -5.83 -10.80
N ASN A 29 -1.38 -5.27 -10.63
CA ASN A 29 -1.72 -4.02 -11.29
C ASN A 29 -0.75 -2.92 -10.87
N ALA A 30 -0.51 -2.82 -9.56
CA ALA A 30 0.39 -1.81 -9.04
C ALA A 30 1.77 -1.96 -9.64
N GLU A 31 2.23 -3.20 -9.76
CA GLU A 31 3.54 -3.48 -10.33
C GLU A 31 3.65 -2.86 -11.72
N ALA A 32 2.56 -2.90 -12.46
CA ALA A 32 2.51 -2.34 -13.81
C ALA A 32 3.00 -0.91 -13.79
N LYS A 33 2.42 -0.10 -12.91
CA LYS A 33 2.84 1.29 -12.79
C LYS A 33 4.29 1.34 -12.34
N GLY A 34 4.71 0.31 -11.61
CA GLY A 34 6.06 0.23 -11.13
C GLY A 34 6.18 0.44 -9.64
N PHE A 35 5.15 0.00 -8.90
CA PHE A 35 5.15 0.14 -7.46
C PHE A 35 5.50 -1.18 -6.79
N ASP A 36 5.92 -1.09 -5.54
CA ASP A 36 6.27 -2.28 -4.77
C ASP A 36 5.03 -2.82 -4.07
N SER A 37 4.36 -3.78 -4.70
CA SER A 37 3.15 -4.35 -4.12
C SER A 37 3.48 -5.39 -3.07
N ILE A 38 2.55 -5.63 -2.18
CA ILE A 38 2.74 -6.59 -1.10
C ILE A 38 1.40 -7.09 -0.57
N VAL A 39 1.33 -8.38 -0.27
CA VAL A 39 0.10 -8.98 0.24
C VAL A 39 0.28 -9.48 1.67
N LEU A 40 -0.41 -8.83 2.62
CA LEU A 40 -0.32 -9.22 4.03
C LEU A 40 -1.58 -9.97 4.45
N LEU A 41 -1.39 -11.19 4.92
CA LEU A 41 -2.52 -12.01 5.36
C LEU A 41 -2.89 -11.70 6.80
N LYS A 42 -4.05 -11.09 6.98
CA LYS A 42 -4.56 -10.75 8.30
C LYS A 42 -5.48 -11.87 8.77
N ASP A 43 -5.81 -11.87 10.06
CA ASP A 43 -6.67 -12.90 10.63
C ASP A 43 -8.03 -13.00 9.94
N GLY A 44 -8.04 -13.37 8.66
CA GLY A 44 -9.30 -13.52 7.94
C GLY A 44 -9.37 -12.72 6.63
N LEU A 45 -8.40 -11.85 6.38
CA LEU A 45 -8.41 -11.04 5.17
C LEU A 45 -7.00 -10.82 4.61
N TYR A 46 -6.93 -10.61 3.30
CA TYR A 46 -5.67 -10.33 2.63
C TYR A 46 -5.66 -8.89 2.14
N LYS A 47 -4.56 -8.19 2.35
CA LYS A 47 -4.47 -6.79 1.92
C LYS A 47 -3.37 -6.60 0.90
N VAL A 48 -3.52 -5.56 0.09
CA VAL A 48 -2.55 -5.25 -0.95
C VAL A 48 -2.04 -3.82 -0.80
N GLN A 49 -0.78 -3.70 -0.41
CA GLN A 49 -0.16 -2.40 -0.23
C GLN A 49 0.90 -2.14 -1.31
N ILE A 50 0.98 -0.90 -1.76
CA ILE A 50 1.93 -0.51 -2.77
C ILE A 50 2.61 0.81 -2.44
N GLY A 51 3.93 0.76 -2.35
CA GLY A 51 4.73 1.93 -2.05
C GLY A 51 4.79 2.22 -0.56
N ALA A 52 5.92 1.92 0.07
CA ALA A 52 6.10 2.17 1.49
C ALA A 52 7.39 2.95 1.74
N PHE A 53 7.25 4.18 2.20
CA PHE A 53 8.42 5.03 2.46
C PHE A 53 8.33 5.68 3.83
N SER A 54 9.42 6.37 4.21
CA SER A 54 9.48 7.05 5.49
C SER A 54 8.83 8.43 5.41
N SER A 55 8.62 8.92 4.19
CA SER A 55 8.00 10.23 3.99
C SER A 55 6.62 10.09 3.34
N LYS A 56 5.63 10.75 3.94
CA LYS A 56 4.26 10.70 3.43
C LYS A 56 4.21 11.17 1.98
N ASP A 57 5.05 12.14 1.63
CA ASP A 57 5.09 12.68 0.27
C ASP A 57 5.24 11.56 -0.75
N ASN A 58 5.93 10.50 -0.36
CA ASN A 58 6.16 9.36 -1.24
C ASN A 58 4.85 8.58 -1.44
N ALA A 59 4.19 8.27 -0.34
CA ALA A 59 2.93 7.54 -0.39
C ALA A 59 1.88 8.29 -1.20
N ASP A 60 1.83 9.60 -1.02
CA ASP A 60 0.87 10.43 -1.73
C ASP A 60 1.08 10.33 -3.23
N THR A 61 2.32 10.52 -3.67
CA THR A 61 2.66 10.45 -5.09
C THR A 61 2.31 9.08 -5.66
N LEU A 62 2.52 8.04 -4.86
CA LEU A 62 2.21 6.67 -5.26
C LEU A 62 0.72 6.48 -5.39
N ALA A 63 0.04 6.87 -4.32
CA ALA A 63 -1.39 6.72 -4.26
C ALA A 63 -2.07 7.38 -5.46
N ALA A 64 -1.86 8.70 -5.60
CA ALA A 64 -2.44 9.44 -6.71
C ALA A 64 -2.13 8.77 -8.03
N ARG A 65 -0.93 8.20 -8.13
CA ARG A 65 -0.50 7.50 -9.32
C ARG A 65 -1.36 6.26 -9.53
N ALA A 66 -1.67 5.58 -8.42
CA ALA A 66 -2.50 4.39 -8.47
C ALA A 66 -3.89 4.76 -8.93
N LYS A 67 -4.40 5.87 -8.43
CA LYS A 67 -5.72 6.35 -8.82
C LYS A 67 -5.74 6.64 -10.31
N ASN A 68 -4.71 7.34 -10.77
CA ASN A 68 -4.57 7.67 -12.18
C ASN A 68 -4.26 6.41 -12.97
N ALA A 69 -3.66 5.43 -12.30
CA ALA A 69 -3.31 4.16 -12.91
C ALA A 69 -4.53 3.26 -13.08
N GLY A 70 -5.55 3.50 -12.28
CA GLY A 70 -6.76 2.71 -12.34
C GLY A 70 -6.93 1.87 -11.09
N PHE A 71 -6.32 2.32 -10.00
CA PHE A 71 -6.38 1.62 -8.73
C PHE A 71 -6.77 2.59 -7.62
N ASP A 72 -7.48 2.11 -6.62
CA ASP A 72 -7.89 2.95 -5.51
C ASP A 72 -6.86 2.92 -4.39
N ALA A 73 -5.71 3.55 -4.60
CA ALA A 73 -4.66 3.59 -3.59
C ALA A 73 -4.88 4.71 -2.58
N ILE A 74 -4.57 4.41 -1.32
CA ILE A 74 -4.71 5.38 -0.25
C ILE A 74 -3.46 5.37 0.63
N VAL A 75 -3.16 6.49 1.26
CA VAL A 75 -1.98 6.58 2.11
C VAL A 75 -2.38 6.52 3.58
N ILE A 76 -1.64 5.75 4.36
CA ILE A 76 -1.91 5.61 5.78
C ILE A 76 -0.63 5.60 6.60
N LEU A 77 -0.67 6.26 7.75
CA LEU A 77 0.47 6.34 8.65
C LEU A 77 0.33 5.32 9.77
N GLU A 78 1.10 4.24 9.68
CA GLU A 78 1.04 3.18 10.69
C GLU A 78 2.12 3.40 11.75
N SER A 79 1.68 3.65 12.98
CA SER A 79 2.59 3.87 14.10
C SER A 79 2.48 2.75 15.13
N LEU A 1 19.85 0.14 17.48
CA LEU A 1 20.70 0.69 18.58
C LEU A 1 20.66 2.22 18.61
N LYS A 2 20.59 2.83 17.43
CA LYS A 2 20.55 4.27 17.31
C LYS A 2 19.80 4.70 16.06
N LYS A 3 18.65 5.35 16.24
CA LYS A 3 17.83 5.81 15.13
C LYS A 3 17.02 7.04 15.52
N THR A 4 16.65 7.84 14.53
CA THR A 4 15.87 9.05 14.77
C THR A 4 14.44 8.70 15.18
N SER A 5 13.61 9.72 15.32
CA SER A 5 12.22 9.52 15.71
C SER A 5 11.42 8.85 14.59
N SER A 6 11.58 7.54 14.46
CA SER A 6 10.88 6.78 13.42
C SER A 6 9.96 5.74 14.05
N SER A 7 8.69 6.09 14.20
CA SER A 7 7.71 5.17 14.78
C SER A 7 6.64 4.81 13.76
N GLY A 8 6.24 5.78 12.95
CA GLY A 8 5.22 5.55 11.95
C GLY A 8 5.81 5.29 10.57
N LEU A 9 4.97 4.87 9.63
CA LEU A 9 5.40 4.59 8.27
C LEU A 9 4.33 5.01 7.28
N TYR A 10 4.75 5.57 6.16
CA TYR A 10 3.82 5.99 5.14
C TYR A 10 3.78 4.98 4.01
N LYS A 11 2.70 4.23 3.96
CA LYS A 11 2.52 3.22 2.92
C LYS A 11 1.23 3.44 2.16
N VAL A 12 1.16 2.95 0.92
CA VAL A 12 -0.06 3.12 0.13
C VAL A 12 -0.78 1.78 -0.02
N GLN A 13 -2.12 1.81 0.03
CA GLN A 13 -2.90 0.60 -0.08
C GLN A 13 -4.08 0.79 -1.04
N ILE A 14 -4.29 -0.19 -1.93
CA ILE A 14 -5.37 -0.11 -2.90
C ILE A 14 -6.53 -1.07 -2.60
N GLY A 15 -6.38 -1.92 -1.57
CA GLY A 15 -7.48 -2.83 -1.26
C GLY A 15 -7.08 -4.03 -0.41
N ALA A 16 -8.09 -4.77 0.02
CA ALA A 16 -7.91 -5.98 0.81
C ALA A 16 -9.08 -6.94 0.55
N PHE A 17 -8.82 -8.24 0.57
CA PHE A 17 -9.89 -9.22 0.30
C PHE A 17 -9.61 -10.53 1.01
N LYS A 18 -10.67 -11.25 1.35
CA LYS A 18 -10.55 -12.53 2.03
C LYS A 18 -9.78 -13.54 1.17
N VAL A 19 -9.62 -13.24 -0.12
CA VAL A 19 -8.92 -14.13 -1.02
C VAL A 19 -7.53 -13.59 -1.38
N LYS A 20 -6.52 -14.44 -1.21
CA LYS A 20 -5.15 -14.08 -1.52
C LYS A 20 -4.95 -13.95 -3.02
N ALA A 21 -5.55 -14.87 -3.78
CA ALA A 21 -5.45 -14.83 -5.23
C ALA A 21 -5.91 -13.47 -5.74
N ASN A 22 -6.87 -12.90 -5.04
CA ASN A 22 -7.38 -11.58 -5.39
C ASN A 22 -6.39 -10.52 -4.95
N ALA A 23 -5.71 -10.79 -3.84
CA ALA A 23 -4.72 -9.85 -3.33
C ALA A 23 -3.47 -9.87 -4.21
N ASP A 24 -3.27 -10.96 -4.94
CA ASP A 24 -2.12 -11.10 -5.84
C ASP A 24 -2.37 -10.37 -7.14
N SER A 25 -3.62 -10.42 -7.62
CA SER A 25 -3.98 -9.75 -8.86
C SER A 25 -3.86 -8.25 -8.69
N LEU A 26 -4.25 -7.77 -7.50
CA LEU A 26 -4.18 -6.36 -7.18
C LEU A 26 -2.73 -5.89 -7.11
N ALA A 27 -1.90 -6.67 -6.41
CA ALA A 27 -0.48 -6.34 -6.28
C ALA A 27 0.18 -6.31 -7.66
N SER A 28 -0.40 -7.06 -8.60
CA SER A 28 0.13 -7.12 -9.95
C SER A 28 -0.20 -5.85 -10.73
N ASN A 29 -1.41 -5.34 -10.55
CA ASN A 29 -1.83 -4.13 -11.24
C ASN A 29 -0.93 -2.96 -10.87
N ALA A 30 -0.71 -2.78 -9.59
CA ALA A 30 0.15 -1.71 -9.11
C ALA A 30 1.56 -1.89 -9.64
N GLU A 31 2.02 -3.14 -9.67
CA GLU A 31 3.36 -3.46 -10.15
C GLU A 31 3.56 -2.89 -11.56
N ALA A 32 2.50 -2.94 -12.36
CA ALA A 32 2.53 -2.42 -13.72
C ALA A 32 2.99 -0.98 -13.72
N LYS A 33 2.39 -0.16 -12.86
CA LYS A 33 2.77 1.24 -12.75
C LYS A 33 4.22 1.32 -12.30
N GLY A 34 4.64 0.30 -11.58
CA GLY A 34 6.01 0.24 -11.10
C GLY A 34 6.11 0.47 -9.61
N PHE A 35 5.06 0.05 -8.88
CA PHE A 35 5.05 0.21 -7.44
C PHE A 35 5.40 -1.11 -6.75
N ASP A 36 5.87 -1.01 -5.52
CA ASP A 36 6.23 -2.19 -4.76
C ASP A 36 5.01 -2.75 -4.05
N SER A 37 4.35 -3.73 -4.66
CA SER A 37 3.16 -4.32 -4.09
C SER A 37 3.50 -5.32 -3.02
N ILE A 38 2.56 -5.54 -2.11
CA ILE A 38 2.75 -6.46 -0.99
C ILE A 38 1.41 -6.98 -0.49
N VAL A 39 1.36 -8.27 -0.16
CA VAL A 39 0.14 -8.88 0.34
C VAL A 39 0.31 -9.40 1.77
N LEU A 40 -0.45 -8.83 2.70
CA LEU A 40 -0.38 -9.25 4.10
C LEU A 40 -1.72 -9.80 4.56
N LEU A 41 -1.70 -10.99 5.14
CA LEU A 41 -2.92 -11.64 5.62
C LEU A 41 -3.20 -11.29 7.08
N LYS A 42 -4.33 -10.62 7.30
CA LYS A 42 -4.77 -10.28 8.65
C LYS A 42 -5.95 -11.16 9.00
N ASP A 43 -6.06 -11.57 10.26
CA ASP A 43 -7.16 -12.42 10.69
C ASP A 43 -7.50 -13.46 9.62
N GLY A 44 -8.34 -13.07 8.65
CA GLY A 44 -8.71 -13.95 7.57
C GLY A 44 -8.81 -13.21 6.24
N LEU A 45 -8.26 -11.99 6.20
CA LEU A 45 -8.29 -11.17 4.97
C LEU A 45 -6.89 -10.87 4.49
N TYR A 46 -6.77 -10.54 3.21
CA TYR A 46 -5.48 -10.21 2.62
C TYR A 46 -5.47 -8.76 2.14
N LYS A 47 -4.39 -8.04 2.43
CA LYS A 47 -4.27 -6.65 2.04
C LYS A 47 -3.27 -6.49 0.93
N VAL A 48 -3.50 -5.48 0.10
CA VAL A 48 -2.62 -5.18 -1.01
C VAL A 48 -2.09 -3.76 -0.92
N GLN A 49 -0.86 -3.63 -0.43
CA GLN A 49 -0.22 -2.34 -0.27
C GLN A 49 0.82 -2.11 -1.36
N ILE A 50 0.90 -0.87 -1.84
CA ILE A 50 1.85 -0.52 -2.87
C ILE A 50 2.56 0.80 -2.55
N GLY A 51 3.89 0.72 -2.49
CA GLY A 51 4.71 1.88 -2.20
C GLY A 51 4.81 2.16 -0.71
N ALA A 52 5.98 1.88 -0.13
CA ALA A 52 6.20 2.12 1.28
C ALA A 52 7.47 2.94 1.50
N PHE A 53 7.31 4.10 2.13
CA PHE A 53 8.46 4.99 2.38
C PHE A 53 8.37 5.63 3.76
N SER A 54 9.45 6.33 4.14
CA SER A 54 9.51 7.00 5.42
C SER A 54 8.85 8.38 5.36
N SER A 55 8.64 8.88 4.14
CA SER A 55 8.02 10.19 3.97
C SER A 55 6.62 10.06 3.34
N LYS A 56 5.63 10.66 3.99
CA LYS A 56 4.26 10.61 3.51
C LYS A 56 4.16 11.11 2.07
N ASP A 57 4.96 12.10 1.73
CA ASP A 57 4.97 12.66 0.37
C ASP A 57 5.17 11.56 -0.66
N ASN A 58 5.88 10.51 -0.27
CA ASN A 58 6.13 9.38 -1.16
C ASN A 58 4.87 8.56 -1.37
N ALA A 59 4.20 8.21 -0.27
CA ALA A 59 2.98 7.44 -0.33
C ALA A 59 1.90 8.18 -1.09
N ASP A 60 1.80 9.49 -0.86
CA ASP A 60 0.81 10.32 -1.54
C ASP A 60 1.00 10.27 -3.05
N THR A 61 2.23 10.52 -3.50
CA THR A 61 2.55 10.50 -4.92
C THR A 61 2.21 9.14 -5.54
N LEU A 62 2.44 8.09 -4.77
CA LEU A 62 2.15 6.73 -5.22
C LEU A 62 0.66 6.53 -5.32
N ALA A 63 -0.01 6.89 -4.25
CA ALA A 63 -1.44 6.73 -4.16
C ALA A 63 -2.14 7.36 -5.36
N ALA A 64 -1.94 8.67 -5.52
CA ALA A 64 -2.54 9.42 -6.61
C ALA A 64 -2.20 8.78 -7.95
N ARG A 65 -0.98 8.25 -8.05
CA ARG A 65 -0.53 7.60 -9.27
C ARG A 65 -1.38 6.36 -9.54
N ALA A 66 -1.68 5.63 -8.47
CA ALA A 66 -2.49 4.43 -8.57
C ALA A 66 -3.88 4.81 -9.04
N LYS A 67 -4.39 5.93 -8.53
CA LYS A 67 -5.70 6.41 -8.92
C LYS A 67 -5.70 6.74 -10.40
N ASN A 68 -4.67 7.44 -10.84
CA ASN A 68 -4.53 7.80 -12.25
C ASN A 68 -4.23 6.55 -13.07
N ALA A 69 -3.63 5.56 -12.41
CA ALA A 69 -3.28 4.30 -13.05
C ALA A 69 -4.50 3.41 -13.24
N GLY A 70 -5.54 3.65 -12.44
CA GLY A 70 -6.75 2.86 -12.52
C GLY A 70 -6.94 2.00 -11.29
N PHE A 71 -6.32 2.44 -10.20
CA PHE A 71 -6.39 1.71 -8.94
C PHE A 71 -6.76 2.68 -7.82
N ASP A 72 -7.48 2.19 -6.81
CA ASP A 72 -7.88 3.04 -5.70
C ASP A 72 -6.84 2.98 -4.57
N ALA A 73 -5.70 3.65 -4.78
CA ALA A 73 -4.65 3.66 -3.77
C ALA A 73 -4.87 4.75 -2.73
N ILE A 74 -4.54 4.43 -1.49
CA ILE A 74 -4.66 5.39 -0.39
C ILE A 74 -3.41 5.34 0.47
N VAL A 75 -3.18 6.38 1.26
CA VAL A 75 -2.00 6.43 2.12
C VAL A 75 -2.38 6.36 3.58
N ILE A 76 -1.63 5.58 4.36
CA ILE A 76 -1.90 5.42 5.77
C ILE A 76 -0.61 5.40 6.58
N LEU A 77 -0.63 6.06 7.73
CA LEU A 77 0.52 6.12 8.62
C LEU A 77 0.46 4.99 9.65
N GLU A 78 1.29 3.97 9.45
CA GLU A 78 1.34 2.83 10.36
C GLU A 78 2.44 2.98 11.39
N SER A 79 2.06 2.96 12.66
CA SER A 79 3.02 3.10 13.76
C SER A 79 2.95 1.89 14.69
N LEU A 1 8.23 21.62 24.12
CA LEU A 1 7.32 20.48 23.83
C LEU A 1 6.65 20.63 22.47
N LYS A 2 6.42 21.88 22.06
CA LYS A 2 5.79 22.15 20.78
C LYS A 2 6.80 22.03 19.64
N LYS A 3 6.45 21.25 18.62
CA LYS A 3 7.33 21.06 17.47
C LYS A 3 6.59 20.35 16.35
N THR A 4 7.34 19.95 15.32
CA THR A 4 6.76 19.25 14.18
C THR A 4 6.32 17.85 14.56
N SER A 5 7.26 17.07 15.10
CA SER A 5 6.97 15.70 15.52
C SER A 5 6.57 14.85 14.32
N SER A 6 7.32 13.77 14.09
CA SER A 6 7.05 12.88 12.97
C SER A 6 7.42 11.43 13.33
N SER A 7 6.44 10.54 13.25
CA SER A 7 6.67 9.13 13.58
C SER A 7 5.69 8.24 12.81
N GLY A 8 6.09 6.99 12.59
CA GLY A 8 5.24 6.05 11.87
C GLY A 8 5.80 5.70 10.51
N LEU A 9 4.93 5.23 9.61
CA LEU A 9 5.35 4.86 8.27
C LEU A 9 4.28 5.24 7.27
N TYR A 10 4.72 5.75 6.13
CA TYR A 10 3.79 6.15 5.09
C TYR A 10 3.76 5.12 3.98
N LYS A 11 2.68 4.34 3.95
CA LYS A 11 2.52 3.30 2.93
C LYS A 11 1.21 3.50 2.18
N VAL A 12 1.16 3.02 0.93
CA VAL A 12 -0.06 3.16 0.13
C VAL A 12 -0.76 1.81 -0.01
N GLN A 13 -2.09 1.82 0.07
CA GLN A 13 -2.88 0.58 -0.02
C GLN A 13 -4.07 0.76 -0.95
N ILE A 14 -4.28 -0.21 -1.83
CA ILE A 14 -5.37 -0.14 -2.79
C ILE A 14 -6.53 -1.09 -2.45
N GLY A 15 -6.38 -1.92 -1.42
CA GLY A 15 -7.47 -2.82 -1.06
C GLY A 15 -7.06 -4.05 -0.27
N ALA A 16 -8.08 -4.81 0.13
CA ALA A 16 -7.88 -6.06 0.87
C ALA A 16 -9.04 -7.01 0.57
N PHE A 17 -8.81 -8.32 0.58
CA PHE A 17 -9.88 -9.27 0.29
C PHE A 17 -9.62 -10.61 0.96
N LYS A 18 -10.70 -11.32 1.27
CA LYS A 18 -10.60 -12.63 1.92
C LYS A 18 -9.82 -13.62 1.04
N VAL A 19 -9.63 -13.28 -0.23
CA VAL A 19 -8.91 -14.16 -1.15
C VAL A 19 -7.53 -13.60 -1.50
N LYS A 20 -6.51 -14.43 -1.33
CA LYS A 20 -5.14 -14.05 -1.63
C LYS A 20 -4.94 -13.93 -3.13
N ALA A 21 -5.57 -14.84 -3.88
CA ALA A 21 -5.46 -14.81 -5.34
C ALA A 21 -5.94 -13.46 -5.86
N ASN A 22 -6.93 -12.90 -5.16
CA ASN A 22 -7.46 -11.59 -5.52
C ASN A 22 -6.48 -10.51 -5.09
N ALA A 23 -5.79 -10.77 -3.97
CA ALA A 23 -4.80 -9.83 -3.46
C ALA A 23 -3.54 -9.85 -4.32
N ASP A 24 -3.37 -10.91 -5.09
CA ASP A 24 -2.20 -11.06 -5.97
C ASP A 24 -2.44 -10.34 -7.29
N SER A 25 -3.67 -10.40 -7.77
CA SER A 25 -4.03 -9.74 -9.02
C SER A 25 -3.96 -8.23 -8.83
N LEU A 26 -4.37 -7.78 -7.66
CA LEU A 26 -4.34 -6.36 -7.32
C LEU A 26 -2.90 -5.88 -7.24
N ALA A 27 -2.08 -6.59 -6.46
CA ALA A 27 -0.68 -6.24 -6.31
C ALA A 27 0.01 -6.24 -7.67
N SER A 28 -0.55 -6.99 -8.61
CA SER A 28 0.00 -7.09 -9.96
C SER A 28 -0.25 -5.80 -10.72
N ASN A 29 -1.44 -5.23 -10.56
CA ASN A 29 -1.80 -3.99 -11.24
C ASN A 29 -0.83 -2.88 -10.83
N ALA A 30 -0.60 -2.76 -9.54
CA ALA A 30 0.30 -1.74 -9.02
C ALA A 30 1.70 -1.91 -9.60
N GLU A 31 2.14 -3.17 -9.69
CA GLU A 31 3.46 -3.48 -10.22
C GLU A 31 3.61 -2.89 -11.61
N ALA A 32 2.51 -2.91 -12.38
CA ALA A 32 2.51 -2.38 -13.73
C ALA A 32 3.00 -0.93 -13.73
N LYS A 33 2.42 -0.12 -12.86
CA LYS A 33 2.83 1.28 -12.75
C LYS A 33 4.28 1.33 -12.29
N GLY A 34 4.69 0.30 -11.55
CA GLY A 34 6.04 0.21 -11.07
C GLY A 34 6.15 0.42 -9.57
N PHE A 35 5.11 0.00 -8.85
CA PHE A 35 5.10 0.13 -7.41
C PHE A 35 5.45 -1.19 -6.74
N ASP A 36 5.89 -1.10 -5.49
CA ASP A 36 6.26 -2.29 -4.73
C ASP A 36 5.03 -2.85 -4.02
N SER A 37 4.37 -3.82 -4.66
CA SER A 37 3.16 -4.40 -4.09
C SER A 37 3.52 -5.44 -3.03
N ILE A 38 2.56 -5.69 -2.15
CA ILE A 38 2.75 -6.64 -1.05
C ILE A 38 1.42 -7.14 -0.53
N VAL A 39 1.36 -8.43 -0.21
CA VAL A 39 0.13 -9.04 0.29
C VAL A 39 0.32 -9.57 1.71
N LEU A 40 -0.43 -9.00 2.66
CA LEU A 40 -0.34 -9.43 4.05
C LEU A 40 -1.68 -9.99 4.52
N LEU A 41 -1.64 -11.19 5.09
CA LEU A 41 -2.86 -11.85 5.57
C LEU A 41 -3.16 -11.50 7.03
N LYS A 42 -4.30 -10.86 7.25
CA LYS A 42 -4.75 -10.52 8.59
C LYS A 42 -5.98 -11.37 8.90
N ASP A 43 -6.21 -11.66 10.18
CA ASP A 43 -7.34 -12.49 10.58
C ASP A 43 -7.67 -13.54 9.51
N GLY A 44 -8.47 -13.15 8.52
CA GLY A 44 -8.82 -14.03 7.43
C GLY A 44 -8.84 -13.32 6.08
N LEU A 45 -8.35 -12.08 6.04
CA LEU A 45 -8.31 -11.31 4.80
C LEU A 45 -6.88 -10.97 4.38
N TYR A 46 -6.72 -10.62 3.11
CA TYR A 46 -5.42 -10.26 2.58
C TYR A 46 -5.41 -8.80 2.13
N LYS A 47 -4.34 -8.09 2.44
CA LYS A 47 -4.23 -6.68 2.07
C LYS A 47 -3.22 -6.49 0.95
N VAL A 48 -3.49 -5.51 0.11
CA VAL A 48 -2.61 -5.20 -1.00
C VAL A 48 -2.05 -3.79 -0.87
N GLN A 49 -0.82 -3.70 -0.39
CA GLN A 49 -0.16 -2.42 -0.20
C GLN A 49 0.88 -2.16 -1.28
N ILE A 50 0.95 -0.92 -1.74
CA ILE A 50 1.91 -0.54 -2.76
C ILE A 50 2.61 0.78 -2.43
N GLY A 51 3.92 0.71 -2.37
CA GLY A 51 4.73 1.88 -2.07
C GLY A 51 4.79 2.20 -0.58
N ALA A 52 5.93 1.93 0.04
CA ALA A 52 6.11 2.19 1.45
C ALA A 52 7.41 2.96 1.69
N PHE A 53 7.29 4.18 2.18
CA PHE A 53 8.46 5.02 2.43
C PHE A 53 8.38 5.70 3.79
N SER A 54 9.46 6.38 4.17
CA SER A 54 9.53 7.07 5.45
C SER A 54 8.90 8.46 5.36
N SER A 55 8.69 8.94 4.13
CA SER A 55 8.08 10.25 3.91
C SER A 55 6.70 10.12 3.28
N LYS A 56 5.71 10.78 3.89
CA LYS A 56 4.34 10.74 3.39
C LYS A 56 4.26 11.19 1.93
N ASP A 57 5.11 12.15 1.57
CA ASP A 57 5.14 12.67 0.20
C ASP A 57 5.29 11.54 -0.80
N ASN A 58 5.96 10.47 -0.39
CA ASN A 58 6.18 9.32 -1.26
C ASN A 58 4.88 8.55 -1.45
N ALA A 59 4.22 8.23 -0.34
CA ALA A 59 2.97 7.49 -0.37
C ALA A 59 1.91 8.25 -1.17
N ASP A 60 1.85 9.56 -0.98
CA ASP A 60 0.88 10.39 -1.69
C ASP A 60 1.08 10.29 -3.20
N THR A 61 2.31 10.49 -3.65
CA THR A 61 2.63 10.42 -5.08
C THR A 61 2.29 9.05 -5.64
N LEU A 62 2.48 8.01 -4.83
CA LEU A 62 2.20 6.65 -5.24
C LEU A 62 0.70 6.45 -5.36
N ALA A 63 0.02 6.83 -4.29
CA ALA A 63 -1.40 6.67 -4.21
C ALA A 63 -2.08 7.33 -5.40
N ALA A 64 -1.86 8.64 -5.54
CA ALA A 64 -2.44 9.40 -6.65
C ALA A 64 -2.13 8.72 -7.97
N ARG A 65 -0.92 8.17 -8.08
CA ARG A 65 -0.51 7.48 -9.28
C ARG A 65 -1.37 6.24 -9.49
N ALA A 66 -1.69 5.56 -8.39
CA ALA A 66 -2.53 4.38 -8.44
C ALA A 66 -3.92 4.76 -8.91
N LYS A 67 -4.42 5.89 -8.41
CA LYS A 67 -5.72 6.38 -8.81
C LYS A 67 -5.73 6.66 -10.30
N ASN A 68 -4.70 7.35 -10.77
CA ASN A 68 -4.55 7.67 -12.18
C ASN A 68 -4.25 6.40 -12.97
N ALA A 69 -3.67 5.42 -12.28
CA ALA A 69 -3.31 4.14 -12.89
C ALA A 69 -4.55 3.26 -13.06
N GLY A 70 -5.57 3.53 -12.27
CA GLY A 70 -6.79 2.74 -12.34
C GLY A 70 -6.98 1.91 -11.08
N PHE A 71 -6.38 2.36 -9.99
CA PHE A 71 -6.45 1.67 -8.72
C PHE A 71 -6.83 2.66 -7.62
N ASP A 72 -7.55 2.18 -6.61
CA ASP A 72 -7.95 3.03 -5.51
C ASP A 72 -6.92 2.98 -4.38
N ALA A 73 -5.77 3.62 -4.59
CA ALA A 73 -4.71 3.63 -3.59
C ALA A 73 -4.92 4.72 -2.55
N ILE A 74 -4.62 4.39 -1.31
CA ILE A 74 -4.76 5.34 -0.20
C ILE A 74 -3.49 5.32 0.65
N VAL A 75 -3.17 6.44 1.27
CA VAL A 75 -1.98 6.54 2.11
C VAL A 75 -2.36 6.50 3.59
N ILE A 76 -1.61 5.71 4.35
CA ILE A 76 -1.86 5.59 5.78
C ILE A 76 -0.57 5.67 6.57
N LEU A 77 -0.60 6.41 7.67
CA LEU A 77 0.55 6.57 8.53
C LEU A 77 0.48 5.61 9.71
N GLU A 78 1.30 4.56 9.67
CA GLU A 78 1.32 3.57 10.74
C GLU A 78 2.41 3.87 11.75
N SER A 79 2.01 4.07 13.00
CA SER A 79 2.96 4.37 14.08
C SER A 79 2.70 3.48 15.29
N LEU A 1 12.90 19.06 19.08
CA LEU A 1 12.58 17.70 19.60
C LEU A 1 12.07 16.80 18.48
N LYS A 2 12.57 17.00 17.27
CA LYS A 2 12.16 16.20 16.12
C LYS A 2 13.06 16.48 14.92
N LYS A 3 13.93 15.53 14.60
CA LYS A 3 14.85 15.67 13.48
C LYS A 3 14.87 14.41 12.63
N THR A 4 14.97 13.25 13.29
CA THR A 4 14.99 11.97 12.59
C THR A 4 14.07 10.96 13.28
N SER A 5 14.18 10.88 14.60
CA SER A 5 13.36 9.95 15.38
C SER A 5 11.87 10.24 15.18
N SER A 6 11.14 9.24 14.70
CA SER A 6 9.71 9.39 14.47
C SER A 6 9.01 8.04 14.50
N SER A 7 7.73 8.04 14.88
CA SER A 7 6.95 6.81 14.95
C SER A 7 5.87 6.80 13.87
N GLY A 8 5.91 5.79 13.01
CA GLY A 8 4.92 5.68 11.95
C GLY A 8 5.55 5.36 10.61
N LEU A 9 4.73 4.95 9.66
CA LEU A 9 5.21 4.63 8.32
C LEU A 9 4.17 5.04 7.29
N TYR A 10 4.64 5.58 6.17
CA TYR A 10 3.73 6.00 5.11
C TYR A 10 3.71 4.97 4.00
N LYS A 11 2.62 4.22 3.93
CA LYS A 11 2.46 3.20 2.91
C LYS A 11 1.16 3.41 2.14
N VAL A 12 1.12 2.96 0.89
CA VAL A 12 -0.09 3.11 0.08
C VAL A 12 -0.80 1.77 -0.05
N GLN A 13 -2.13 1.79 0.05
CA GLN A 13 -2.92 0.56 -0.05
C GLN A 13 -4.10 0.75 -1.00
N ILE A 14 -4.29 -0.22 -1.90
CA ILE A 14 -5.38 -0.16 -2.86
C ILE A 14 -6.52 -1.12 -2.56
N GLY A 15 -6.37 -1.97 -1.54
CA GLY A 15 -7.45 -2.90 -1.22
C GLY A 15 -7.05 -4.07 -0.36
N ALA A 16 -8.07 -4.81 0.09
CA ALA A 16 -7.89 -6.01 0.91
C ALA A 16 -9.07 -6.96 0.65
N PHE A 17 -8.81 -8.27 0.66
CA PHE A 17 -9.88 -9.24 0.41
C PHE A 17 -9.59 -10.57 1.09
N LYS A 18 -10.66 -11.29 1.44
CA LYS A 18 -10.54 -12.58 2.08
C LYS A 18 -9.78 -13.57 1.22
N VAL A 19 -9.62 -13.25 -0.07
CA VAL A 19 -8.91 -14.13 -0.99
C VAL A 19 -7.54 -13.58 -1.35
N LYS A 20 -6.52 -14.42 -1.19
CA LYS A 20 -5.15 -14.05 -1.50
C LYS A 20 -4.95 -13.93 -3.00
N ALA A 21 -5.57 -14.84 -3.76
CA ALA A 21 -5.47 -14.81 -5.21
C ALA A 21 -5.92 -13.46 -5.73
N ASN A 22 -6.88 -12.87 -5.02
CA ASN A 22 -7.38 -11.56 -5.37
C ASN A 22 -6.38 -10.50 -4.94
N ALA A 23 -5.69 -10.78 -3.84
CA ALA A 23 -4.67 -9.86 -3.32
C ALA A 23 -3.44 -9.87 -4.22
N ASP A 24 -3.25 -10.96 -4.95
CA ASP A 24 -2.11 -11.09 -5.86
C ASP A 24 -2.38 -10.37 -7.17
N SER A 25 -3.62 -10.43 -7.64
CA SER A 25 -4.01 -9.75 -8.87
C SER A 25 -3.88 -8.24 -8.70
N LEU A 26 -4.27 -7.77 -7.52
CA LEU A 26 -4.20 -6.35 -7.19
C LEU A 26 -2.75 -5.89 -7.12
N ALA A 27 -1.92 -6.67 -6.44
CA ALA A 27 -0.50 -6.35 -6.32
C ALA A 27 0.16 -6.30 -7.70
N SER A 28 -0.41 -7.05 -8.63
CA SER A 28 0.11 -7.10 -10.00
C SER A 28 -0.23 -5.83 -10.77
N ASN A 29 -1.45 -5.33 -10.59
CA ASN A 29 -1.88 -4.12 -11.27
C ASN A 29 -0.97 -2.94 -10.91
N ALA A 30 -0.73 -2.77 -9.62
CA ALA A 30 0.13 -1.71 -9.14
C ALA A 30 1.55 -1.89 -9.69
N GLU A 31 1.98 -3.14 -9.74
CA GLU A 31 3.32 -3.46 -10.25
C GLU A 31 3.51 -2.87 -11.65
N ALA A 32 2.44 -2.90 -12.44
CA ALA A 32 2.46 -2.38 -13.79
C ALA A 32 2.95 -0.93 -13.79
N LYS A 33 2.36 -0.12 -12.92
CA LYS A 33 2.77 1.28 -12.80
C LYS A 33 4.22 1.33 -12.36
N GLY A 34 4.64 0.30 -11.63
CA GLY A 34 6.00 0.21 -11.15
C GLY A 34 6.10 0.46 -9.66
N PHE A 35 5.08 0.04 -8.93
CA PHE A 35 5.06 0.21 -7.49
C PHE A 35 5.43 -1.08 -6.79
N ASP A 36 5.92 -0.96 -5.56
CA ASP A 36 6.30 -2.13 -4.78
C ASP A 36 5.06 -2.70 -4.08
N SER A 37 4.42 -3.69 -4.71
CA SER A 37 3.23 -4.29 -4.15
C SER A 37 3.57 -5.31 -3.07
N ILE A 38 2.62 -5.53 -2.17
CA ILE A 38 2.83 -6.45 -1.06
C ILE A 38 1.48 -6.99 -0.57
N VAL A 39 1.44 -8.29 -0.29
CA VAL A 39 0.22 -8.94 0.18
C VAL A 39 0.40 -9.51 1.58
N LEU A 40 -0.35 -8.96 2.55
CA LEU A 40 -0.26 -9.43 3.92
C LEU A 40 -1.61 -9.96 4.40
N LEU A 41 -1.59 -11.11 5.06
CA LEU A 41 -2.82 -11.73 5.55
C LEU A 41 -3.08 -11.36 7.01
N LYS A 42 -4.21 -10.69 7.24
CA LYS A 42 -4.63 -10.31 8.59
C LYS A 42 -5.84 -11.16 8.95
N ASP A 43 -6.06 -11.41 10.24
CA ASP A 43 -7.19 -12.22 10.70
C ASP A 43 -7.57 -13.28 9.64
N GLY A 44 -8.42 -12.89 8.69
CA GLY A 44 -8.81 -13.79 7.63
C GLY A 44 -8.85 -13.11 6.26
N LEU A 45 -8.32 -11.87 6.19
CA LEU A 45 -8.29 -11.13 4.94
C LEU A 45 -6.87 -10.84 4.48
N TYR A 46 -6.73 -10.54 3.20
CA TYR A 46 -5.43 -10.21 2.62
C TYR A 46 -5.41 -8.76 2.14
N LYS A 47 -4.32 -8.07 2.42
CA LYS A 47 -4.19 -6.67 2.03
C LYS A 47 -3.19 -6.51 0.90
N VAL A 48 -3.44 -5.50 0.07
CA VAL A 48 -2.58 -5.22 -1.05
C VAL A 48 -2.04 -3.79 -0.97
N GLN A 49 -0.82 -3.66 -0.49
CA GLN A 49 -0.19 -2.36 -0.33
C GLN A 49 0.85 -2.12 -1.41
N ILE A 50 0.93 -0.89 -1.88
CA ILE A 50 1.89 -0.52 -2.91
C ILE A 50 2.59 0.80 -2.57
N GLY A 51 3.91 0.72 -2.50
CA GLY A 51 4.72 1.88 -2.20
C GLY A 51 4.78 2.20 -0.72
N ALA A 52 5.90 1.87 -0.08
CA ALA A 52 6.08 2.13 1.34
C ALA A 52 7.36 2.90 1.58
N PHE A 53 7.26 4.04 2.25
CA PHE A 53 8.42 4.88 2.54
C PHE A 53 8.33 5.54 3.91
N SER A 54 9.41 6.21 4.30
CA SER A 54 9.47 6.90 5.57
C SER A 54 8.83 8.28 5.48
N SER A 55 8.65 8.77 4.26
CA SER A 55 8.05 10.08 4.05
C SER A 55 6.67 9.95 3.39
N LYS A 56 5.68 10.62 3.96
CA LYS A 56 4.32 10.58 3.44
C LYS A 56 4.28 11.04 1.99
N ASP A 57 5.13 12.01 1.65
CA ASP A 57 5.18 12.54 0.29
C ASP A 57 5.31 11.42 -0.73
N ASN A 58 5.99 10.35 -0.33
CA ASN A 58 6.18 9.21 -1.23
C ASN A 58 4.88 8.44 -1.41
N ALA A 59 4.21 8.13 -0.30
CA ALA A 59 2.95 7.40 -0.34
C ALA A 59 1.90 8.17 -1.13
N ASP A 60 1.82 9.49 -0.89
CA ASP A 60 0.85 10.32 -1.57
C ASP A 60 1.06 10.27 -3.09
N THR A 61 2.28 10.49 -3.52
CA THR A 61 2.61 10.47 -4.95
C THR A 61 2.26 9.11 -5.55
N LEU A 62 2.48 8.05 -4.79
CA LEU A 62 2.18 6.69 -5.23
C LEU A 62 0.69 6.49 -5.35
N ALA A 63 0.01 6.85 -4.28
CA ALA A 63 -1.42 6.69 -4.21
C ALA A 63 -2.11 7.36 -5.40
N ALA A 64 -1.91 8.66 -5.52
CA ALA A 64 -2.50 9.43 -6.62
C ALA A 64 -2.17 8.79 -7.96
N ARG A 65 -0.95 8.25 -8.06
CA ARG A 65 -0.52 7.59 -9.27
C ARG A 65 -1.37 6.34 -9.52
N ALA A 66 -1.68 5.64 -8.44
CA ALA A 66 -2.51 4.44 -8.53
C ALA A 66 -3.90 4.82 -9.00
N LYS A 67 -4.40 5.94 -8.49
CA LYS A 67 -5.71 6.43 -8.89
C LYS A 67 -5.71 6.75 -10.37
N ASN A 68 -4.69 7.47 -10.81
CA ASN A 68 -4.54 7.82 -12.21
C ASN A 68 -4.24 6.57 -13.03
N ALA A 69 -3.65 5.58 -12.36
CA ALA A 69 -3.29 4.32 -13.00
C ALA A 69 -4.51 3.42 -13.19
N GLY A 70 -5.56 3.67 -12.39
CA GLY A 70 -6.76 2.87 -12.49
C GLY A 70 -6.94 2.01 -11.26
N PHE A 71 -6.33 2.43 -10.15
CA PHE A 71 -6.40 1.71 -8.90
C PHE A 71 -6.77 2.67 -7.77
N ASP A 72 -7.48 2.17 -6.76
CA ASP A 72 -7.88 3.01 -5.64
C ASP A 72 -6.85 2.95 -4.52
N ALA A 73 -5.71 3.61 -4.72
CA ALA A 73 -4.65 3.63 -3.70
C ALA A 73 -4.89 4.72 -2.66
N ILE A 74 -4.59 4.37 -1.41
CA ILE A 74 -4.74 5.31 -0.30
C ILE A 74 -3.49 5.28 0.57
N VAL A 75 -3.18 6.40 1.21
CA VAL A 75 -2.01 6.48 2.08
C VAL A 75 -2.40 6.42 3.54
N ILE A 76 -1.66 5.65 4.33
CA ILE A 76 -1.93 5.50 5.74
C ILE A 76 -0.64 5.54 6.57
N LEU A 77 -0.71 6.23 7.70
CA LEU A 77 0.44 6.36 8.59
C LEU A 77 0.26 5.44 9.81
N GLU A 78 1.00 4.34 9.83
CA GLU A 78 0.93 3.39 10.92
C GLU A 78 2.30 3.12 11.53
N SER A 79 2.34 2.86 12.83
CA SER A 79 3.58 2.58 13.52
C SER A 79 3.87 1.09 13.57
N LEU A 1 15.87 1.51 2.87
CA LEU A 1 15.88 1.92 4.30
C LEU A 1 15.07 0.95 5.16
N LYS A 2 15.47 0.81 6.42
CA LYS A 2 14.77 -0.08 7.34
C LYS A 2 14.76 0.50 8.75
N LYS A 3 15.92 0.96 9.21
CA LYS A 3 16.04 1.54 10.55
C LYS A 3 16.17 3.06 10.46
N THR A 4 15.03 3.75 10.54
CA THR A 4 15.02 5.21 10.48
C THR A 4 14.20 5.79 11.62
N SER A 5 13.02 5.23 11.85
CA SER A 5 12.14 5.70 12.91
C SER A 5 10.96 4.74 13.11
N SER A 6 10.75 4.31 14.34
CA SER A 6 9.67 3.40 14.67
C SER A 6 8.47 4.16 15.24
N SER A 7 8.25 5.37 14.74
CA SER A 7 7.14 6.19 15.19
C SER A 7 5.97 6.14 14.21
N GLY A 8 6.30 5.96 12.93
CA GLY A 8 5.28 5.89 11.91
C GLY A 8 5.84 5.58 10.53
N LEU A 9 4.98 5.14 9.62
CA LEU A 9 5.40 4.82 8.26
C LEU A 9 4.31 5.21 7.29
N TYR A 10 4.72 5.77 6.16
CA TYR A 10 3.77 6.17 5.14
C TYR A 10 3.75 5.14 4.01
N LYS A 11 2.67 4.37 3.97
CA LYS A 11 2.52 3.34 2.95
C LYS A 11 1.19 3.53 2.21
N VAL A 12 1.14 3.09 0.95
CA VAL A 12 -0.07 3.22 0.16
C VAL A 12 -0.77 1.87 0.03
N GLN A 13 -2.09 1.84 0.19
CA GLN A 13 -2.86 0.60 0.09
C GLN A 13 -4.02 0.75 -0.89
N ILE A 14 -4.20 -0.27 -1.73
CA ILE A 14 -5.27 -0.22 -2.73
C ILE A 14 -6.43 -1.16 -2.41
N GLY A 15 -6.31 -1.99 -1.38
CA GLY A 15 -7.42 -2.87 -1.04
C GLY A 15 -7.08 -4.06 -0.17
N ALA A 16 -8.13 -4.78 0.24
CA ALA A 16 -8.02 -5.98 1.06
C ALA A 16 -9.21 -6.89 0.76
N PHE A 17 -8.98 -8.20 0.74
CA PHE A 17 -10.06 -9.15 0.44
C PHE A 17 -9.80 -10.50 1.08
N LYS A 18 -10.87 -11.20 1.41
CA LYS A 18 -10.78 -12.52 2.03
C LYS A 18 -10.03 -13.51 1.13
N VAL A 19 -9.87 -13.16 -0.14
CA VAL A 19 -9.18 -14.04 -1.09
C VAL A 19 -7.81 -13.49 -1.47
N LYS A 20 -6.79 -14.33 -1.32
CA LYS A 20 -5.42 -13.97 -1.64
C LYS A 20 -5.23 -13.87 -3.14
N ALA A 21 -5.86 -14.78 -3.88
CA ALA A 21 -5.76 -14.79 -5.34
C ALA A 21 -6.16 -13.41 -5.87
N ASN A 22 -7.13 -12.80 -5.20
CA ASN A 22 -7.59 -11.47 -5.56
C ASN A 22 -6.54 -10.45 -5.15
N ALA A 23 -5.85 -10.75 -4.04
CA ALA A 23 -4.81 -9.86 -3.55
C ALA A 23 -3.56 -9.94 -4.42
N ASP A 24 -3.44 -11.02 -5.19
CA ASP A 24 -2.30 -11.23 -6.07
C ASP A 24 -2.50 -10.47 -7.38
N SER A 25 -3.72 -10.46 -7.88
CA SER A 25 -4.04 -9.77 -9.12
C SER A 25 -3.94 -8.26 -8.90
N LEU A 26 -4.34 -7.83 -7.71
CA LEU A 26 -4.29 -6.42 -7.35
C LEU A 26 -2.84 -5.94 -7.26
N ALA A 27 -2.02 -6.66 -6.51
CA ALA A 27 -0.62 -6.32 -6.38
C ALA A 27 0.07 -6.29 -7.75
N SER A 28 -0.46 -7.10 -8.67
CA SER A 28 0.08 -7.18 -10.01
C SER A 28 -0.15 -5.87 -10.76
N ASN A 29 -1.34 -5.30 -10.59
CA ASN A 29 -1.67 -4.03 -11.24
C ASN A 29 -0.71 -2.93 -10.82
N ALA A 30 -0.49 -2.83 -9.51
CA ALA A 30 0.41 -1.81 -8.98
C ALA A 30 1.80 -1.97 -9.55
N GLU A 31 2.26 -3.22 -9.65
CA GLU A 31 3.58 -3.51 -10.19
C GLU A 31 3.72 -2.92 -11.59
N ALA A 32 2.64 -2.97 -12.35
CA ALA A 32 2.61 -2.43 -13.70
C ALA A 32 3.09 -0.98 -13.70
N LYS A 33 2.49 -0.17 -12.83
CA LYS A 33 2.89 1.22 -12.72
C LYS A 33 4.33 1.31 -12.27
N GLY A 34 4.75 0.28 -11.53
CA GLY A 34 6.11 0.22 -11.04
C GLY A 34 6.22 0.44 -9.56
N PHE A 35 5.19 0.00 -8.83
CA PHE A 35 5.18 0.14 -7.38
C PHE A 35 5.53 -1.17 -6.71
N ASP A 36 5.96 -1.09 -5.45
CA ASP A 36 6.30 -2.29 -4.69
C ASP A 36 5.07 -2.83 -3.99
N SER A 37 4.41 -3.80 -4.63
CA SER A 37 3.20 -4.38 -4.07
C SER A 37 3.55 -5.42 -3.01
N ILE A 38 2.59 -5.67 -2.13
CA ILE A 38 2.79 -6.62 -1.05
C ILE A 38 1.45 -7.18 -0.56
N VAL A 39 1.40 -8.49 -0.35
CA VAL A 39 0.18 -9.13 0.11
C VAL A 39 0.35 -9.68 1.53
N LEU A 40 -0.37 -9.07 2.47
CA LEU A 40 -0.29 -9.50 3.87
C LEU A 40 -1.63 -10.07 4.34
N LEU A 41 -1.58 -11.22 4.98
CA LEU A 41 -2.78 -11.87 5.48
C LEU A 41 -3.09 -11.44 6.91
N LYS A 42 -4.18 -10.70 7.07
CA LYS A 42 -4.62 -10.24 8.38
C LYS A 42 -5.82 -11.08 8.81
N ASP A 43 -6.01 -11.23 10.12
CA ASP A 43 -7.14 -12.01 10.65
C ASP A 43 -7.49 -13.18 9.72
N GLY A 44 -8.28 -12.90 8.70
CA GLY A 44 -8.66 -13.92 7.74
C GLY A 44 -8.78 -13.35 6.33
N LEU A 45 -8.20 -12.18 6.11
CA LEU A 45 -8.23 -11.51 4.80
C LEU A 45 -6.83 -11.16 4.33
N TYR A 46 -6.73 -10.82 3.05
CA TYR A 46 -5.45 -10.44 2.45
C TYR A 46 -5.54 -9.00 1.96
N LYS A 47 -4.47 -8.24 2.20
CA LYS A 47 -4.43 -6.84 1.78
C LYS A 47 -3.31 -6.61 0.79
N VAL A 48 -3.45 -5.57 -0.01
CA VAL A 48 -2.46 -5.24 -1.01
C VAL A 48 -1.97 -3.80 -0.84
N GLN A 49 -0.72 -3.68 -0.39
CA GLN A 49 -0.10 -2.38 -0.19
C GLN A 49 0.94 -2.11 -1.26
N ILE A 50 1.01 -0.87 -1.73
CA ILE A 50 1.97 -0.48 -2.75
C ILE A 50 2.63 0.85 -2.41
N GLY A 51 3.95 0.80 -2.34
CA GLY A 51 4.75 1.98 -2.05
C GLY A 51 4.80 2.30 -0.56
N ALA A 52 5.94 2.00 0.07
CA ALA A 52 6.12 2.26 1.48
C ALA A 52 7.40 3.05 1.71
N PHE A 53 7.26 4.30 2.15
CA PHE A 53 8.41 5.16 2.39
C PHE A 53 8.34 5.81 3.78
N SER A 54 9.43 6.46 4.16
CA SER A 54 9.51 7.15 5.45
C SER A 54 8.83 8.51 5.39
N SER A 55 8.63 9.02 4.18
CA SER A 55 7.98 10.32 3.99
C SER A 55 6.62 10.16 3.32
N LYS A 56 5.60 10.80 3.90
CA LYS A 56 4.25 10.73 3.36
C LYS A 56 4.20 11.21 1.92
N ASP A 57 4.96 12.26 1.60
CA ASP A 57 5.01 12.80 0.25
C ASP A 57 5.15 11.69 -0.78
N ASN A 58 5.83 10.62 -0.39
CA ASN A 58 6.04 9.48 -1.28
C ASN A 58 4.74 8.70 -1.45
N ALA A 59 4.10 8.39 -0.32
CA ALA A 59 2.84 7.66 -0.35
C ALA A 59 1.79 8.38 -1.18
N ASP A 60 1.71 9.70 -1.02
CA ASP A 60 0.74 10.51 -1.76
C ASP A 60 0.98 10.39 -3.26
N THR A 61 2.23 10.57 -3.67
CA THR A 61 2.60 10.48 -5.08
C THR A 61 2.27 9.10 -5.64
N LEU A 62 2.45 8.07 -4.81
CA LEU A 62 2.18 6.70 -5.20
C LEU A 62 0.69 6.49 -5.35
N ALA A 63 -0.01 6.86 -4.30
CA ALA A 63 -1.44 6.69 -4.24
C ALA A 63 -2.11 7.35 -5.44
N ALA A 64 -1.89 8.66 -5.58
CA ALA A 64 -2.46 9.42 -6.69
C ALA A 64 -2.15 8.74 -8.01
N ARG A 65 -0.94 8.20 -8.11
CA ARG A 65 -0.51 7.50 -9.30
C ARG A 65 -1.35 6.25 -9.50
N ALA A 66 -1.67 5.58 -8.39
CA ALA A 66 -2.49 4.39 -8.44
C ALA A 66 -3.89 4.74 -8.92
N LYS A 67 -4.41 5.84 -8.41
CA LYS A 67 -5.73 6.30 -8.81
C LYS A 67 -5.74 6.60 -10.31
N ASN A 68 -4.72 7.32 -10.76
CA ASN A 68 -4.58 7.65 -12.17
C ASN A 68 -4.25 6.38 -12.96
N ALA A 69 -3.64 5.42 -12.27
CA ALA A 69 -3.27 4.14 -12.88
C ALA A 69 -4.48 3.24 -13.05
N GLY A 70 -5.51 3.46 -12.24
CA GLY A 70 -6.70 2.65 -12.31
C GLY A 70 -6.87 1.81 -11.06
N PHE A 71 -6.27 2.28 -9.96
CA PHE A 71 -6.34 1.57 -8.69
C PHE A 71 -6.73 2.55 -7.59
N ASP A 72 -7.42 2.06 -6.57
CA ASP A 72 -7.84 2.90 -5.46
C ASP A 72 -6.81 2.87 -4.34
N ALA A 73 -5.67 3.52 -4.55
CA ALA A 73 -4.62 3.56 -3.54
C ALA A 73 -4.84 4.69 -2.53
N ILE A 74 -4.56 4.39 -1.28
CA ILE A 74 -4.71 5.36 -0.20
C ILE A 74 -3.46 5.36 0.68
N VAL A 75 -3.17 6.48 1.31
CA VAL A 75 -1.99 6.57 2.17
C VAL A 75 -2.39 6.48 3.64
N ILE A 76 -1.61 5.73 4.42
CA ILE A 76 -1.88 5.55 5.83
C ILE A 76 -0.59 5.55 6.64
N LEU A 77 -0.62 6.23 7.79
CA LEU A 77 0.53 6.31 8.68
C LEU A 77 0.49 5.18 9.70
N GLU A 78 1.37 4.20 9.53
CA GLU A 78 1.42 3.06 10.44
C GLU A 78 2.56 3.21 11.44
N SER A 79 2.23 3.13 12.73
CA SER A 79 3.22 3.26 13.79
C SER A 79 4.32 2.21 13.64
N LEU A 1 9.64 5.48 24.18
CA LEU A 1 10.82 5.49 23.29
C LEU A 1 12.13 5.50 24.09
N LYS A 2 13.01 4.56 23.79
CA LYS A 2 14.29 4.46 24.47
C LYS A 2 15.44 4.85 23.55
N LYS A 3 15.27 4.57 22.25
CA LYS A 3 16.29 4.91 21.27
C LYS A 3 15.65 5.24 19.92
N THR A 4 16.24 6.20 19.22
CA THR A 4 15.73 6.63 17.93
C THR A 4 14.30 7.14 18.04
N SER A 5 14.15 8.46 18.01
CA SER A 5 12.84 9.08 18.11
C SER A 5 12.12 9.07 16.76
N SER A 6 11.57 7.92 16.40
CA SER A 6 10.86 7.77 15.14
C SER A 6 9.73 6.75 15.25
N SER A 7 8.53 7.14 14.87
CA SER A 7 7.38 6.25 14.93
C SER A 7 6.37 6.57 13.84
N GLY A 8 6.04 5.58 13.01
CA GLY A 8 5.10 5.79 11.94
C GLY A 8 5.70 5.48 10.57
N LEU A 9 4.84 5.07 9.64
CA LEU A 9 5.30 4.74 8.29
C LEU A 9 4.24 5.16 7.28
N TYR A 10 4.68 5.71 6.17
CA TYR A 10 3.77 6.14 5.13
C TYR A 10 3.74 5.11 4.00
N LYS A 11 2.65 4.37 3.94
CA LYS A 11 2.48 3.34 2.90
C LYS A 11 1.17 3.55 2.16
N VAL A 12 1.11 3.08 0.91
CA VAL A 12 -0.10 3.21 0.13
C VAL A 12 -0.82 1.88 0.00
N GLN A 13 -2.15 1.89 0.09
CA GLN A 13 -2.93 0.66 0.01
C GLN A 13 -4.09 0.82 -0.96
N ILE A 14 -4.32 -0.21 -1.79
CA ILE A 14 -5.40 -0.16 -2.78
C ILE A 14 -6.55 -1.11 -2.45
N GLY A 15 -6.41 -1.94 -1.42
CA GLY A 15 -7.52 -2.82 -1.08
C GLY A 15 -7.15 -4.01 -0.21
N ALA A 16 -8.19 -4.73 0.22
CA ALA A 16 -8.03 -5.93 1.04
C ALA A 16 -9.20 -6.89 0.77
N PHE A 17 -8.90 -8.17 0.58
CA PHE A 17 -9.94 -9.16 0.31
C PHE A 17 -9.62 -10.49 0.99
N LYS A 18 -10.67 -11.21 1.38
CA LYS A 18 -10.50 -12.50 2.04
C LYS A 18 -9.77 -13.51 1.15
N VAL A 19 -9.62 -13.18 -0.13
CA VAL A 19 -8.94 -14.09 -1.07
C VAL A 19 -7.56 -13.56 -1.47
N LYS A 20 -6.56 -14.42 -1.34
CA LYS A 20 -5.19 -14.08 -1.69
C LYS A 20 -5.04 -13.94 -3.20
N ALA A 21 -5.66 -14.85 -3.95
CA ALA A 21 -5.60 -14.80 -5.41
C ALA A 21 -6.02 -13.42 -5.89
N ASN A 22 -6.96 -12.83 -5.17
CA ASN A 22 -7.44 -11.50 -5.50
C ASN A 22 -6.41 -10.47 -5.05
N ALA A 23 -5.71 -10.78 -3.97
CA ALA A 23 -4.69 -9.88 -3.44
C ALA A 23 -3.44 -9.89 -4.33
N ASP A 24 -3.29 -10.96 -5.10
CA ASP A 24 -2.14 -11.11 -6.00
C ASP A 24 -2.38 -10.38 -7.31
N SER A 25 -3.62 -10.43 -7.80
CA SER A 25 -3.99 -9.75 -9.04
C SER A 25 -3.90 -8.25 -8.83
N LEU A 26 -4.30 -7.81 -7.65
CA LEU A 26 -4.26 -6.39 -7.29
C LEU A 26 -2.83 -5.90 -7.22
N ALA A 27 -2.00 -6.61 -6.45
CA ALA A 27 -0.60 -6.26 -6.31
C ALA A 27 0.09 -6.25 -7.68
N SER A 28 -0.47 -7.01 -8.61
CA SER A 28 0.07 -7.10 -9.96
C SER A 28 -0.19 -5.81 -10.73
N ASN A 29 -1.39 -5.25 -10.56
CA ASN A 29 -1.75 -4.01 -11.24
C ASN A 29 -0.81 -2.89 -10.85
N ALA A 30 -0.56 -2.76 -9.54
CA ALA A 30 0.32 -1.73 -9.04
C ALA A 30 1.73 -1.92 -9.59
N GLU A 31 2.17 -3.16 -9.66
CA GLU A 31 3.50 -3.48 -10.19
C GLU A 31 3.67 -2.89 -11.58
N ALA A 32 2.60 -2.93 -12.36
CA ALA A 32 2.60 -2.39 -13.71
C ALA A 32 3.09 -0.95 -13.71
N LYS A 33 2.50 -0.12 -12.86
CA LYS A 33 2.90 1.26 -12.76
C LYS A 33 4.35 1.32 -12.28
N GLY A 34 4.74 0.31 -11.52
CA GLY A 34 6.09 0.23 -11.02
C GLY A 34 6.17 0.46 -9.53
N PHE A 35 5.13 0.03 -8.82
CA PHE A 35 5.09 0.19 -7.37
C PHE A 35 5.44 -1.12 -6.67
N ASP A 36 5.91 -1.02 -5.45
CA ASP A 36 6.26 -2.19 -4.67
C ASP A 36 5.03 -2.75 -3.97
N SER A 37 4.39 -3.72 -4.61
CA SER A 37 3.18 -4.31 -4.05
C SER A 37 3.51 -5.33 -2.96
N ILE A 38 2.57 -5.55 -2.07
CA ILE A 38 2.76 -6.46 -0.96
C ILE A 38 1.42 -7.01 -0.47
N VAL A 39 1.37 -8.32 -0.23
CA VAL A 39 0.15 -8.95 0.24
C VAL A 39 0.31 -9.47 1.67
N LEU A 40 -0.39 -8.84 2.61
CA LEU A 40 -0.32 -9.25 4.01
C LEU A 40 -1.57 -10.00 4.42
N LEU A 41 -1.39 -11.22 4.88
CA LEU A 41 -2.51 -12.05 5.31
C LEU A 41 -2.88 -11.75 6.76
N LYS A 42 -4.04 -11.13 6.94
CA LYS A 42 -4.54 -10.81 8.27
C LYS A 42 -5.46 -11.93 8.74
N ASP A 43 -5.79 -11.93 10.02
CA ASP A 43 -6.65 -12.95 10.60
C ASP A 43 -8.01 -13.05 9.91
N GLY A 44 -8.02 -13.47 8.64
CA GLY A 44 -9.27 -13.62 7.91
C GLY A 44 -9.35 -12.84 6.60
N LEU A 45 -8.39 -11.96 6.36
CA LEU A 45 -8.39 -11.16 5.13
C LEU A 45 -7.00 -10.91 4.58
N TYR A 46 -6.92 -10.69 3.27
CA TYR A 46 -5.66 -10.39 2.60
C TYR A 46 -5.66 -8.94 2.13
N LYS A 47 -4.57 -8.23 2.35
CA LYS A 47 -4.49 -6.84 1.94
C LYS A 47 -3.40 -6.62 0.91
N VAL A 48 -3.55 -5.57 0.12
CA VAL A 48 -2.60 -5.25 -0.92
C VAL A 48 -2.11 -3.81 -0.80
N GLN A 49 -0.86 -3.66 -0.39
CA GLN A 49 -0.25 -2.34 -0.22
C GLN A 49 0.81 -2.10 -1.29
N ILE A 50 0.89 -0.86 -1.75
CA ILE A 50 1.85 -0.49 -2.77
C ILE A 50 2.56 0.82 -2.44
N GLY A 51 3.88 0.75 -2.39
CA GLY A 51 4.70 1.91 -2.09
C GLY A 51 4.75 2.23 -0.61
N ALA A 52 5.88 1.91 0.02
CA ALA A 52 6.07 2.18 1.44
C ALA A 52 7.36 2.95 1.66
N PHE A 53 7.25 4.13 2.25
CA PHE A 53 8.42 4.97 2.50
C PHE A 53 8.35 5.64 3.87
N SER A 54 9.45 6.28 4.25
CA SER A 54 9.52 6.97 5.53
C SER A 54 8.87 8.35 5.44
N SER A 55 8.68 8.84 4.22
CA SER A 55 8.07 10.14 4.00
C SER A 55 6.71 10.01 3.30
N LYS A 56 5.71 10.69 3.85
CA LYS A 56 4.36 10.64 3.28
C LYS A 56 4.36 11.10 1.83
N ASP A 57 5.17 12.11 1.52
CA ASP A 57 5.26 12.64 0.17
C ASP A 57 5.36 11.51 -0.86
N ASN A 58 6.00 10.43 -0.46
CA ASN A 58 6.17 9.27 -1.33
C ASN A 58 4.84 8.54 -1.50
N ALA A 59 4.18 8.26 -0.39
CA ALA A 59 2.90 7.57 -0.40
C ALA A 59 1.88 8.33 -1.24
N ASP A 60 1.83 9.65 -1.05
CA ASP A 60 0.89 10.48 -1.79
C ASP A 60 1.09 10.36 -3.29
N THR A 61 2.33 10.54 -3.74
CA THR A 61 2.65 10.43 -5.16
C THR A 61 2.30 9.06 -5.70
N LEU A 62 2.47 8.03 -4.87
CA LEU A 62 2.16 6.66 -5.26
C LEU A 62 0.68 6.47 -5.39
N ALA A 63 -0.01 6.84 -4.32
CA ALA A 63 -1.43 6.70 -4.26
C ALA A 63 -2.11 7.35 -5.45
N ALA A 64 -1.87 8.66 -5.61
CA ALA A 64 -2.44 9.41 -6.72
C ALA A 64 -2.12 8.73 -8.04
N ARG A 65 -0.92 8.17 -8.14
CA ARG A 65 -0.50 7.47 -9.33
C ARG A 65 -1.37 6.23 -9.54
N ALA A 66 -1.71 5.58 -8.42
CA ALA A 66 -2.55 4.40 -8.47
C ALA A 66 -3.94 4.77 -8.96
N LYS A 67 -4.44 5.90 -8.47
CA LYS A 67 -5.75 6.38 -8.88
C LYS A 67 -5.74 6.66 -10.37
N ASN A 68 -4.71 7.36 -10.82
CA ASN A 68 -4.55 7.67 -12.24
C ASN A 68 -4.23 6.40 -13.01
N ALA A 69 -3.65 5.42 -12.31
CA ALA A 69 -3.29 4.16 -12.91
C ALA A 69 -4.51 3.25 -13.08
N GLY A 70 -5.54 3.50 -12.29
CA GLY A 70 -6.75 2.70 -12.36
C GLY A 70 -6.94 1.88 -11.10
N PHE A 71 -6.35 2.35 -10.01
CA PHE A 71 -6.43 1.66 -8.73
C PHE A 71 -6.81 2.64 -7.63
N ASP A 72 -7.52 2.17 -6.62
CA ASP A 72 -7.93 3.04 -5.52
C ASP A 72 -6.90 2.98 -4.39
N ALA A 73 -5.75 3.62 -4.59
CA ALA A 73 -4.71 3.64 -3.58
C ALA A 73 -4.89 4.78 -2.59
N ILE A 74 -4.59 4.50 -1.33
CA ILE A 74 -4.70 5.50 -0.28
C ILE A 74 -3.46 5.45 0.61
N VAL A 75 -3.12 6.58 1.24
CA VAL A 75 -1.95 6.63 2.11
C VAL A 75 -2.36 6.54 3.57
N ILE A 76 -1.61 5.74 4.34
CA ILE A 76 -1.89 5.57 5.75
C ILE A 76 -0.61 5.59 6.58
N LEU A 77 -0.66 6.32 7.69
CA LEU A 77 0.48 6.45 8.58
C LEU A 77 0.34 5.48 9.76
N GLU A 78 1.11 4.39 9.72
CA GLU A 78 1.06 3.38 10.78
C GLU A 78 2.42 3.24 11.45
N SER A 79 2.39 3.12 12.78
CA SER A 79 3.62 2.97 13.56
C SER A 79 3.92 1.50 13.84
N LEU A 1 9.98 8.85 33.37
CA LEU A 1 11.25 8.29 32.85
C LEU A 1 11.40 8.54 31.35
N LYS A 2 10.53 7.91 30.58
CA LYS A 2 10.56 8.05 29.12
C LYS A 2 9.22 7.66 28.52
N LYS A 3 8.67 8.56 27.69
CA LYS A 3 7.39 8.30 27.05
C LYS A 3 7.17 9.24 25.87
N THR A 4 7.47 8.77 24.66
CA THR A 4 7.33 9.58 23.45
C THR A 4 7.22 8.69 22.22
N SER A 5 6.01 8.57 21.68
CA SER A 5 5.77 7.75 20.50
C SER A 5 5.76 8.62 19.24
N SER A 6 6.94 8.83 18.67
CA SER A 6 7.06 9.62 17.45
C SER A 6 7.39 8.75 16.24
N SER A 7 6.88 7.52 16.27
CA SER A 7 7.12 6.58 15.17
C SER A 7 5.99 6.66 14.14
N GLY A 8 6.24 6.11 12.95
CA GLY A 8 5.25 6.13 11.90
C GLY A 8 5.82 5.78 10.55
N LEU A 9 4.97 5.34 9.63
CA LEU A 9 5.40 4.97 8.30
C LEU A 9 4.35 5.35 7.29
N TYR A 10 4.79 5.88 6.16
CA TYR A 10 3.87 6.28 5.12
C TYR A 10 3.85 5.24 4.01
N LYS A 11 2.75 4.49 3.96
CA LYS A 11 2.59 3.45 2.96
C LYS A 11 1.27 3.63 2.21
N VAL A 12 1.21 3.15 0.97
CA VAL A 12 -0.02 3.28 0.18
C VAL A 12 -0.69 1.91 0.03
N GLN A 13 -2.01 1.87 0.21
CA GLN A 13 -2.75 0.61 0.11
C GLN A 13 -3.93 0.75 -0.86
N ILE A 14 -4.14 -0.26 -1.69
CA ILE A 14 -5.22 -0.22 -2.66
C ILE A 14 -6.38 -1.15 -2.33
N GLY A 15 -6.27 -1.96 -1.28
CA GLY A 15 -7.40 -2.82 -0.93
C GLY A 15 -7.05 -4.04 -0.08
N ALA A 16 -8.11 -4.77 0.29
CA ALA A 16 -7.99 -6.01 1.06
C ALA A 16 -9.16 -6.92 0.72
N PHE A 17 -8.94 -8.23 0.68
CA PHE A 17 -10.01 -9.17 0.35
C PHE A 17 -9.77 -10.54 0.97
N LYS A 18 -10.85 -11.18 1.40
CA LYS A 18 -10.77 -12.51 2.01
C LYS A 18 -10.01 -13.50 1.13
N VAL A 19 -9.85 -13.19 -0.14
CA VAL A 19 -9.16 -14.08 -1.06
C VAL A 19 -7.78 -13.56 -1.45
N LYS A 20 -6.77 -14.42 -1.27
CA LYS A 20 -5.40 -14.08 -1.59
C LYS A 20 -5.21 -13.98 -3.09
N ALA A 21 -5.80 -14.90 -3.84
CA ALA A 21 -5.69 -14.89 -5.29
C ALA A 21 -6.08 -13.51 -5.82
N ASN A 22 -7.05 -12.89 -5.16
CA ASN A 22 -7.50 -11.56 -5.52
C ASN A 22 -6.47 -10.55 -5.08
N ALA A 23 -5.80 -10.84 -3.97
CA ALA A 23 -4.76 -9.95 -3.44
C ALA A 23 -3.53 -9.97 -4.33
N ASP A 24 -3.32 -11.10 -5.03
CA ASP A 24 -2.18 -11.25 -5.92
C ASP A 24 -2.41 -10.50 -7.22
N SER A 25 -3.65 -10.52 -7.69
CA SER A 25 -4.01 -9.82 -8.92
C SER A 25 -3.87 -8.32 -8.72
N LEU A 26 -4.18 -7.88 -7.50
CA LEU A 26 -4.11 -6.47 -7.15
C LEU A 26 -2.65 -6.01 -7.09
N ALA A 27 -1.83 -6.75 -6.33
CA ALA A 27 -0.41 -6.42 -6.22
C ALA A 27 0.25 -6.38 -7.59
N SER A 28 -0.32 -7.14 -8.53
CA SER A 28 0.20 -7.21 -9.88
C SER A 28 -0.13 -5.94 -10.66
N ASN A 29 -1.33 -5.42 -10.48
CA ASN A 29 -1.75 -4.20 -11.17
C ASN A 29 -0.85 -3.03 -10.80
N ALA A 30 -0.63 -2.85 -9.50
CA ALA A 30 0.22 -1.77 -9.03
C ALA A 30 1.63 -1.95 -9.56
N GLU A 31 2.09 -3.19 -9.60
CA GLU A 31 3.43 -3.49 -10.11
C GLU A 31 3.60 -2.93 -11.51
N ALA A 32 2.53 -2.97 -12.29
CA ALA A 32 2.53 -2.45 -13.65
C ALA A 32 2.99 -1.00 -13.67
N LYS A 33 2.39 -0.19 -12.80
CA LYS A 33 2.77 1.22 -12.71
C LYS A 33 4.22 1.31 -12.26
N GLY A 34 4.65 0.30 -11.50
CA GLY A 34 6.01 0.24 -11.03
C GLY A 34 6.10 0.50 -9.54
N PHE A 35 5.09 0.07 -8.80
CA PHE A 35 5.07 0.25 -7.36
C PHE A 35 5.46 -1.05 -6.65
N ASP A 36 5.92 -0.92 -5.42
CA ASP A 36 6.30 -2.08 -4.63
C ASP A 36 5.08 -2.67 -3.94
N SER A 37 4.45 -3.65 -4.58
CA SER A 37 3.26 -4.27 -4.03
C SER A 37 3.62 -5.30 -2.97
N ILE A 38 2.65 -5.57 -2.10
CA ILE A 38 2.85 -6.52 -1.01
C ILE A 38 1.51 -7.04 -0.51
N VAL A 39 1.45 -8.33 -0.20
CA VAL A 39 0.22 -8.94 0.28
C VAL A 39 0.40 -9.51 1.68
N LEU A 40 -0.35 -8.96 2.64
CA LEU A 40 -0.29 -9.43 4.02
C LEU A 40 -1.55 -10.21 4.38
N LEU A 41 -1.36 -11.46 4.78
CA LEU A 41 -2.48 -12.30 5.16
C LEU A 41 -3.01 -11.94 6.55
N LYS A 42 -4.17 -11.33 6.57
CA LYS A 42 -4.83 -10.93 7.81
C LYS A 42 -5.74 -12.04 8.31
N ASP A 43 -6.16 -11.95 9.57
CA ASP A 43 -7.03 -12.97 10.15
C ASP A 43 -8.36 -13.07 9.40
N GLY A 44 -8.31 -13.52 8.16
CA GLY A 44 -9.51 -13.68 7.36
C GLY A 44 -9.52 -12.81 6.10
N LEU A 45 -8.58 -11.88 5.99
CA LEU A 45 -8.52 -11.00 4.82
C LEU A 45 -7.11 -10.78 4.32
N TYR A 46 -6.98 -10.60 3.02
CA TYR A 46 -5.68 -10.34 2.40
C TYR A 46 -5.61 -8.90 1.93
N LYS A 47 -4.58 -8.18 2.34
CA LYS A 47 -4.43 -6.79 1.95
C LYS A 47 -3.32 -6.61 0.93
N VAL A 48 -3.46 -5.58 0.11
CA VAL A 48 -2.47 -5.29 -0.92
C VAL A 48 -1.98 -3.86 -0.81
N GLN A 49 -0.75 -3.71 -0.34
CA GLN A 49 -0.15 -2.39 -0.17
C GLN A 49 0.90 -2.13 -1.25
N ILE A 50 0.94 -0.89 -1.73
CA ILE A 50 1.88 -0.51 -2.76
C ILE A 50 2.55 0.83 -2.43
N GLY A 51 3.87 0.80 -2.37
CA GLY A 51 4.66 1.98 -2.09
C GLY A 51 4.73 2.29 -0.60
N ALA A 52 5.90 2.09 -0.01
CA ALA A 52 6.11 2.36 1.40
C ALA A 52 7.41 3.13 1.60
N PHE A 53 7.32 4.29 2.26
CA PHE A 53 8.50 5.12 2.49
C PHE A 53 8.44 5.80 3.86
N SER A 54 9.53 6.51 4.19
CA SER A 54 9.61 7.22 5.46
C SER A 54 8.95 8.59 5.37
N SER A 55 8.77 9.08 4.13
CA SER A 55 8.15 10.39 3.91
C SER A 55 6.78 10.24 3.26
N LYS A 56 5.78 10.90 3.86
CA LYS A 56 4.42 10.84 3.35
C LYS A 56 4.35 11.30 1.90
N ASP A 57 5.15 12.29 1.54
CA ASP A 57 5.17 12.81 0.17
C ASP A 57 5.33 11.67 -0.84
N ASN A 58 6.04 10.62 -0.44
CA ASN A 58 6.26 9.47 -1.30
C ASN A 58 4.97 8.67 -1.48
N ALA A 59 4.32 8.36 -0.36
CA ALA A 59 3.08 7.60 -0.39
C ALA A 59 2.00 8.34 -1.17
N ASP A 60 1.89 9.64 -0.96
CA ASP A 60 0.90 10.45 -1.66
C ASP A 60 1.07 10.34 -3.17
N THR A 61 2.28 10.58 -3.64
CA THR A 61 2.58 10.50 -5.06
C THR A 61 2.19 9.14 -5.63
N LEU A 62 2.45 8.09 -4.86
CA LEU A 62 2.13 6.73 -5.24
C LEU A 62 0.63 6.54 -5.32
N ALA A 63 -0.03 6.94 -4.24
CA ALA A 63 -1.44 6.79 -4.13
C ALA A 63 -2.17 7.37 -5.34
N ALA A 64 -2.01 8.69 -5.54
CA ALA A 64 -2.64 9.37 -6.66
C ALA A 64 -2.30 8.69 -7.98
N ARG A 65 -1.08 8.17 -8.07
CA ARG A 65 -0.63 7.49 -9.27
C ARG A 65 -1.46 6.23 -9.49
N ALA A 66 -1.75 5.53 -8.40
CA ALA A 66 -2.56 4.33 -8.47
C ALA A 66 -3.96 4.68 -8.92
N LYS A 67 -4.48 5.78 -8.41
CA LYS A 67 -5.81 6.24 -8.78
C LYS A 67 -5.84 6.55 -10.27
N ASN A 68 -4.83 7.28 -10.73
CA ASN A 68 -4.72 7.63 -12.13
C ASN A 68 -4.38 6.37 -12.94
N ALA A 69 -3.77 5.40 -12.28
CA ALA A 69 -3.39 4.15 -12.91
C ALA A 69 -4.60 3.22 -13.06
N GLY A 70 -5.62 3.44 -12.26
CA GLY A 70 -6.81 2.60 -12.31
C GLY A 70 -6.96 1.76 -11.07
N PHE A 71 -6.34 2.21 -9.98
CA PHE A 71 -6.38 1.50 -8.72
C PHE A 71 -6.77 2.46 -7.60
N ASP A 72 -7.43 1.94 -6.57
CA ASP A 72 -7.84 2.77 -5.45
C ASP A 72 -6.78 2.77 -4.35
N ALA A 73 -5.68 3.47 -4.58
CA ALA A 73 -4.60 3.55 -3.60
C ALA A 73 -4.82 4.68 -2.60
N ILE A 74 -4.52 4.41 -1.35
CA ILE A 74 -4.64 5.39 -0.28
C ILE A 74 -3.39 5.39 0.58
N VAL A 75 -3.09 6.52 1.21
CA VAL A 75 -1.92 6.62 2.06
C VAL A 75 -2.30 6.62 3.54
N ILE A 76 -1.54 5.90 4.34
CA ILE A 76 -1.81 5.82 5.77
C ILE A 76 -0.52 5.81 6.58
N LEU A 77 -0.54 6.49 7.73
CA LEU A 77 0.61 6.55 8.61
C LEU A 77 0.57 5.42 9.63
N GLU A 78 1.44 4.45 9.47
CA GLU A 78 1.50 3.30 10.39
C GLU A 78 2.45 3.57 11.53
N SER A 79 1.90 3.87 12.71
CA SER A 79 2.69 4.15 13.89
C SER A 79 3.61 2.97 14.23
N LEU A 1 12.34 20.45 27.02
CA LEU A 1 12.54 19.06 26.55
C LEU A 1 12.45 18.06 27.70
N LYS A 2 12.00 16.85 27.41
CA LYS A 2 11.86 15.81 28.43
C LYS A 2 11.56 14.46 27.79
N LYS A 3 10.68 14.47 26.80
CA LYS A 3 10.29 13.25 26.11
C LYS A 3 9.70 13.55 24.73
N THR A 4 10.37 13.09 23.68
CA THR A 4 9.91 13.32 22.32
C THR A 4 10.43 12.23 21.38
N SER A 5 9.59 11.81 20.43
CA SER A 5 9.97 10.78 19.48
C SER A 5 9.02 10.78 18.28
N SER A 6 9.59 10.71 17.08
CA SER A 6 8.79 10.69 15.86
C SER A 6 8.76 9.30 15.25
N SER A 7 7.57 8.69 15.21
CA SER A 7 7.42 7.36 14.64
C SER A 7 6.37 7.37 13.54
N GLY A 8 6.07 6.18 13.01
CA GLY A 8 5.08 6.06 11.95
C GLY A 8 5.71 5.76 10.60
N LEU A 9 4.88 5.32 9.66
CA LEU A 9 5.36 4.99 8.32
C LEU A 9 4.32 5.37 7.29
N TYR A 10 4.77 5.90 6.17
CA TYR A 10 3.86 6.30 5.12
C TYR A 10 3.84 5.25 4.02
N LYS A 11 2.75 4.51 3.95
CA LYS A 11 2.60 3.46 2.94
C LYS A 11 1.28 3.64 2.20
N VAL A 12 1.20 3.13 0.98
CA VAL A 12 -0.03 3.24 0.20
C VAL A 12 -0.71 1.88 0.09
N GLN A 13 -2.03 1.86 0.23
CA GLN A 13 -2.80 0.62 0.16
C GLN A 13 -3.96 0.76 -0.82
N ILE A 14 -4.15 -0.26 -1.66
CA ILE A 14 -5.22 -0.21 -2.65
C ILE A 14 -6.39 -1.16 -2.33
N GLY A 15 -6.28 -1.97 -1.28
CA GLY A 15 -7.41 -2.85 -0.96
C GLY A 15 -7.06 -4.07 -0.13
N ALA A 16 -8.09 -4.81 0.24
CA ALA A 16 -7.98 -6.05 1.00
C ALA A 16 -9.15 -6.98 0.65
N PHE A 17 -8.91 -8.28 0.61
CA PHE A 17 -9.97 -9.23 0.28
C PHE A 17 -9.71 -10.60 0.91
N LYS A 18 -10.80 -11.26 1.33
CA LYS A 18 -10.72 -12.57 1.95
C LYS A 18 -9.95 -13.58 1.08
N VAL A 19 -9.76 -13.25 -0.19
CA VAL A 19 -9.05 -14.16 -1.11
C VAL A 19 -7.67 -13.63 -1.48
N LYS A 20 -6.66 -14.47 -1.30
CA LYS A 20 -5.29 -14.12 -1.62
C LYS A 20 -5.09 -14.00 -3.12
N ALA A 21 -5.68 -14.94 -3.87
CA ALA A 21 -5.57 -14.91 -5.33
C ALA A 21 -5.98 -13.55 -5.85
N ASN A 22 -6.96 -12.96 -5.18
CA ASN A 22 -7.43 -11.64 -5.53
C ASN A 22 -6.42 -10.59 -5.09
N ALA A 23 -5.75 -10.88 -3.97
CA ALA A 23 -4.73 -9.97 -3.44
C ALA A 23 -3.49 -9.98 -4.34
N ASP A 24 -3.29 -11.09 -5.05
CA ASP A 24 -2.15 -11.23 -5.95
C ASP A 24 -2.40 -10.48 -7.25
N SER A 25 -3.64 -10.50 -7.70
CA SER A 25 -4.01 -9.80 -8.93
C SER A 25 -3.88 -8.30 -8.72
N LEU A 26 -4.19 -7.86 -7.52
CA LEU A 26 -4.10 -6.45 -7.16
C LEU A 26 -2.65 -6.01 -7.10
N ALA A 27 -1.84 -6.73 -6.34
CA ALA A 27 -0.42 -6.42 -6.24
C ALA A 27 0.24 -6.38 -7.61
N SER A 28 -0.35 -7.12 -8.55
CA SER A 28 0.16 -7.18 -9.91
C SER A 28 -0.17 -5.89 -10.68
N ASN A 29 -1.37 -5.38 -10.47
CA ASN A 29 -1.80 -4.16 -11.15
C ASN A 29 -0.88 -3.00 -10.77
N ALA A 30 -0.64 -2.83 -9.48
CA ALA A 30 0.21 -1.75 -9.01
C ALA A 30 1.62 -1.93 -9.56
N GLU A 31 2.07 -3.17 -9.62
CA GLU A 31 3.41 -3.48 -10.14
C GLU A 31 3.57 -2.91 -11.54
N ALA A 32 2.47 -2.93 -12.31
CA ALA A 32 2.48 -2.41 -13.66
C ALA A 32 2.97 -0.97 -13.69
N LYS A 33 2.38 -0.14 -12.84
CA LYS A 33 2.81 1.25 -12.75
C LYS A 33 4.25 1.32 -12.28
N GLY A 34 4.65 0.30 -11.51
CA GLY A 34 6.00 0.22 -11.03
C GLY A 34 6.11 0.47 -9.54
N PHE A 35 5.09 0.03 -8.80
CA PHE A 35 5.07 0.20 -7.36
C PHE A 35 5.44 -1.09 -6.65
N ASP A 36 5.88 -0.98 -5.41
CA ASP A 36 6.25 -2.14 -4.63
C ASP A 36 5.03 -2.72 -3.94
N SER A 37 4.41 -3.71 -4.56
CA SER A 37 3.21 -4.32 -4.01
C SER A 37 3.57 -5.34 -2.94
N ILE A 38 2.62 -5.60 -2.06
CA ILE A 38 2.82 -6.52 -0.95
C ILE A 38 1.48 -7.08 -0.47
N VAL A 39 1.44 -8.38 -0.19
CA VAL A 39 0.21 -9.02 0.28
C VAL A 39 0.37 -9.57 1.69
N LEU A 40 -0.38 -8.99 2.63
CA LEU A 40 -0.31 -9.44 4.02
C LEU A 40 -1.58 -10.21 4.39
N LEU A 41 -1.41 -11.45 4.82
CA LEU A 41 -2.53 -12.28 5.21
C LEU A 41 -3.06 -11.89 6.59
N LYS A 42 -4.22 -11.27 6.60
CA LYS A 42 -4.88 -10.84 7.83
C LYS A 42 -5.80 -11.94 8.34
N ASP A 43 -6.24 -11.82 9.58
CA ASP A 43 -7.12 -12.81 10.18
C ASP A 43 -8.44 -12.93 9.42
N GLY A 44 -8.37 -13.41 8.18
CA GLY A 44 -9.57 -13.57 7.38
C GLY A 44 -9.56 -12.74 6.10
N LEU A 45 -8.61 -11.82 5.97
CA LEU A 45 -8.55 -10.98 4.77
C LEU A 45 -7.12 -10.76 4.30
N TYR A 46 -6.96 -10.57 2.99
CA TYR A 46 -5.66 -10.32 2.39
C TYR A 46 -5.60 -8.88 1.92
N LYS A 47 -4.56 -8.16 2.32
CA LYS A 47 -4.41 -6.76 1.93
C LYS A 47 -3.30 -6.58 0.91
N VAL A 48 -3.45 -5.56 0.08
CA VAL A 48 -2.46 -5.27 -0.94
C VAL A 48 -1.97 -3.83 -0.83
N GLN A 49 -0.75 -3.68 -0.33
CA GLN A 49 -0.15 -2.36 -0.16
C GLN A 49 0.90 -2.10 -1.24
N ILE A 50 0.94 -0.86 -1.72
CA ILE A 50 1.90 -0.48 -2.75
C ILE A 50 2.58 0.84 -2.42
N GLY A 51 3.90 0.80 -2.37
CA GLY A 51 4.69 1.98 -2.09
C GLY A 51 4.75 2.31 -0.61
N ALA A 52 5.90 2.07 0.01
CA ALA A 52 6.08 2.36 1.43
C ALA A 52 7.39 3.12 1.64
N PHE A 53 7.29 4.30 2.26
CA PHE A 53 8.48 5.11 2.50
C PHE A 53 8.41 5.82 3.85
N SER A 54 9.49 6.50 4.21
CA SER A 54 9.58 7.23 5.47
C SER A 54 8.92 8.60 5.35
N SER A 55 8.75 9.08 4.12
CA SER A 55 8.13 10.38 3.89
C SER A 55 6.76 10.23 3.23
N LYS A 56 5.76 10.89 3.81
CA LYS A 56 4.39 10.83 3.29
C LYS A 56 4.34 11.26 1.83
N ASP A 57 5.18 12.23 1.46
CA ASP A 57 5.22 12.72 0.09
C ASP A 57 5.34 11.56 -0.90
N ASN A 58 6.04 10.51 -0.49
CA ASN A 58 6.24 9.34 -1.33
C ASN A 58 4.93 8.57 -1.49
N ALA A 59 4.27 8.28 -0.38
CA ALA A 59 3.01 7.56 -0.39
C ALA A 59 1.95 8.31 -1.19
N ASP A 60 1.86 9.62 -0.98
CA ASP A 60 0.89 10.43 -1.69
C ASP A 60 1.07 10.32 -3.20
N THR A 61 2.29 10.55 -3.66
CA THR A 61 2.60 10.47 -5.09
C THR A 61 2.22 9.10 -5.64
N LEU A 62 2.46 8.06 -4.86
CA LEU A 62 2.15 6.69 -5.25
C LEU A 62 0.65 6.51 -5.35
N ALA A 63 -0.01 6.91 -4.29
CA ALA A 63 -1.44 6.76 -4.19
C ALA A 63 -2.15 7.37 -5.40
N ALA A 64 -1.97 8.68 -5.58
CA ALA A 64 -2.57 9.39 -6.70
C ALA A 64 -2.25 8.69 -8.02
N ARG A 65 -1.03 8.17 -8.11
CA ARG A 65 -0.60 7.46 -9.30
C ARG A 65 -1.45 6.22 -9.50
N ALA A 66 -1.75 5.54 -8.39
CA ALA A 66 -2.57 4.34 -8.44
C ALA A 66 -3.98 4.71 -8.90
N LYS A 67 -4.50 5.81 -8.37
CA LYS A 67 -5.82 6.28 -8.75
C LYS A 67 -5.85 6.57 -10.24
N ASN A 68 -4.84 7.31 -10.71
CA ASN A 68 -4.73 7.65 -12.11
C ASN A 68 -4.41 6.38 -12.92
N ALA A 69 -3.79 5.42 -12.25
CA ALA A 69 -3.42 4.15 -12.87
C ALA A 69 -4.63 3.22 -13.01
N GLY A 70 -5.66 3.47 -12.21
CA GLY A 70 -6.85 2.64 -12.26
C GLY A 70 -6.99 1.79 -11.01
N PHE A 71 -6.38 2.27 -9.92
CA PHE A 71 -6.41 1.55 -8.66
C PHE A 71 -6.78 2.51 -7.53
N ASP A 72 -7.43 2.00 -6.50
CA ASP A 72 -7.83 2.83 -5.38
C ASP A 72 -6.78 2.83 -4.28
N ALA A 73 -5.66 3.51 -4.52
CA ALA A 73 -4.58 3.58 -3.54
C ALA A 73 -4.80 4.69 -2.53
N ILE A 74 -4.51 4.40 -1.26
CA ILE A 74 -4.64 5.37 -0.19
C ILE A 74 -3.39 5.37 0.67
N VAL A 75 -3.07 6.52 1.27
CA VAL A 75 -1.89 6.63 2.11
C VAL A 75 -2.28 6.60 3.58
N ILE A 76 -1.51 5.85 4.38
CA ILE A 76 -1.78 5.74 5.80
C ILE A 76 -0.49 5.79 6.61
N LEU A 77 -0.54 6.51 7.73
CA LEU A 77 0.61 6.66 8.61
C LEU A 77 0.54 5.64 9.75
N GLU A 78 1.40 4.63 9.70
CA GLU A 78 1.42 3.60 10.73
C GLU A 78 2.86 3.29 11.16
N SER A 79 3.08 3.23 12.47
CA SER A 79 4.39 2.94 13.01
C SER A 79 4.53 1.46 13.37
N LEU A 1 17.23 -7.59 22.39
CA LEU A 1 16.66 -7.99 21.07
C LEU A 1 16.39 -6.76 20.20
N LYS A 2 15.61 -5.83 20.73
CA LYS A 2 15.28 -4.60 20.00
C LYS A 2 15.16 -3.42 20.94
N LYS A 3 14.85 -2.25 20.39
CA LYS A 3 14.70 -1.04 21.18
C LYS A 3 13.52 -0.20 20.70
N THR A 4 13.46 0.01 19.38
CA THR A 4 12.39 0.79 18.79
C THR A 4 11.35 -0.11 18.15
N SER A 5 10.09 0.09 18.51
CA SER A 5 8.99 -0.71 17.98
C SER A 5 7.93 0.18 17.33
N SER A 6 7.58 1.26 18.01
CA SER A 6 6.58 2.20 17.51
C SER A 6 7.23 3.28 16.65
N SER A 7 6.77 3.40 15.41
CA SER A 7 7.31 4.40 14.49
C SER A 7 6.37 4.62 13.31
N GLY A 8 6.03 5.87 13.05
CA GLY A 8 5.14 6.19 11.96
C GLY A 8 5.74 5.84 10.61
N LEU A 9 4.89 5.38 9.69
CA LEU A 9 5.33 5.01 8.36
C LEU A 9 4.28 5.39 7.33
N TYR A 10 4.72 5.91 6.20
CA TYR A 10 3.81 6.30 5.15
C TYR A 10 3.78 5.24 4.06
N LYS A 11 2.69 4.49 4.02
CA LYS A 11 2.53 3.43 3.03
C LYS A 11 1.23 3.61 2.26
N VAL A 12 1.18 3.10 1.03
CA VAL A 12 -0.03 3.22 0.22
C VAL A 12 -0.73 1.85 0.11
N GLN A 13 -2.06 1.85 0.22
CA GLN A 13 -2.83 0.62 0.14
C GLN A 13 -4.00 0.75 -0.84
N ILE A 14 -4.19 -0.26 -1.67
CA ILE A 14 -5.25 -0.23 -2.67
C ILE A 14 -6.42 -1.16 -2.33
N GLY A 15 -6.31 -1.97 -1.28
CA GLY A 15 -7.42 -2.84 -0.93
C GLY A 15 -7.07 -4.05 -0.09
N ALA A 16 -8.11 -4.80 0.30
CA ALA A 16 -7.99 -6.01 1.08
C ALA A 16 -9.16 -6.94 0.76
N PHE A 17 -8.93 -8.24 0.71
CA PHE A 17 -9.99 -9.20 0.38
C PHE A 17 -9.72 -10.57 1.00
N LYS A 18 -10.79 -11.23 1.43
CA LYS A 18 -10.69 -12.55 2.03
C LYS A 18 -9.94 -13.54 1.14
N VAL A 19 -9.78 -13.20 -0.14
CA VAL A 19 -9.09 -14.08 -1.08
C VAL A 19 -7.71 -13.54 -1.46
N LYS A 20 -6.70 -14.38 -1.30
CA LYS A 20 -5.34 -14.03 -1.64
C LYS A 20 -5.17 -13.92 -3.14
N ALA A 21 -5.78 -14.84 -3.88
CA ALA A 21 -5.71 -14.81 -5.35
C ALA A 21 -6.13 -13.43 -5.84
N ASN A 22 -7.08 -12.84 -5.13
CA ASN A 22 -7.56 -11.51 -5.48
C ASN A 22 -6.53 -10.48 -5.06
N ALA A 23 -5.82 -10.78 -3.97
CA ALA A 23 -4.78 -9.88 -3.48
C ALA A 23 -3.54 -9.94 -4.37
N ASP A 24 -3.43 -11.01 -5.15
CA ASP A 24 -2.30 -11.20 -6.05
C ASP A 24 -2.52 -10.45 -7.37
N SER A 25 -3.76 -10.46 -7.85
CA SER A 25 -4.10 -9.77 -9.08
C SER A 25 -3.99 -8.27 -8.86
N LEU A 26 -4.38 -7.83 -7.68
CA LEU A 26 -4.32 -6.43 -7.30
C LEU A 26 -2.87 -5.97 -7.23
N ALA A 27 -2.05 -6.70 -6.49
CA ALA A 27 -0.64 -6.38 -6.36
C ALA A 27 0.05 -6.39 -7.72
N SER A 28 -0.54 -7.13 -8.66
CA SER A 28 0.00 -7.22 -10.01
C SER A 28 -0.22 -5.90 -10.75
N ASN A 29 -1.40 -5.30 -10.56
CA ASN A 29 -1.72 -4.04 -11.21
C ASN A 29 -0.75 -2.95 -10.79
N ALA A 30 -0.53 -2.84 -9.47
CA ALA A 30 0.39 -1.84 -8.95
C ALA A 30 1.77 -2.01 -9.54
N GLU A 31 2.22 -3.26 -9.61
CA GLU A 31 3.53 -3.57 -10.17
C GLU A 31 3.67 -2.98 -11.56
N ALA A 32 2.57 -3.02 -12.31
CA ALA A 32 2.54 -2.48 -13.67
C ALA A 32 3.01 -1.03 -13.68
N LYS A 33 2.41 -0.22 -12.80
CA LYS A 33 2.80 1.18 -12.70
C LYS A 33 4.26 1.27 -12.26
N GLY A 34 4.68 0.26 -11.52
CA GLY A 34 6.04 0.20 -11.04
C GLY A 34 6.16 0.41 -9.54
N PHE A 35 5.16 -0.06 -8.81
CA PHE A 35 5.15 0.07 -7.37
C PHE A 35 5.49 -1.26 -6.71
N ASP A 36 5.84 -1.20 -5.43
CA ASP A 36 6.17 -2.41 -4.68
C ASP A 36 4.90 -2.97 -4.03
N SER A 37 4.24 -3.89 -4.72
CA SER A 37 3.01 -4.47 -4.20
C SER A 37 3.31 -5.59 -3.21
N ILE A 38 2.71 -5.47 -2.04
CA ILE A 38 2.90 -6.44 -0.96
C ILE A 38 1.55 -7.00 -0.50
N VAL A 39 1.52 -8.31 -0.25
CA VAL A 39 0.29 -8.95 0.20
C VAL A 39 0.45 -9.52 1.61
N LEU A 40 -0.27 -8.95 2.56
CA LEU A 40 -0.21 -9.41 3.94
C LEU A 40 -1.47 -10.18 4.32
N LEU A 41 -1.28 -11.42 4.75
CA LEU A 41 -2.40 -12.26 5.14
C LEU A 41 -2.90 -11.87 6.53
N LYS A 42 -4.07 -11.25 6.55
CA LYS A 42 -4.70 -10.82 7.79
C LYS A 42 -5.61 -11.92 8.32
N ASP A 43 -6.00 -11.80 9.59
CA ASP A 43 -6.87 -12.80 10.20
C ASP A 43 -8.21 -12.93 9.47
N GLY A 44 -8.16 -13.41 8.23
CA GLY A 44 -9.38 -13.58 7.46
C GLY A 44 -9.39 -12.81 6.15
N LEU A 45 -8.49 -11.83 6.01
CA LEU A 45 -8.45 -11.03 4.79
C LEU A 45 -7.02 -10.79 4.30
N TYR A 46 -6.88 -10.59 2.99
CA TYR A 46 -5.59 -10.31 2.39
C TYR A 46 -5.55 -8.87 1.92
N LYS A 47 -4.51 -8.15 2.30
CA LYS A 47 -4.38 -6.75 1.90
C LYS A 47 -3.27 -6.56 0.89
N VAL A 48 -3.42 -5.53 0.06
CA VAL A 48 -2.44 -5.22 -0.96
C VAL A 48 -1.94 -3.79 -0.81
N GLN A 49 -0.72 -3.64 -0.31
CA GLN A 49 -0.12 -2.34 -0.12
C GLN A 49 0.94 -2.08 -1.19
N ILE A 50 1.00 -0.84 -1.66
CA ILE A 50 1.97 -0.47 -2.69
C ILE A 50 2.64 0.86 -2.36
N GLY A 51 3.97 0.80 -2.30
CA GLY A 51 4.77 1.99 -2.01
C GLY A 51 4.83 2.30 -0.53
N ALA A 52 6.00 2.07 0.07
CA ALA A 52 6.20 2.35 1.48
C ALA A 52 7.49 3.15 1.70
N PHE A 53 7.35 4.32 2.32
CA PHE A 53 8.50 5.19 2.55
C PHE A 53 8.41 5.88 3.91
N SER A 54 9.49 6.57 4.28
CA SER A 54 9.54 7.29 5.55
C SER A 54 8.88 8.65 5.43
N SER A 55 8.67 9.12 4.19
CA SER A 55 8.05 10.42 3.95
C SER A 55 6.69 10.26 3.28
N LYS A 56 5.68 10.92 3.85
CA LYS A 56 4.33 10.84 3.32
C LYS A 56 4.28 11.28 1.86
N ASP A 57 5.12 12.25 1.50
CA ASP A 57 5.17 12.76 0.13
C ASP A 57 5.31 11.61 -0.87
N ASN A 58 6.01 10.56 -0.45
CA ASN A 58 6.21 9.40 -1.30
C ASN A 58 4.91 8.62 -1.48
N ALA A 59 4.25 8.33 -0.36
CA ALA A 59 2.99 7.60 -0.38
C ALA A 59 1.94 8.32 -1.20
N ASP A 60 1.86 9.65 -1.02
CA ASP A 60 0.89 10.46 -1.76
C ASP A 60 1.08 10.31 -3.26
N THR A 61 2.31 10.54 -3.72
CA THR A 61 2.62 10.44 -5.14
C THR A 61 2.28 9.06 -5.68
N LEU A 62 2.49 8.04 -4.86
CA LEU A 62 2.20 6.66 -5.23
C LEU A 62 0.72 6.46 -5.34
N ALA A 63 0.03 6.85 -4.28
CA ALA A 63 -1.39 6.68 -4.21
C ALA A 63 -2.08 7.31 -5.41
N ALA A 64 -1.90 8.62 -5.56
CA ALA A 64 -2.50 9.35 -6.68
C ALA A 64 -2.19 8.66 -8.00
N ARG A 65 -0.96 8.15 -8.12
CA ARG A 65 -0.55 7.44 -9.31
C ARG A 65 -1.40 6.20 -9.50
N ALA A 66 -1.71 5.54 -8.39
CA ALA A 66 -2.53 4.34 -8.41
C ALA A 66 -3.93 4.69 -8.87
N LYS A 67 -4.45 5.81 -8.37
CA LYS A 67 -5.77 6.26 -8.76
C LYS A 67 -5.80 6.54 -10.27
N ASN A 68 -4.79 7.26 -10.73
CA ASN A 68 -4.66 7.58 -12.14
C ASN A 68 -4.34 6.31 -12.93
N ALA A 69 -3.73 5.34 -12.24
CA ALA A 69 -3.36 4.07 -12.84
C ALA A 69 -4.56 3.15 -12.99
N GLY A 70 -5.60 3.41 -12.19
CA GLY A 70 -6.79 2.58 -12.25
C GLY A 70 -6.94 1.76 -10.99
N PHE A 71 -6.34 2.22 -9.91
CA PHE A 71 -6.39 1.53 -8.63
C PHE A 71 -6.78 2.50 -7.53
N ASP A 72 -7.45 1.99 -6.50
CA ASP A 72 -7.88 2.84 -5.39
C ASP A 72 -6.84 2.83 -4.28
N ALA A 73 -5.70 3.48 -4.52
CA ALA A 73 -4.63 3.54 -3.52
C ALA A 73 -4.85 4.68 -2.53
N ILE A 74 -4.53 4.40 -1.27
CA ILE A 74 -4.66 5.38 -0.21
C ILE A 74 -3.41 5.38 0.65
N VAL A 75 -3.12 6.52 1.27
CA VAL A 75 -1.94 6.63 2.12
C VAL A 75 -2.33 6.62 3.59
N ILE A 76 -1.59 5.85 4.39
CA ILE A 76 -1.87 5.76 5.81
C ILE A 76 -0.58 5.79 6.63
N LEU A 77 -0.64 6.49 7.76
CA LEU A 77 0.52 6.60 8.65
C LEU A 77 0.43 5.53 9.75
N GLU A 78 1.27 4.51 9.65
CA GLU A 78 1.29 3.43 10.62
C GLU A 78 2.32 3.68 11.71
N SER A 79 1.86 3.96 12.92
CA SER A 79 2.76 4.22 14.04
C SER A 79 3.62 3.00 14.35
N LEU A 1 5.52 21.35 8.34
CA LEU A 1 6.70 21.10 9.20
C LEU A 1 6.28 20.43 10.51
N LYS A 2 6.52 19.12 10.59
CA LYS A 2 6.17 18.35 11.78
C LYS A 2 7.42 17.98 12.58
N LYS A 3 7.62 18.66 13.70
CA LYS A 3 8.78 18.40 14.55
C LYS A 3 8.40 17.52 15.74
N THR A 4 7.43 16.64 15.53
CA THR A 4 6.96 15.75 16.59
C THR A 4 7.96 14.63 16.82
N SER A 5 7.77 13.88 17.91
CA SER A 5 8.65 12.78 18.25
C SER A 5 7.90 11.45 18.23
N SER A 6 7.00 11.30 17.27
CA SER A 6 6.21 10.08 17.14
C SER A 6 6.65 9.28 15.92
N SER A 7 6.78 7.96 16.10
CA SER A 7 7.20 7.08 15.03
C SER A 7 6.05 6.83 14.04
N GLY A 8 6.37 6.22 12.91
CA GLY A 8 5.36 5.93 11.92
C GLY A 8 5.95 5.66 10.55
N LEU A 9 5.11 5.22 9.62
CA LEU A 9 5.55 4.93 8.26
C LEU A 9 4.47 5.31 7.27
N TYR A 10 4.87 5.85 6.14
CA TYR A 10 3.92 6.25 5.12
C TYR A 10 3.89 5.21 4.02
N LYS A 11 2.81 4.45 3.98
CA LYS A 11 2.65 3.40 2.96
C LYS A 11 1.33 3.58 2.22
N VAL A 12 1.25 3.08 1.00
CA VAL A 12 0.03 3.21 0.22
C VAL A 12 -0.66 1.84 0.09
N GLN A 13 -1.99 1.81 0.24
CA GLN A 13 -2.74 0.55 0.16
C GLN A 13 -3.90 0.66 -0.82
N ILE A 14 -4.04 -0.33 -1.70
CA ILE A 14 -5.12 -0.32 -2.69
C ILE A 14 -6.33 -1.16 -2.28
N GLY A 15 -6.24 -1.88 -1.16
CA GLY A 15 -7.41 -2.66 -0.74
C GLY A 15 -7.07 -3.90 0.06
N ALA A 16 -8.12 -4.66 0.39
CA ALA A 16 -8.00 -5.92 1.12
C ALA A 16 -9.17 -6.83 0.75
N PHE A 17 -8.94 -8.14 0.68
CA PHE A 17 -9.99 -9.09 0.33
C PHE A 17 -9.72 -10.46 0.92
N LYS A 18 -10.79 -11.12 1.36
CA LYS A 18 -10.68 -12.46 1.95
C LYS A 18 -9.94 -13.43 1.02
N VAL A 19 -9.80 -13.07 -0.25
CA VAL A 19 -9.12 -13.93 -1.21
C VAL A 19 -7.74 -13.40 -1.59
N LYS A 20 -6.73 -14.24 -1.37
CA LYS A 20 -5.35 -13.90 -1.70
C LYS A 20 -5.19 -13.77 -3.20
N ALA A 21 -5.81 -14.69 -3.95
CA ALA A 21 -5.73 -14.65 -5.40
C ALA A 21 -6.15 -13.27 -5.91
N ASN A 22 -7.06 -12.65 -5.17
CA ASN A 22 -7.54 -11.32 -5.50
C ASN A 22 -6.48 -10.30 -5.10
N ALA A 23 -5.75 -10.61 -4.01
CA ALA A 23 -4.70 -9.72 -3.54
C ALA A 23 -3.44 -9.85 -4.39
N ASP A 24 -3.36 -10.93 -5.18
CA ASP A 24 -2.21 -11.17 -6.04
C ASP A 24 -2.39 -10.44 -7.36
N SER A 25 -3.62 -10.43 -7.87
CA SER A 25 -3.92 -9.75 -9.12
C SER A 25 -3.89 -8.24 -8.90
N LEU A 26 -4.30 -7.83 -7.71
CA LEU A 26 -4.32 -6.43 -7.33
C LEU A 26 -2.90 -5.87 -7.25
N ALA A 27 -2.08 -6.50 -6.41
CA ALA A 27 -0.69 -6.08 -6.26
C ALA A 27 0.03 -6.10 -7.60
N SER A 28 -0.37 -7.05 -8.45
CA SER A 28 0.21 -7.18 -9.77
C SER A 28 -0.03 -5.92 -10.59
N ASN A 29 -1.24 -5.37 -10.47
CA ASN A 29 -1.59 -4.15 -11.20
C ASN A 29 -0.68 -3.00 -10.79
N ALA A 30 -0.45 -2.89 -9.48
CA ALA A 30 0.41 -1.83 -8.97
C ALA A 30 1.81 -1.97 -9.53
N GLU A 31 2.28 -3.22 -9.58
CA GLU A 31 3.62 -3.50 -10.10
C GLU A 31 3.76 -2.93 -11.51
N ALA A 32 2.66 -2.99 -12.26
CA ALA A 32 2.63 -2.47 -13.63
C ALA A 32 3.09 -1.03 -13.66
N LYS A 33 2.47 -0.20 -12.81
CA LYS A 33 2.84 1.20 -12.73
C LYS A 33 4.29 1.32 -12.27
N GLY A 34 4.73 0.32 -11.51
CA GLY A 34 6.08 0.28 -11.03
C GLY A 34 6.19 0.52 -9.53
N PHE A 35 5.18 0.06 -8.79
CA PHE A 35 5.16 0.22 -7.35
C PHE A 35 5.55 -1.07 -6.66
N ASP A 36 5.99 -0.95 -5.41
CA ASP A 36 6.38 -2.12 -4.63
C ASP A 36 5.15 -2.70 -3.93
N SER A 37 4.50 -3.67 -4.58
CA SER A 37 3.31 -4.28 -4.03
C SER A 37 3.64 -5.33 -2.99
N ILE A 38 2.69 -5.62 -2.13
CA ILE A 38 2.86 -6.59 -1.06
C ILE A 38 1.52 -7.11 -0.58
N VAL A 39 1.46 -8.40 -0.26
CA VAL A 39 0.22 -9.01 0.21
C VAL A 39 0.38 -9.58 1.62
N LEU A 40 -0.35 -9.01 2.57
CA LEU A 40 -0.30 -9.48 3.96
C LEU A 40 -1.58 -10.21 4.33
N LEU A 41 -1.44 -11.45 4.78
CA LEU A 41 -2.58 -12.25 5.17
C LEU A 41 -3.09 -11.85 6.54
N LYS A 42 -4.26 -11.20 6.55
CA LYS A 42 -4.90 -10.76 7.79
C LYS A 42 -5.84 -11.83 8.30
N ASP A 43 -6.25 -11.70 9.55
CA ASP A 43 -7.16 -12.67 10.16
C ASP A 43 -8.49 -12.77 9.40
N GLY A 44 -8.44 -13.23 8.16
CA GLY A 44 -9.64 -13.36 7.37
C GLY A 44 -9.61 -12.57 6.07
N LEU A 45 -8.69 -11.63 5.96
CA LEU A 45 -8.60 -10.79 4.75
C LEU A 45 -7.16 -10.61 4.27
N TYR A 46 -7.01 -10.45 2.97
CA TYR A 46 -5.71 -10.23 2.35
C TYR A 46 -5.62 -8.78 1.88
N LYS A 47 -4.58 -8.08 2.31
CA LYS A 47 -4.41 -6.68 1.92
C LYS A 47 -3.30 -6.51 0.90
N VAL A 48 -3.46 -5.52 0.04
CA VAL A 48 -2.48 -5.22 -0.99
C VAL A 48 -1.94 -3.80 -0.83
N GLN A 49 -0.71 -3.70 -0.35
CA GLN A 49 -0.06 -2.41 -0.15
C GLN A 49 0.99 -2.15 -1.23
N ILE A 50 1.05 -0.91 -1.69
CA ILE A 50 1.99 -0.51 -2.71
C ILE A 50 2.66 0.83 -2.39
N GLY A 51 3.99 0.80 -2.34
CA GLY A 51 4.76 1.98 -2.04
C GLY A 51 4.84 2.31 -0.57
N ALA A 52 6.01 2.11 0.02
CA ALA A 52 6.21 2.38 1.44
C ALA A 52 7.50 3.18 1.65
N PHE A 53 7.36 4.40 2.14
CA PHE A 53 8.53 5.26 2.36
C PHE A 53 8.47 5.94 3.73
N SER A 54 9.53 6.67 4.06
CA SER A 54 9.61 7.37 5.33
C SER A 54 8.92 8.73 5.26
N SER A 55 8.69 9.22 4.04
CA SER A 55 8.03 10.51 3.85
C SER A 55 6.64 10.32 3.22
N LYS A 56 5.64 10.93 3.85
CA LYS A 56 4.27 10.84 3.36
C LYS A 56 4.16 11.30 1.91
N ASP A 57 4.93 12.31 1.55
CA ASP A 57 4.93 12.84 0.20
C ASP A 57 5.11 11.71 -0.83
N ASN A 58 5.86 10.69 -0.44
CA ASN A 58 6.12 9.57 -1.32
C ASN A 58 4.86 8.72 -1.50
N ALA A 59 4.23 8.38 -0.37
CA ALA A 59 3.01 7.59 -0.40
C ALA A 59 1.91 8.29 -1.19
N ASP A 60 1.78 9.59 -1.00
CA ASP A 60 0.77 10.37 -1.70
C ASP A 60 0.94 10.27 -3.21
N THR A 61 2.16 10.52 -3.68
CA THR A 61 2.46 10.46 -5.11
C THR A 61 2.12 9.08 -5.66
N LEU A 62 2.38 8.05 -4.86
CA LEU A 62 2.10 6.67 -5.25
C LEU A 62 0.62 6.43 -5.33
N ALA A 63 -0.05 6.82 -4.25
CA ALA A 63 -1.47 6.63 -4.14
C ALA A 63 -2.20 7.22 -5.34
N ALA A 64 -2.05 8.52 -5.52
CA ALA A 64 -2.68 9.23 -6.63
C ALA A 64 -2.35 8.55 -7.95
N ARG A 65 -1.12 8.05 -8.08
CA ARG A 65 -0.69 7.37 -9.29
C ARG A 65 -1.50 6.10 -9.47
N ALA A 66 -1.78 5.43 -8.35
CA ALA A 66 -2.57 4.21 -8.38
C ALA A 66 -3.98 4.51 -8.83
N LYS A 67 -4.53 5.62 -8.33
CA LYS A 67 -5.87 6.04 -8.71
C LYS A 67 -5.91 6.32 -10.20
N ASN A 68 -4.91 7.05 -10.68
CA ASN A 68 -4.81 7.37 -12.09
C ASN A 68 -4.47 6.11 -12.88
N ALA A 69 -3.84 5.15 -12.19
CA ALA A 69 -3.46 3.89 -12.79
C ALA A 69 -4.66 2.96 -12.92
N GLY A 70 -5.69 3.21 -12.11
CA GLY A 70 -6.88 2.38 -12.16
C GLY A 70 -7.01 1.53 -10.91
N PHE A 71 -6.39 1.99 -9.83
CA PHE A 71 -6.41 1.27 -8.57
C PHE A 71 -6.79 2.23 -7.43
N ASP A 72 -7.40 1.70 -6.39
CA ASP A 72 -7.82 2.52 -5.26
C ASP A 72 -6.76 2.54 -4.16
N ALA A 73 -5.64 3.22 -4.42
CA ALA A 73 -4.57 3.30 -3.44
C ALA A 73 -4.76 4.49 -2.50
N ILE A 74 -4.46 4.29 -1.24
CA ILE A 74 -4.56 5.32 -0.22
C ILE A 74 -3.32 5.34 0.65
N VAL A 75 -3.05 6.46 1.30
CA VAL A 75 -1.87 6.57 2.15
C VAL A 75 -2.26 6.53 3.63
N ILE A 76 -1.49 5.79 4.42
CA ILE A 76 -1.76 5.66 5.84
C ILE A 76 -0.47 5.64 6.65
N LEU A 77 -0.51 6.28 7.81
CA LEU A 77 0.65 6.35 8.69
C LEU A 77 0.59 5.22 9.72
N GLU A 78 1.45 4.21 9.55
CA GLU A 78 1.49 3.08 10.47
C GLU A 78 2.68 3.17 11.40
N SER A 79 2.46 2.87 12.68
CA SER A 79 3.52 2.91 13.69
C SER A 79 3.95 1.50 14.07
N LEU A 1 25.23 11.04 16.68
CA LEU A 1 24.73 10.38 17.92
C LEU A 1 23.22 10.54 18.07
N LYS A 2 22.52 10.53 16.92
CA LYS A 2 21.07 10.68 16.93
C LYS A 2 20.49 10.40 15.55
N LYS A 3 20.06 9.17 15.33
CA LYS A 3 19.49 8.76 14.04
C LYS A 3 18.19 9.53 13.77
N THR A 4 17.15 9.23 14.54
CA THR A 4 15.87 9.89 14.37
C THR A 4 15.30 9.63 12.99
N SER A 5 14.35 8.71 12.90
CA SER A 5 13.72 8.37 11.62
C SER A 5 12.32 8.98 11.52
N SER A 6 11.39 8.45 12.31
CA SER A 6 10.02 8.95 12.30
C SER A 6 9.17 8.21 13.34
N SER A 7 7.92 8.63 13.48
CA SER A 7 7.01 8.01 14.43
C SER A 7 6.36 6.76 13.83
N GLY A 8 5.81 6.92 12.62
CA GLY A 8 5.16 5.81 11.96
C GLY A 8 5.76 5.53 10.58
N LEU A 9 4.91 5.12 9.64
CA LEU A 9 5.36 4.82 8.30
C LEU A 9 4.30 5.23 7.30
N TYR A 10 4.74 5.79 6.18
CA TYR A 10 3.82 6.20 5.14
C TYR A 10 3.79 5.18 4.03
N LYS A 11 2.69 4.43 3.96
CA LYS A 11 2.55 3.40 2.94
C LYS A 11 1.22 3.58 2.20
N VAL A 12 1.15 3.12 0.95
CA VAL A 12 -0.08 3.24 0.17
C VAL A 12 -0.77 1.89 0.06
N GLN A 13 -2.10 1.87 0.17
CA GLN A 13 -2.86 0.64 0.10
C GLN A 13 -4.03 0.76 -0.89
N ILE A 14 -4.25 -0.26 -1.70
CA ILE A 14 -5.32 -0.23 -2.68
C ILE A 14 -6.48 -1.17 -2.36
N GLY A 15 -6.36 -2.00 -1.31
CA GLY A 15 -7.47 -2.88 -0.98
C GLY A 15 -7.11 -4.10 -0.15
N ALA A 16 -8.16 -4.84 0.24
CA ALA A 16 -8.04 -6.07 1.01
C ALA A 16 -9.21 -6.99 0.68
N PHE A 17 -8.99 -8.29 0.67
CA PHE A 17 -10.07 -9.23 0.34
C PHE A 17 -9.85 -10.59 0.99
N LYS A 18 -10.94 -11.27 1.33
CA LYS A 18 -10.87 -12.58 1.95
C LYS A 18 -10.07 -13.57 1.10
N VAL A 19 -9.87 -13.24 -0.17
CA VAL A 19 -9.12 -14.12 -1.07
C VAL A 19 -7.75 -13.55 -1.42
N LYS A 20 -6.73 -14.37 -1.27
CA LYS A 20 -5.35 -13.98 -1.57
C LYS A 20 -5.15 -13.91 -3.08
N ALA A 21 -5.76 -14.83 -3.81
CA ALA A 21 -5.64 -14.84 -5.26
C ALA A 21 -6.07 -13.48 -5.81
N ASN A 22 -7.06 -12.89 -5.16
CA ASN A 22 -7.54 -11.58 -5.54
C ASN A 22 -6.52 -10.53 -5.12
N ALA A 23 -5.82 -10.82 -4.02
CA ALA A 23 -4.79 -9.91 -3.52
C ALA A 23 -3.55 -9.96 -4.40
N ASP A 24 -3.42 -11.04 -5.18
CA ASP A 24 -2.28 -11.22 -6.06
C ASP A 24 -2.50 -10.47 -7.38
N SER A 25 -3.74 -10.47 -7.85
CA SER A 25 -4.08 -9.77 -9.07
C SER A 25 -3.99 -8.27 -8.86
N LEU A 26 -4.37 -7.85 -7.66
CA LEU A 26 -4.33 -6.43 -7.30
C LEU A 26 -2.88 -5.94 -7.23
N ALA A 27 -2.05 -6.66 -6.50
CA ALA A 27 -0.63 -6.31 -6.38
C ALA A 27 0.03 -6.29 -7.75
N SER A 28 -0.52 -7.10 -8.66
CA SER A 28 0.00 -7.18 -10.02
C SER A 28 -0.25 -5.87 -10.77
N ASN A 29 -1.44 -5.30 -10.59
CA ASN A 29 -1.79 -4.06 -11.25
C ASN A 29 -0.83 -2.95 -10.83
N ALA A 30 -0.59 -2.84 -9.53
CA ALA A 30 0.31 -1.82 -9.00
C ALA A 30 1.70 -1.99 -9.57
N GLU A 31 2.14 -3.25 -9.64
CA GLU A 31 3.46 -3.56 -10.18
C GLU A 31 3.63 -2.97 -11.57
N ALA A 32 2.54 -2.97 -12.33
CA ALA A 32 2.54 -2.44 -13.69
C ALA A 32 3.03 -1.00 -13.68
N LYS A 33 2.43 -0.18 -12.81
CA LYS A 33 2.85 1.22 -12.70
C LYS A 33 4.30 1.28 -12.24
N GLY A 34 4.70 0.25 -11.49
CA GLY A 34 6.05 0.17 -11.00
C GLY A 34 6.15 0.41 -9.51
N PHE A 35 5.13 -0.04 -8.77
CA PHE A 35 5.12 0.11 -7.33
C PHE A 35 5.48 -1.19 -6.64
N ASP A 36 5.90 -1.09 -5.39
CA ASP A 36 6.27 -2.26 -4.61
C ASP A 36 5.04 -2.83 -3.91
N SER A 37 4.39 -3.80 -4.55
CA SER A 37 3.19 -4.41 -3.99
C SER A 37 3.55 -5.43 -2.92
N ILE A 38 2.62 -5.61 -1.99
CA ILE A 38 2.82 -6.53 -0.88
C ILE A 38 1.48 -7.08 -0.39
N VAL A 39 1.42 -8.38 -0.16
CA VAL A 39 0.19 -9.02 0.31
C VAL A 39 0.33 -9.52 1.73
N LEU A 40 -0.38 -8.90 2.66
CA LEU A 40 -0.33 -9.29 4.06
C LEU A 40 -1.65 -9.94 4.48
N LEU A 41 -1.57 -11.15 5.02
CA LEU A 41 -2.75 -11.87 5.46
C LEU A 41 -3.25 -11.34 6.80
N LYS A 42 -4.31 -10.55 6.74
CA LYS A 42 -4.93 -9.97 7.92
C LYS A 42 -6.04 -10.89 8.42
N ASP A 43 -5.91 -11.36 9.67
CA ASP A 43 -6.91 -12.25 10.25
C ASP A 43 -7.27 -13.38 9.28
N GLY A 44 -8.20 -13.11 8.38
CA GLY A 44 -8.61 -14.08 7.39
C GLY A 44 -8.66 -13.49 5.99
N LEU A 45 -8.33 -12.20 5.87
CA LEU A 45 -8.34 -11.52 4.58
C LEU A 45 -6.91 -11.18 4.15
N TYR A 46 -6.76 -10.79 2.89
CA TYR A 46 -5.46 -10.42 2.35
C TYR A 46 -5.52 -8.97 1.89
N LYS A 47 -4.47 -8.22 2.17
CA LYS A 47 -4.41 -6.82 1.78
C LYS A 47 -3.28 -6.57 0.80
N VAL A 48 -3.43 -5.54 -0.01
CA VAL A 48 -2.43 -5.19 -1.01
C VAL A 48 -1.97 -3.76 -0.81
N GLN A 49 -0.68 -3.60 -0.51
CA GLN A 49 -0.08 -2.30 -0.28
C GLN A 49 1.03 -2.01 -1.29
N ILE A 50 1.12 -0.74 -1.69
CA ILE A 50 2.15 -0.31 -2.63
C ILE A 50 2.76 1.02 -2.19
N GLY A 51 4.06 1.14 -2.37
CA GLY A 51 4.77 2.35 -2.01
C GLY A 51 4.86 2.56 -0.51
N ALA A 52 5.97 2.16 0.09
CA ALA A 52 6.18 2.33 1.52
C ALA A 52 7.48 3.10 1.76
N PHE A 53 7.35 4.31 2.29
CA PHE A 53 8.52 5.15 2.55
C PHE A 53 8.43 5.82 3.91
N SER A 54 9.53 6.46 4.31
CA SER A 54 9.59 7.17 5.58
C SER A 54 8.93 8.52 5.48
N SER A 55 8.70 8.99 4.25
CA SER A 55 8.07 10.29 4.03
C SER A 55 6.72 10.12 3.33
N LYS A 56 5.70 10.79 3.87
CA LYS A 56 4.35 10.71 3.30
C LYS A 56 4.34 11.16 1.84
N ASP A 57 5.15 12.17 1.52
CA ASP A 57 5.22 12.70 0.17
C ASP A 57 5.32 11.57 -0.85
N ASN A 58 5.99 10.50 -0.46
CA ASN A 58 6.17 9.34 -1.33
C ASN A 58 4.86 8.60 -1.49
N ALA A 59 4.21 8.30 -0.37
CA ALA A 59 2.93 7.59 -0.39
C ALA A 59 1.90 8.35 -1.22
N ASP A 60 1.85 9.66 -1.05
CA ASP A 60 0.90 10.49 -1.79
C ASP A 60 1.11 10.34 -3.30
N THR A 61 2.35 10.50 -3.74
CA THR A 61 2.68 10.37 -5.15
C THR A 61 2.29 9.00 -5.68
N LEU A 62 2.48 7.98 -4.87
CA LEU A 62 2.15 6.60 -5.24
C LEU A 62 0.65 6.45 -5.35
N ALA A 63 -0.02 6.86 -4.29
CA ALA A 63 -1.44 6.74 -4.20
C ALA A 63 -2.12 7.38 -5.41
N ALA A 64 -1.90 8.68 -5.59
CA ALA A 64 -2.48 9.40 -6.73
C ALA A 64 -2.17 8.69 -8.03
N ARG A 65 -0.97 8.11 -8.11
CA ARG A 65 -0.56 7.39 -9.29
C ARG A 65 -1.41 6.15 -9.47
N ALA A 66 -1.72 5.49 -8.36
CA ALA A 66 -2.55 4.29 -8.40
C ALA A 66 -3.95 4.66 -8.86
N LYS A 67 -4.46 5.79 -8.37
CA LYS A 67 -5.77 6.26 -8.76
C LYS A 67 -5.79 6.54 -10.25
N ASN A 68 -4.76 7.24 -10.72
CA ASN A 68 -4.63 7.56 -12.14
C ASN A 68 -4.32 6.28 -12.93
N ALA A 69 -3.73 5.32 -12.23
CA ALA A 69 -3.37 4.04 -12.83
C ALA A 69 -4.59 3.14 -12.99
N GLY A 70 -5.62 3.40 -12.19
CA GLY A 70 -6.82 2.59 -12.24
C GLY A 70 -6.99 1.77 -10.99
N PHE A 71 -6.37 2.22 -9.91
CA PHE A 71 -6.43 1.54 -8.63
C PHE A 71 -6.80 2.52 -7.53
N ASP A 72 -7.50 2.05 -6.51
CA ASP A 72 -7.91 2.92 -5.41
C ASP A 72 -6.87 2.88 -4.29
N ALA A 73 -5.73 3.55 -4.52
CA ALA A 73 -4.67 3.59 -3.52
C ALA A 73 -4.88 4.72 -2.52
N ILE A 74 -4.58 4.44 -1.26
CA ILE A 74 -4.70 5.42 -0.19
C ILE A 74 -3.45 5.41 0.68
N VAL A 75 -3.12 6.54 1.28
CA VAL A 75 -1.95 6.64 2.14
C VAL A 75 -2.34 6.58 3.61
N ILE A 76 -1.59 5.80 4.38
CA ILE A 76 -1.85 5.67 5.81
C ILE A 76 -0.56 5.66 6.61
N LEU A 77 -0.60 6.35 7.75
CA LEU A 77 0.57 6.44 8.63
C LEU A 77 0.49 5.35 9.71
N GLU A 78 1.34 4.35 9.59
CA GLU A 78 1.37 3.25 10.55
C GLU A 78 2.42 3.49 11.63
N SER A 79 1.96 3.53 12.88
CA SER A 79 2.86 3.76 14.02
C SER A 79 3.21 2.45 14.71
N LEU A 1 16.19 12.09 20.63
CA LEU A 1 14.81 12.22 20.07
C LEU A 1 13.75 12.02 21.15
N LYS A 2 14.06 12.47 22.37
CA LYS A 2 13.14 12.34 23.49
C LYS A 2 12.85 10.88 23.79
N LYS A 3 12.02 10.64 24.81
CA LYS A 3 11.65 9.28 25.19
C LYS A 3 10.51 8.76 24.33
N THR A 4 10.69 7.56 23.79
CA THR A 4 9.68 6.93 22.94
C THR A 4 9.07 7.93 21.94
N SER A 5 9.84 8.29 20.93
CA SER A 5 9.37 9.24 19.92
C SER A 5 9.48 8.64 18.52
N SER A 6 9.22 7.34 18.42
CA SER A 6 9.28 6.65 17.14
C SER A 6 8.07 6.98 16.28
N SER A 7 8.31 7.54 15.10
CA SER A 7 7.24 7.90 14.18
C SER A 7 6.60 6.66 13.58
N GLY A 8 5.77 6.87 12.56
CA GLY A 8 5.10 5.76 11.91
C GLY A 8 5.69 5.43 10.56
N LEU A 9 4.85 5.00 9.63
CA LEU A 9 5.29 4.66 8.29
C LEU A 9 4.24 5.06 7.27
N TYR A 10 4.68 5.60 6.16
CA TYR A 10 3.77 6.02 5.11
C TYR A 10 3.74 4.98 3.99
N LYS A 11 2.65 4.23 3.95
CA LYS A 11 2.48 3.20 2.92
C LYS A 11 1.17 3.41 2.18
N VAL A 12 1.11 2.95 0.93
CA VAL A 12 -0.10 3.09 0.13
C VAL A 12 -0.83 1.76 0.02
N GLN A 13 -2.16 1.80 0.07
CA GLN A 13 -2.97 0.58 -0.01
C GLN A 13 -4.13 0.75 -0.98
N ILE A 14 -4.31 -0.23 -1.86
CA ILE A 14 -5.38 -0.17 -2.85
C ILE A 14 -6.55 -1.11 -2.53
N GLY A 15 -6.43 -1.93 -1.49
CA GLY A 15 -7.54 -2.82 -1.16
C GLY A 15 -7.17 -4.01 -0.28
N ALA A 16 -8.21 -4.73 0.14
CA ALA A 16 -8.05 -5.94 0.95
C ALA A 16 -9.22 -6.88 0.69
N PHE A 17 -8.92 -8.18 0.56
CA PHE A 17 -9.96 -9.17 0.30
C PHE A 17 -9.64 -10.50 0.98
N LYS A 18 -10.67 -11.24 1.33
CA LYS A 18 -10.52 -12.53 1.99
C LYS A 18 -9.76 -13.53 1.12
N VAL A 19 -9.59 -13.20 -0.16
CA VAL A 19 -8.89 -14.10 -1.09
C VAL A 19 -7.51 -13.55 -1.47
N LYS A 20 -6.50 -14.40 -1.34
CA LYS A 20 -5.13 -14.03 -1.67
C LYS A 20 -4.96 -13.92 -3.18
N ALA A 21 -5.58 -14.83 -3.92
CA ALA A 21 -5.50 -14.80 -5.38
C ALA A 21 -5.94 -13.43 -5.89
N ASN A 22 -6.89 -12.84 -5.18
CA ASN A 22 -7.37 -11.51 -5.53
C ASN A 22 -6.36 -10.47 -5.08
N ALA A 23 -5.66 -10.77 -3.98
CA ALA A 23 -4.64 -9.86 -3.46
C ALA A 23 -3.39 -9.89 -4.34
N ASP A 24 -3.23 -10.96 -5.11
CA ASP A 24 -2.07 -11.10 -5.99
C ASP A 24 -2.31 -10.38 -7.31
N SER A 25 -3.54 -10.45 -7.80
CA SER A 25 -3.89 -9.78 -9.05
C SER A 25 -3.84 -8.27 -8.86
N LEU A 26 -4.24 -7.83 -7.68
CA LEU A 26 -4.24 -6.42 -7.34
C LEU A 26 -2.79 -5.90 -7.25
N ALA A 27 -1.98 -6.61 -6.47
CA ALA A 27 -0.57 -6.24 -6.32
C ALA A 27 0.12 -6.23 -7.68
N SER A 28 -0.42 -7.00 -8.61
CA SER A 28 0.13 -7.08 -9.96
C SER A 28 -0.14 -5.80 -10.73
N ASN A 29 -1.35 -5.26 -10.58
CA ASN A 29 -1.72 -4.03 -11.27
C ASN A 29 -0.78 -2.89 -10.87
N ALA A 30 -0.55 -2.76 -9.57
CA ALA A 30 0.33 -1.72 -9.06
C ALA A 30 1.74 -1.88 -9.62
N GLU A 31 2.19 -3.13 -9.69
CA GLU A 31 3.52 -3.43 -10.22
C GLU A 31 3.69 -2.84 -11.61
N ALA A 32 2.61 -2.88 -12.39
CA ALA A 32 2.61 -2.34 -13.74
C ALA A 32 3.09 -0.90 -13.74
N LYS A 33 2.48 -0.08 -12.88
CA LYS A 33 2.88 1.31 -12.76
C LYS A 33 4.32 1.38 -12.30
N GLY A 34 4.73 0.36 -11.54
CA GLY A 34 6.09 0.29 -11.06
C GLY A 34 6.17 0.52 -9.57
N PHE A 35 5.14 0.10 -8.84
CA PHE A 35 5.11 0.25 -7.40
C PHE A 35 5.47 -1.06 -6.71
N ASP A 36 5.93 -0.96 -5.48
CA ASP A 36 6.31 -2.13 -4.70
C ASP A 36 5.07 -2.70 -4.02
N SER A 37 4.42 -3.66 -4.66
CA SER A 37 3.21 -4.25 -4.11
C SER A 37 3.54 -5.29 -3.05
N ILE A 38 2.58 -5.54 -2.17
CA ILE A 38 2.77 -6.48 -1.09
C ILE A 38 1.41 -7.00 -0.58
N VAL A 39 1.36 -8.29 -0.29
CA VAL A 39 0.12 -8.90 0.19
C VAL A 39 0.28 -9.38 1.63
N LEU A 40 -0.40 -8.73 2.56
CA LEU A 40 -0.33 -9.11 3.97
C LEU A 40 -1.60 -9.80 4.40
N LEU A 41 -1.46 -11.02 4.90
CA LEU A 41 -2.60 -11.79 5.36
C LEU A 41 -2.95 -11.47 6.81
N LYS A 42 -4.09 -10.84 7.00
CA LYS A 42 -4.57 -10.49 8.33
C LYS A 42 -5.47 -11.60 8.84
N ASP A 43 -5.77 -11.59 10.13
CA ASP A 43 -6.60 -12.63 10.73
C ASP A 43 -7.98 -12.72 10.08
N GLY A 44 -8.03 -13.15 8.82
CA GLY A 44 -9.31 -13.29 8.14
C GLY A 44 -9.34 -12.72 6.73
N LEU A 45 -8.45 -11.80 6.40
CA LEU A 45 -8.43 -11.19 5.07
C LEU A 45 -7.02 -10.92 4.56
N TYR A 46 -6.93 -10.63 3.27
CA TYR A 46 -5.65 -10.30 2.63
C TYR A 46 -5.68 -8.86 2.14
N LYS A 47 -4.59 -8.14 2.31
CA LYS A 47 -4.53 -6.74 1.88
C LYS A 47 -3.42 -6.53 0.86
N VAL A 48 -3.57 -5.48 0.07
CA VAL A 48 -2.59 -5.15 -0.95
C VAL A 48 -2.07 -3.73 -0.79
N GLN A 49 -0.80 -3.62 -0.41
CA GLN A 49 -0.16 -2.33 -0.22
C GLN A 49 0.88 -2.08 -1.31
N ILE A 50 0.95 -0.85 -1.78
CA ILE A 50 1.90 -0.48 -2.81
C ILE A 50 2.61 0.83 -2.49
N GLY A 51 3.94 0.76 -2.45
CA GLY A 51 4.75 1.92 -2.16
C GLY A 51 4.82 2.24 -0.67
N ALA A 52 5.92 1.83 -0.03
CA ALA A 52 6.11 2.09 1.38
C ALA A 52 7.40 2.88 1.60
N PHE A 53 7.28 4.03 2.25
CA PHE A 53 8.44 4.89 2.50
C PHE A 53 8.36 5.56 3.87
N SER A 54 9.46 6.19 4.27
CA SER A 54 9.54 6.88 5.54
C SER A 54 8.89 8.27 5.44
N SER A 55 8.69 8.74 4.21
CA SER A 55 8.08 10.05 3.99
C SER A 55 6.73 9.91 3.28
N LYS A 56 5.72 10.59 3.83
CA LYS A 56 4.38 10.54 3.26
C LYS A 56 4.37 10.99 1.81
N ASP A 57 5.21 11.98 1.49
CA ASP A 57 5.28 12.51 0.13
C ASP A 57 5.37 11.37 -0.89
N ASN A 58 6.00 10.28 -0.49
CA ASN A 58 6.14 9.12 -1.36
C ASN A 58 4.81 8.38 -1.49
N ALA A 59 4.17 8.13 -0.35
CA ALA A 59 2.89 7.44 -0.33
C ALA A 59 1.85 8.21 -1.12
N ASP A 60 1.78 9.52 -0.91
CA ASP A 60 0.80 10.36 -1.59
C ASP A 60 0.98 10.28 -3.11
N THR A 61 2.21 10.53 -3.57
CA THR A 61 2.50 10.48 -4.99
C THR A 61 2.18 9.11 -5.58
N LEU A 62 2.39 8.08 -4.79
CA LEU A 62 2.12 6.70 -5.20
C LEU A 62 0.64 6.48 -5.33
N ALA A 63 -0.05 6.82 -4.25
CA ALA A 63 -1.47 6.63 -4.17
C ALA A 63 -2.18 7.29 -5.36
N ALA A 64 -1.97 8.61 -5.49
CA ALA A 64 -2.57 9.36 -6.58
C ALA A 64 -2.24 8.72 -7.92
N ARG A 65 -1.03 8.21 -8.03
CA ARG A 65 -0.60 7.53 -9.25
C ARG A 65 -1.44 6.29 -9.49
N ALA A 66 -1.75 5.59 -8.40
CA ALA A 66 -2.56 4.39 -8.48
C ALA A 66 -3.95 4.75 -8.95
N LYS A 67 -4.46 5.87 -8.47
CA LYS A 67 -5.78 6.35 -8.87
C LYS A 67 -5.78 6.64 -10.37
N ASN A 68 -4.73 7.33 -10.81
CA ASN A 68 -4.58 7.65 -12.22
C ASN A 68 -4.27 6.39 -13.01
N ALA A 69 -3.67 5.42 -12.33
CA ALA A 69 -3.32 4.15 -12.93
C ALA A 69 -4.53 3.24 -13.11
N GLY A 70 -5.56 3.49 -12.31
CA GLY A 70 -6.77 2.69 -12.39
C GLY A 70 -6.96 1.85 -11.14
N PHE A 71 -6.36 2.32 -10.04
CA PHE A 71 -6.44 1.63 -8.77
C PHE A 71 -6.82 2.61 -7.67
N ASP A 72 -7.53 2.13 -6.66
CA ASP A 72 -7.93 3.00 -5.55
C ASP A 72 -6.91 2.94 -4.43
N ALA A 73 -5.76 3.58 -4.63
CA ALA A 73 -4.71 3.58 -3.61
C ALA A 73 -4.92 4.69 -2.59
N ILE A 74 -4.59 4.39 -1.34
CA ILE A 74 -4.72 5.35 -0.25
C ILE A 74 -3.47 5.32 0.61
N VAL A 75 -3.17 6.43 1.27
CA VAL A 75 -1.98 6.50 2.12
C VAL A 75 -2.37 6.43 3.59
N ILE A 76 -1.63 5.62 4.34
CA ILE A 76 -1.89 5.45 5.76
C ILE A 76 -0.61 5.51 6.58
N LEU A 77 -0.66 6.24 7.69
CA LEU A 77 0.50 6.39 8.57
C LEU A 77 0.37 5.44 9.75
N GLU A 78 1.13 4.35 9.73
CA GLU A 78 1.10 3.37 10.82
C GLU A 78 2.26 3.56 11.77
N SER A 79 1.96 3.57 13.07
CA SER A 79 2.98 3.75 14.09
C SER A 79 2.96 2.59 15.09
N LEU A 1 16.49 2.21 16.56
CA LEU A 1 17.27 0.98 16.26
C LEU A 1 16.67 -0.24 16.95
N LYS A 2 16.59 -0.18 18.28
CA LYS A 2 16.04 -1.28 19.06
C LYS A 2 15.08 -0.77 20.13
N LYS A 3 14.01 -1.51 20.39
CA LYS A 3 13.03 -1.13 21.39
C LYS A 3 12.40 0.23 21.05
N THR A 4 11.31 0.18 20.31
CA THR A 4 10.61 1.40 19.91
C THR A 4 9.12 1.31 20.24
N SER A 5 8.49 2.47 20.42
CA SER A 5 7.07 2.52 20.74
C SER A 5 6.36 3.58 19.91
N SER A 6 6.95 4.77 19.85
CA SER A 6 6.39 5.88 19.09
C SER A 6 7.05 5.99 17.72
N SER A 7 6.32 5.58 16.68
CA SER A 7 6.84 5.64 15.32
C SER A 7 5.71 5.49 14.30
N GLY A 8 6.06 5.47 13.02
CA GLY A 8 5.07 5.33 11.98
C GLY A 8 5.68 5.09 10.61
N LEU A 9 4.85 4.70 9.65
CA LEU A 9 5.31 4.45 8.30
C LEU A 9 4.26 4.88 7.30
N TYR A 10 4.70 5.44 6.19
CA TYR A 10 3.78 5.89 5.16
C TYR A 10 3.75 4.89 4.02
N LYS A 11 2.66 4.14 3.95
CA LYS A 11 2.50 3.15 2.89
C LYS A 11 1.20 3.37 2.14
N VAL A 12 1.15 2.95 0.87
CA VAL A 12 -0.06 3.12 0.08
C VAL A 12 -0.79 1.78 -0.06
N GLN A 13 -2.12 1.83 -0.03
CA GLN A 13 -2.92 0.61 -0.13
C GLN A 13 -4.09 0.79 -1.09
N ILE A 14 -4.29 -0.20 -1.96
CA ILE A 14 -5.36 -0.14 -2.94
C ILE A 14 -6.51 -1.09 -2.62
N GLY A 15 -6.37 -1.92 -1.58
CA GLY A 15 -7.46 -2.82 -1.24
C GLY A 15 -7.03 -4.04 -0.42
N ALA A 16 -8.03 -4.80 0.02
CA ALA A 16 -7.82 -6.03 0.78
C ALA A 16 -8.98 -6.98 0.52
N PHE A 17 -8.72 -8.29 0.54
CA PHE A 17 -9.79 -9.26 0.29
C PHE A 17 -9.49 -10.59 1.00
N LYS A 18 -10.56 -11.30 1.35
CA LYS A 18 -10.44 -12.59 2.02
C LYS A 18 -9.67 -13.59 1.16
N VAL A 19 -9.50 -13.28 -0.12
CA VAL A 19 -8.79 -14.16 -1.04
C VAL A 19 -7.41 -13.62 -1.39
N LYS A 20 -6.40 -14.46 -1.23
CA LYS A 20 -5.03 -14.08 -1.53
C LYS A 20 -4.83 -13.99 -3.04
N ALA A 21 -5.48 -14.88 -3.78
CA ALA A 21 -5.38 -14.87 -5.24
C ALA A 21 -5.87 -13.53 -5.77
N ASN A 22 -6.84 -12.96 -5.07
CA ASN A 22 -7.37 -11.66 -5.44
C ASN A 22 -6.40 -10.57 -5.02
N ALA A 23 -5.73 -10.81 -3.89
CA ALA A 23 -4.75 -9.85 -3.38
C ALA A 23 -3.48 -9.88 -4.24
N ASP A 24 -3.30 -10.97 -5.00
CA ASP A 24 -2.14 -11.11 -5.86
C ASP A 24 -2.38 -10.42 -7.20
N SER A 25 -3.61 -10.50 -7.69
CA SER A 25 -3.97 -9.84 -8.94
C SER A 25 -3.88 -8.34 -8.78
N LEU A 26 -4.26 -7.86 -7.60
CA LEU A 26 -4.22 -6.45 -7.28
C LEU A 26 -2.77 -5.98 -7.20
N ALA A 27 -1.95 -6.72 -6.46
CA ALA A 27 -0.53 -6.37 -6.32
C ALA A 27 0.12 -6.31 -7.70
N SER A 28 -0.44 -7.06 -8.65
CA SER A 28 0.08 -7.09 -10.01
C SER A 28 -0.26 -5.81 -10.76
N ASN A 29 -1.48 -5.31 -10.56
CA ASN A 29 -1.92 -4.09 -11.23
C ASN A 29 -1.00 -2.93 -10.86
N ALA A 30 -0.74 -2.77 -9.57
CA ALA A 30 0.12 -1.70 -9.10
C ALA A 30 1.53 -1.88 -9.65
N GLU A 31 1.98 -3.13 -9.72
CA GLU A 31 3.31 -3.44 -10.24
C GLU A 31 3.48 -2.84 -11.63
N ALA A 32 2.41 -2.87 -12.41
CA ALA A 32 2.41 -2.32 -13.77
C ALA A 32 2.95 -0.89 -13.77
N LYS A 33 2.36 -0.06 -12.91
CA LYS A 33 2.80 1.33 -12.81
C LYS A 33 4.25 1.37 -12.35
N GLY A 34 4.64 0.32 -11.61
CA GLY A 34 6.00 0.22 -11.13
C GLY A 34 6.10 0.46 -9.63
N PHE A 35 5.07 0.04 -8.91
CA PHE A 35 5.04 0.20 -7.46
C PHE A 35 5.39 -1.11 -6.78
N ASP A 36 5.84 -1.02 -5.54
CA ASP A 36 6.20 -2.20 -4.77
C ASP A 36 4.97 -2.77 -4.08
N SER A 37 4.34 -3.76 -4.69
CA SER A 37 3.14 -4.36 -4.12
C SER A 37 3.49 -5.36 -3.04
N ILE A 38 2.55 -5.58 -2.14
CA ILE A 38 2.75 -6.50 -1.02
C ILE A 38 1.42 -7.03 -0.50
N VAL A 39 1.38 -8.32 -0.16
CA VAL A 39 0.15 -8.93 0.34
C VAL A 39 0.33 -9.43 1.77
N LEU A 40 -0.41 -8.86 2.71
CA LEU A 40 -0.33 -9.27 4.10
C LEU A 40 -1.68 -9.80 4.58
N LEU A 41 -1.66 -10.98 5.20
CA LEU A 41 -2.88 -11.60 5.70
C LEU A 41 -3.18 -11.20 7.15
N LYS A 42 -4.28 -10.48 7.34
CA LYS A 42 -4.73 -10.08 8.67
C LYS A 42 -5.92 -10.93 9.05
N ASP A 43 -6.12 -11.15 10.34
CA ASP A 43 -7.25 -11.96 10.82
C ASP A 43 -7.61 -13.05 9.81
N GLY A 44 -8.40 -12.68 8.80
CA GLY A 44 -8.80 -13.61 7.76
C GLY A 44 -8.92 -12.95 6.41
N LEU A 45 -8.19 -11.85 6.22
CA LEU A 45 -8.21 -11.11 4.95
C LEU A 45 -6.80 -10.79 4.48
N TYR A 46 -6.68 -10.48 3.19
CA TYR A 46 -5.38 -10.13 2.61
C TYR A 46 -5.38 -8.68 2.14
N LYS A 47 -4.31 -7.96 2.42
CA LYS A 47 -4.19 -6.57 2.03
C LYS A 47 -3.18 -6.39 0.92
N VAL A 48 -3.43 -5.42 0.07
CA VAL A 48 -2.54 -5.12 -1.04
C VAL A 48 -2.00 -3.70 -0.94
N GLN A 49 -0.78 -3.59 -0.43
CA GLN A 49 -0.14 -2.29 -0.26
C GLN A 49 0.90 -2.06 -1.36
N ILE A 50 0.97 -0.83 -1.85
CA ILE A 50 1.91 -0.47 -2.88
C ILE A 50 2.63 0.83 -2.57
N GLY A 51 3.95 0.75 -2.53
CA GLY A 51 4.77 1.91 -2.23
C GLY A 51 4.82 2.24 -0.76
N ALA A 52 5.93 1.89 -0.11
CA ALA A 52 6.10 2.17 1.32
C ALA A 52 7.39 2.95 1.55
N PHE A 53 7.27 4.10 2.20
CA PHE A 53 8.43 4.93 2.47
C PHE A 53 8.36 5.57 3.85
N SER A 54 9.44 6.26 4.23
CA SER A 54 9.51 6.94 5.52
C SER A 54 8.83 8.30 5.47
N SER A 55 8.63 8.82 4.26
CA SER A 55 7.99 10.11 4.08
C SER A 55 6.61 9.96 3.42
N LYS A 56 5.60 10.57 4.04
CA LYS A 56 4.24 10.50 3.52
C LYS A 56 4.17 11.02 2.09
N ASP A 57 4.99 12.02 1.78
CA ASP A 57 5.01 12.60 0.44
C ASP A 57 5.17 11.51 -0.63
N ASN A 58 5.89 10.46 -0.28
CA ASN A 58 6.12 9.34 -1.19
C ASN A 58 4.84 8.56 -1.40
N ALA A 59 4.18 8.20 -0.30
CA ALA A 59 2.94 7.44 -0.36
C ALA A 59 1.87 8.20 -1.14
N ASP A 60 1.79 9.51 -0.91
CA ASP A 60 0.82 10.34 -1.60
C ASP A 60 1.01 10.28 -3.11
N THR A 61 2.25 10.51 -3.55
CA THR A 61 2.58 10.49 -4.97
C THR A 61 2.25 9.13 -5.58
N LEU A 62 2.45 8.07 -4.80
CA LEU A 62 2.17 6.71 -5.24
C LEU A 62 0.69 6.50 -5.36
N ALA A 63 0.00 6.84 -4.28
CA ALA A 63 -1.42 6.67 -4.21
C ALA A 63 -2.12 7.33 -5.40
N ALA A 64 -1.90 8.64 -5.53
CA ALA A 64 -2.49 9.40 -6.63
C ALA A 64 -2.15 8.76 -7.97
N ARG A 65 -0.94 8.23 -8.06
CA ARG A 65 -0.49 7.57 -9.29
C ARG A 65 -1.35 6.33 -9.53
N ALA A 66 -1.69 5.63 -8.45
CA ALA A 66 -2.51 4.44 -8.53
C ALA A 66 -3.90 4.82 -9.00
N LYS A 67 -4.40 5.94 -8.49
CA LYS A 67 -5.71 6.44 -8.89
C LYS A 67 -5.71 6.75 -10.38
N ASN A 68 -4.68 7.47 -10.81
CA ASN A 68 -4.53 7.81 -12.21
C ASN A 68 -4.23 6.56 -13.03
N ALA A 69 -3.65 5.57 -12.36
CA ALA A 69 -3.29 4.30 -12.99
C ALA A 69 -4.52 3.42 -13.18
N GLY A 70 -5.56 3.67 -12.39
CA GLY A 70 -6.77 2.87 -12.48
C GLY A 70 -6.96 2.02 -11.24
N PHE A 71 -6.35 2.46 -10.14
CA PHE A 71 -6.43 1.74 -8.88
C PHE A 71 -6.79 2.70 -7.76
N ASP A 72 -7.50 2.22 -6.76
CA ASP A 72 -7.90 3.07 -5.64
C ASP A 72 -6.88 3.00 -4.51
N ALA A 73 -5.74 3.65 -4.71
CA ALA A 73 -4.68 3.65 -3.71
C ALA A 73 -4.88 4.76 -2.68
N ILE A 74 -4.57 4.44 -1.43
CA ILE A 74 -4.68 5.39 -0.33
C ILE A 74 -3.45 5.33 0.56
N VAL A 75 -3.13 6.43 1.22
CA VAL A 75 -1.96 6.48 2.09
C VAL A 75 -2.38 6.37 3.56
N ILE A 76 -1.66 5.56 4.32
CA ILE A 76 -1.95 5.37 5.72
C ILE A 76 -0.67 5.32 6.55
N LEU A 77 -0.70 5.95 7.72
CA LEU A 77 0.43 5.98 8.62
C LEU A 77 0.32 4.86 9.65
N GLU A 78 1.13 3.82 9.49
CA GLU A 78 1.11 2.68 10.40
C GLU A 78 2.24 2.79 11.43
N SER A 79 1.88 2.72 12.70
CA SER A 79 2.86 2.80 13.78
C SER A 79 3.89 1.70 13.67
N LEU A 1 9.06 8.34 31.04
CA LEU A 1 9.33 6.90 30.76
C LEU A 1 8.03 6.09 30.71
N LYS A 2 6.95 6.74 30.30
CA LYS A 2 5.65 6.10 30.20
C LYS A 2 5.46 5.48 28.81
N LYS A 3 5.51 6.32 27.79
CA LYS A 3 5.33 5.87 26.42
C LYS A 3 6.56 6.20 25.57
N THR A 4 6.64 5.58 24.40
CA THR A 4 7.77 5.81 23.50
C THR A 4 7.31 6.52 22.23
N SER A 5 8.26 6.87 21.37
CA SER A 5 7.95 7.56 20.12
C SER A 5 8.96 7.18 19.04
N SER A 6 8.51 6.38 18.08
CA SER A 6 9.38 5.95 16.99
C SER A 6 8.72 6.21 15.63
N SER A 7 7.78 7.14 15.59
CA SER A 7 7.07 7.48 14.37
C SER A 7 6.44 6.24 13.73
N GLY A 8 5.78 6.44 12.60
CA GLY A 8 5.14 5.33 11.91
C GLY A 8 5.73 5.08 10.54
N LEU A 9 4.87 4.71 9.59
CA LEU A 9 5.32 4.45 8.23
C LEU A 9 4.25 4.90 7.24
N TYR A 10 4.68 5.50 6.15
CA TYR A 10 3.75 5.96 5.13
C TYR A 10 3.73 4.97 3.98
N LYS A 11 2.63 4.22 3.89
CA LYS A 11 2.48 3.24 2.83
C LYS A 11 1.17 3.45 2.09
N VAL A 12 1.10 3.01 0.84
CA VAL A 12 -0.12 3.16 0.05
C VAL A 12 -0.83 1.82 -0.11
N GLN A 13 -2.15 1.82 0.01
CA GLN A 13 -2.92 0.58 -0.11
C GLN A 13 -4.10 0.76 -1.07
N ILE A 14 -4.28 -0.22 -1.95
CA ILE A 14 -5.35 -0.15 -2.94
C ILE A 14 -6.51 -1.11 -2.63
N GLY A 15 -6.36 -1.96 -1.61
CA GLY A 15 -7.46 -2.87 -1.29
C GLY A 15 -7.07 -4.04 -0.40
N ALA A 16 -8.09 -4.76 0.04
CA ALA A 16 -7.91 -5.95 0.88
C ALA A 16 -9.07 -6.92 0.63
N PHE A 17 -8.79 -8.22 0.59
CA PHE A 17 -9.83 -9.21 0.33
C PHE A 17 -9.51 -10.53 1.02
N LYS A 18 -10.56 -11.25 1.40
CA LYS A 18 -10.41 -12.54 2.07
C LYS A 18 -9.66 -13.54 1.19
N VAL A 19 -9.54 -13.23 -0.10
CA VAL A 19 -8.85 -14.13 -1.02
C VAL A 19 -7.47 -13.58 -1.40
N LYS A 20 -6.47 -14.44 -1.25
CA LYS A 20 -5.09 -14.08 -1.57
C LYS A 20 -4.90 -13.97 -3.08
N ALA A 21 -5.54 -14.88 -3.82
CA ALA A 21 -5.46 -14.85 -5.28
C ALA A 21 -5.90 -13.49 -5.81
N ASN A 22 -6.86 -12.89 -5.10
CA ASN A 22 -7.36 -11.59 -5.46
C ASN A 22 -6.37 -10.53 -5.02
N ALA A 23 -5.71 -10.79 -3.89
CA ALA A 23 -4.71 -9.85 -3.38
C ALA A 23 -3.45 -9.86 -4.25
N ASP A 24 -3.26 -10.96 -4.98
CA ASP A 24 -2.10 -11.10 -5.86
C ASP A 24 -2.34 -10.39 -7.18
N SER A 25 -3.57 -10.48 -7.69
CA SER A 25 -3.93 -9.83 -8.94
C SER A 25 -3.82 -8.32 -8.78
N LEU A 26 -4.20 -7.85 -7.60
CA LEU A 26 -4.14 -6.42 -7.28
C LEU A 26 -2.69 -5.96 -7.20
N ALA A 27 -1.86 -6.74 -6.50
CA ALA A 27 -0.44 -6.40 -6.38
C ALA A 27 0.22 -6.33 -7.75
N SER A 28 -0.35 -7.07 -8.70
CA SER A 28 0.17 -7.10 -10.07
C SER A 28 -0.17 -5.81 -10.82
N ASN A 29 -1.40 -5.33 -10.62
CA ASN A 29 -1.83 -4.10 -11.29
C ASN A 29 -0.94 -2.93 -10.91
N ALA A 30 -0.70 -2.78 -9.62
CA ALA A 30 0.16 -1.71 -9.13
C ALA A 30 1.57 -1.87 -9.67
N GLU A 31 2.02 -3.12 -9.74
CA GLU A 31 3.36 -3.41 -10.23
C GLU A 31 3.55 -2.82 -11.63
N ALA A 32 2.48 -2.86 -12.42
CA ALA A 32 2.51 -2.32 -13.78
C ALA A 32 3.00 -0.88 -13.77
N LYS A 33 2.41 -0.06 -12.90
CA LYS A 33 2.81 1.32 -12.78
C LYS A 33 4.26 1.39 -12.33
N GLY A 34 4.66 0.35 -11.59
CA GLY A 34 6.02 0.27 -11.11
C GLY A 34 6.12 0.50 -9.61
N PHE A 35 5.08 0.07 -8.90
CA PHE A 35 5.05 0.22 -7.44
C PHE A 35 5.40 -1.09 -6.76
N ASP A 36 5.87 -1.00 -5.52
CA ASP A 36 6.23 -2.17 -4.76
C ASP A 36 4.99 -2.75 -4.08
N SER A 37 4.35 -3.73 -4.73
CA SER A 37 3.15 -4.32 -4.18
C SER A 37 3.50 -5.36 -3.13
N ILE A 38 2.55 -5.61 -2.24
CA ILE A 38 2.74 -6.55 -1.15
C ILE A 38 1.40 -7.06 -0.62
N VAL A 39 1.34 -8.33 -0.27
CA VAL A 39 0.11 -8.92 0.25
C VAL A 39 0.31 -9.48 1.66
N LEU A 40 -0.42 -8.92 2.63
CA LEU A 40 -0.32 -9.37 4.01
C LEU A 40 -1.67 -9.91 4.50
N LEU A 41 -1.62 -11.07 5.15
CA LEU A 41 -2.83 -11.70 5.65
C LEU A 41 -3.11 -11.33 7.11
N LYS A 42 -4.22 -10.64 7.32
CA LYS A 42 -4.66 -10.26 8.65
C LYS A 42 -5.78 -11.19 9.08
N ASP A 43 -6.06 -11.28 10.39
CA ASP A 43 -7.11 -12.16 10.89
C ASP A 43 -7.51 -13.21 9.85
N GLY A 44 -8.38 -12.82 8.93
CA GLY A 44 -8.82 -13.70 7.87
C GLY A 44 -8.96 -12.98 6.53
N LEU A 45 -8.22 -11.89 6.36
CA LEU A 45 -8.26 -11.10 5.13
C LEU A 45 -6.86 -10.83 4.59
N TYR A 46 -6.79 -10.56 3.29
CA TYR A 46 -5.52 -10.26 2.64
C TYR A 46 -5.49 -8.81 2.17
N LYS A 47 -4.40 -8.11 2.47
CA LYS A 47 -4.27 -6.71 2.07
C LYS A 47 -3.28 -6.56 0.93
N VAL A 48 -3.53 -5.56 0.11
CA VAL A 48 -2.67 -5.26 -1.02
C VAL A 48 -2.12 -3.84 -0.93
N GLN A 49 -0.88 -3.73 -0.48
CA GLN A 49 -0.23 -2.44 -0.32
C GLN A 49 0.81 -2.18 -1.40
N ILE A 50 0.90 -0.93 -1.86
CA ILE A 50 1.84 -0.54 -2.87
C ILE A 50 2.54 0.78 -2.51
N GLY A 51 3.87 0.70 -2.47
CA GLY A 51 4.67 1.87 -2.14
C GLY A 51 4.73 2.15 -0.65
N ALA A 52 5.87 1.84 -0.04
CA ALA A 52 6.07 2.07 1.39
C ALA A 52 7.35 2.84 1.63
N PHE A 53 7.23 4.06 2.15
CA PHE A 53 8.39 4.89 2.42
C PHE A 53 8.33 5.53 3.80
N SER A 54 9.43 6.15 4.20
CA SER A 54 9.52 6.80 5.50
C SER A 54 8.85 8.17 5.47
N SER A 55 8.65 8.71 4.27
CA SER A 55 8.01 10.01 4.10
C SER A 55 6.66 9.88 3.40
N LYS A 56 5.64 10.54 3.95
CA LYS A 56 4.30 10.50 3.40
C LYS A 56 4.28 11.01 1.96
N ASP A 57 5.08 12.04 1.68
CA ASP A 57 5.14 12.62 0.33
C ASP A 57 5.26 11.52 -0.72
N ASN A 58 5.93 10.43 -0.34
CA ASN A 58 6.12 9.31 -1.25
C ASN A 58 4.80 8.55 -1.43
N ALA A 59 4.15 8.23 -0.32
CA ALA A 59 2.88 7.52 -0.35
C ALA A 59 1.83 8.28 -1.15
N ASP A 60 1.75 9.58 -0.92
CA ASP A 60 0.79 10.42 -1.64
C ASP A 60 1.01 10.34 -3.15
N THR A 61 2.25 10.56 -3.57
CA THR A 61 2.60 10.51 -4.99
C THR A 61 2.26 9.16 -5.59
N LEU A 62 2.45 8.10 -4.80
CA LEU A 62 2.15 6.74 -5.23
C LEU A 62 0.67 6.54 -5.37
N ALA A 63 -0.03 6.90 -4.31
CA ALA A 63 -1.45 6.74 -4.25
C ALA A 63 -2.12 7.41 -5.45
N ALA A 64 -1.90 8.72 -5.59
CA ALA A 64 -2.48 9.49 -6.69
C ALA A 64 -2.14 8.83 -8.02
N ARG A 65 -0.93 8.27 -8.09
CA ARG A 65 -0.49 7.59 -9.30
C ARG A 65 -1.34 6.35 -9.53
N ALA A 66 -1.68 5.66 -8.45
CA ALA A 66 -2.51 4.47 -8.52
C ALA A 66 -3.89 4.85 -8.99
N LYS A 67 -4.41 5.96 -8.47
CA LYS A 67 -5.72 6.45 -8.87
C LYS A 67 -5.72 6.77 -10.36
N ASN A 68 -4.69 7.49 -10.79
CA ASN A 68 -4.54 7.84 -12.19
C ASN A 68 -4.21 6.60 -13.01
N ALA A 69 -3.62 5.61 -12.35
CA ALA A 69 -3.26 4.35 -12.98
C ALA A 69 -4.48 3.46 -13.18
N GLY A 70 -5.52 3.68 -12.39
CA GLY A 70 -6.72 2.89 -12.48
C GLY A 70 -6.92 2.02 -11.25
N PHE A 71 -6.32 2.46 -10.15
CA PHE A 71 -6.40 1.73 -8.89
C PHE A 71 -6.77 2.69 -7.76
N ASP A 72 -7.49 2.20 -6.76
CA ASP A 72 -7.89 3.05 -5.64
C ASP A 72 -6.87 2.97 -4.51
N ALA A 73 -5.72 3.64 -4.69
CA ALA A 73 -4.68 3.64 -3.68
C ALA A 73 -4.90 4.74 -2.63
N ILE A 74 -4.61 4.40 -1.38
CA ILE A 74 -4.74 5.35 -0.28
C ILE A 74 -3.50 5.30 0.60
N VAL A 75 -3.18 6.41 1.25
CA VAL A 75 -2.01 6.47 2.11
C VAL A 75 -2.41 6.35 3.58
N ILE A 76 -1.64 5.57 4.33
CA ILE A 76 -1.91 5.38 5.75
C ILE A 76 -0.62 5.40 6.56
N LEU A 77 -0.66 6.07 7.70
CA LEU A 77 0.49 6.18 8.58
C LEU A 77 0.33 5.25 9.78
N GLU A 78 1.08 4.15 9.78
CA GLU A 78 1.01 3.18 10.87
C GLU A 78 2.22 3.31 11.80
N SER A 79 1.96 3.37 13.10
CA SER A 79 3.04 3.49 14.09
C SER A 79 3.78 2.17 14.23
N LEU A 1 6.76 21.30 22.55
CA LEU A 1 5.99 21.32 21.27
C LEU A 1 6.92 21.51 20.07
N LYS A 2 8.06 20.84 20.11
CA LYS A 2 9.02 20.93 19.02
C LYS A 2 9.56 19.55 18.65
N LYS A 3 9.94 18.77 19.66
CA LYS A 3 10.48 17.44 19.43
C LYS A 3 9.41 16.37 19.70
N THR A 4 8.62 16.07 18.69
CA THR A 4 7.57 15.07 18.81
C THR A 4 7.57 14.12 17.62
N SER A 5 7.94 12.87 17.88
CA SER A 5 7.98 11.86 16.82
C SER A 5 7.06 10.69 17.14
N SER A 6 6.44 10.14 16.11
CA SER A 6 5.53 9.01 16.28
C SER A 6 6.19 7.70 15.84
N SER A 7 7.15 7.81 14.92
CA SER A 7 7.86 6.64 14.42
C SER A 7 6.92 5.73 13.63
N GLY A 8 6.15 6.33 12.73
CA GLY A 8 5.22 5.56 11.92
C GLY A 8 5.77 5.26 10.53
N LEU A 9 4.91 4.86 9.62
CA LEU A 9 5.31 4.55 8.26
C LEU A 9 4.24 4.99 7.27
N TYR A 10 4.68 5.55 6.15
CA TYR A 10 3.75 5.98 5.13
C TYR A 10 3.71 4.97 4.00
N LYS A 11 2.62 4.22 3.94
CA LYS A 11 2.45 3.20 2.90
C LYS A 11 1.15 3.42 2.15
N VAL A 12 1.10 2.99 0.89
CA VAL A 12 -0.11 3.16 0.09
C VAL A 12 -0.83 1.82 -0.05
N GLN A 13 -2.15 1.83 0.04
CA GLN A 13 -2.94 0.61 -0.07
C GLN A 13 -4.11 0.78 -1.03
N ILE A 14 -4.31 -0.20 -1.91
CA ILE A 14 -5.38 -0.14 -2.89
C ILE A 14 -6.53 -1.10 -2.58
N GLY A 15 -6.38 -1.95 -1.56
CA GLY A 15 -7.47 -2.85 -1.23
C GLY A 15 -7.05 -4.07 -0.41
N ALA A 16 -8.06 -4.83 0.03
CA ALA A 16 -7.86 -6.06 0.80
C ALA A 16 -9.03 -6.99 0.54
N PHE A 17 -8.79 -8.30 0.56
CA PHE A 17 -9.87 -9.26 0.31
C PHE A 17 -9.62 -10.58 1.02
N LYS A 18 -10.70 -11.29 1.33
CA LYS A 18 -10.60 -12.58 2.00
C LYS A 18 -9.80 -13.58 1.17
N VAL A 19 -9.63 -13.29 -0.12
CA VAL A 19 -8.89 -14.16 -1.01
C VAL A 19 -7.51 -13.61 -1.35
N LYS A 20 -6.49 -14.44 -1.21
CA LYS A 20 -5.12 -14.07 -1.50
C LYS A 20 -4.91 -13.97 -3.01
N ALA A 21 -5.54 -14.87 -3.76
CA ALA A 21 -5.43 -14.85 -5.22
C ALA A 21 -5.89 -13.49 -5.73
N ASN A 22 -6.86 -12.91 -5.04
CA ASN A 22 -7.38 -11.60 -5.40
C ASN A 22 -6.38 -10.54 -4.97
N ALA A 23 -5.69 -10.81 -3.86
CA ALA A 23 -4.69 -9.89 -3.36
C ALA A 23 -3.44 -9.91 -4.23
N ASP A 24 -3.28 -10.99 -4.99
CA ASP A 24 -2.13 -11.13 -5.89
C ASP A 24 -2.38 -10.40 -7.20
N SER A 25 -3.63 -10.45 -7.66
CA SER A 25 -4.00 -9.78 -8.91
C SER A 25 -3.89 -8.27 -8.72
N LEU A 26 -4.26 -7.80 -7.53
CA LEU A 26 -4.19 -6.39 -7.19
C LEU A 26 -2.74 -5.93 -7.12
N ALA A 27 -1.91 -6.70 -6.42
CA ALA A 27 -0.50 -6.37 -6.30
C ALA A 27 0.16 -6.31 -7.68
N SER A 28 -0.42 -7.05 -8.62
CA SER A 28 0.09 -7.10 -9.99
C SER A 28 -0.25 -5.82 -10.75
N ASN A 29 -1.47 -5.32 -10.55
CA ASN A 29 -1.90 -4.09 -11.22
C ASN A 29 -0.99 -2.93 -10.85
N ALA A 30 -0.73 -2.78 -9.56
CA ALA A 30 0.13 -1.70 -9.09
C ALA A 30 1.53 -1.89 -9.64
N GLU A 31 1.98 -3.13 -9.71
CA GLU A 31 3.31 -3.45 -10.23
C GLU A 31 3.49 -2.86 -11.62
N ALA A 32 2.42 -2.87 -12.40
CA ALA A 32 2.43 -2.33 -13.76
C ALA A 32 2.96 -0.91 -13.76
N LYS A 33 2.38 -0.07 -12.89
CA LYS A 33 2.83 1.31 -12.78
C LYS A 33 4.28 1.33 -12.32
N GLY A 34 4.66 0.30 -11.59
CA GLY A 34 6.02 0.17 -11.10
C GLY A 34 6.12 0.41 -9.61
N PHE A 35 5.08 0.01 -8.88
CA PHE A 35 5.06 0.16 -7.45
C PHE A 35 5.40 -1.15 -6.75
N ASP A 36 5.87 -1.05 -5.52
CA ASP A 36 6.23 -2.23 -4.75
C ASP A 36 5.00 -2.79 -4.06
N SER A 37 4.35 -3.78 -4.68
CA SER A 37 3.15 -4.37 -4.13
C SER A 37 3.50 -5.38 -3.05
N ILE A 38 2.55 -5.60 -2.14
CA ILE A 38 2.76 -6.51 -1.04
C ILE A 38 1.41 -7.04 -0.51
N VAL A 39 1.37 -8.32 -0.20
CA VAL A 39 0.15 -8.94 0.31
C VAL A 39 0.33 -9.45 1.74
N LEU A 40 -0.41 -8.87 2.68
CA LEU A 40 -0.32 -9.30 4.07
C LEU A 40 -1.66 -9.85 4.54
N LEU A 41 -1.63 -11.04 5.12
CA LEU A 41 -2.83 -11.70 5.61
C LEU A 41 -3.11 -11.35 7.07
N LYS A 42 -4.24 -10.69 7.30
CA LYS A 42 -4.67 -10.34 8.65
C LYS A 42 -5.88 -11.20 9.00
N ASP A 43 -6.02 -11.57 10.26
CA ASP A 43 -7.14 -12.41 10.70
C ASP A 43 -7.49 -13.45 9.62
N GLY A 44 -8.32 -13.04 8.65
CA GLY A 44 -8.70 -13.92 7.56
C GLY A 44 -8.75 -13.19 6.22
N LEU A 45 -8.28 -11.94 6.18
CA LEU A 45 -8.28 -11.16 4.95
C LEU A 45 -6.86 -10.87 4.48
N TYR A 46 -6.72 -10.55 3.19
CA TYR A 46 -5.44 -10.23 2.61
C TYR A 46 -5.43 -8.78 2.14
N LYS A 47 -4.34 -8.06 2.43
CA LYS A 47 -4.22 -6.66 2.04
C LYS A 47 -3.23 -6.50 0.92
N VAL A 48 -3.47 -5.50 0.09
CA VAL A 48 -2.60 -5.20 -1.02
C VAL A 48 -2.06 -3.77 -0.93
N GLN A 49 -0.84 -3.65 -0.44
CA GLN A 49 -0.20 -2.35 -0.27
C GLN A 49 0.84 -2.11 -1.37
N ILE A 50 0.92 -0.87 -1.83
CA ILE A 50 1.88 -0.51 -2.87
C ILE A 50 2.57 0.81 -2.52
N GLY A 51 3.90 0.74 -2.48
CA GLY A 51 4.71 1.91 -2.17
C GLY A 51 4.76 2.23 -0.70
N ALA A 52 5.85 1.85 -0.05
CA ALA A 52 6.02 2.11 1.38
C ALA A 52 7.32 2.87 1.63
N PHE A 53 7.20 4.08 2.14
CA PHE A 53 8.37 4.92 2.40
C PHE A 53 8.31 5.55 3.79
N SER A 54 9.42 6.17 4.18
CA SER A 54 9.51 6.84 5.48
C SER A 54 8.86 8.21 5.44
N SER A 55 8.67 8.74 4.23
CA SER A 55 8.05 10.05 4.06
C SER A 55 6.69 9.93 3.38
N LYS A 56 5.69 10.59 3.94
CA LYS A 56 4.34 10.56 3.40
C LYS A 56 4.31 11.05 1.96
N ASP A 57 5.09 12.08 1.66
CA ASP A 57 5.15 12.65 0.31
C ASP A 57 5.26 11.55 -0.73
N ASN A 58 5.92 10.46 -0.35
CA ASN A 58 6.11 9.33 -1.25
C ASN A 58 4.80 8.57 -1.44
N ALA A 59 4.15 8.26 -0.32
CA ALA A 59 2.87 7.55 -0.34
C ALA A 59 1.84 8.31 -1.16
N ASP A 60 1.77 9.63 -0.96
CA ASP A 60 0.82 10.45 -1.68
C ASP A 60 1.05 10.35 -3.19
N THR A 61 2.30 10.54 -3.60
CA THR A 61 2.64 10.47 -5.01
C THR A 61 2.30 9.11 -5.60
N LEU A 62 2.47 8.07 -4.79
CA LEU A 62 2.18 6.70 -5.21
C LEU A 62 0.69 6.52 -5.35
N ALA A 63 0.00 6.88 -4.29
CA ALA A 63 -1.43 6.72 -4.23
C ALA A 63 -2.10 7.39 -5.43
N ALA A 64 -1.86 8.71 -5.56
CA ALA A 64 -2.42 9.47 -6.67
C ALA A 64 -2.09 8.81 -8.00
N ARG A 65 -0.89 8.25 -8.08
CA ARG A 65 -0.45 7.56 -9.29
C ARG A 65 -1.32 6.33 -9.52
N ALA A 66 -1.65 5.64 -8.43
CA ALA A 66 -2.48 4.46 -8.51
C ALA A 66 -3.87 4.85 -8.98
N LYS A 67 -4.37 5.97 -8.48
CA LYS A 67 -5.68 6.47 -8.87
C LYS A 67 -5.67 6.78 -10.37
N ASN A 68 -4.63 7.48 -10.80
CA ASN A 68 -4.48 7.83 -12.21
C ASN A 68 -4.18 6.57 -13.02
N ALA A 69 -3.60 5.58 -12.34
CA ALA A 69 -3.26 4.31 -12.97
C ALA A 69 -4.49 3.42 -13.17
N GLY A 70 -5.52 3.67 -12.37
CA GLY A 70 -6.73 2.89 -12.46
C GLY A 70 -6.94 2.04 -11.22
N PHE A 71 -6.32 2.47 -10.12
CA PHE A 71 -6.40 1.76 -8.87
C PHE A 71 -6.77 2.72 -7.74
N ASP A 72 -7.50 2.23 -6.74
CA ASP A 72 -7.90 3.08 -5.63
C ASP A 72 -6.87 3.01 -4.50
N ALA A 73 -5.73 3.67 -4.69
CA ALA A 73 -4.68 3.67 -3.68
C ALA A 73 -4.89 4.77 -2.64
N ILE A 74 -4.61 4.43 -1.39
CA ILE A 74 -4.75 5.38 -0.29
C ILE A 74 -3.51 5.34 0.60
N VAL A 75 -3.19 6.45 1.25
CA VAL A 75 -2.02 6.50 2.11
C VAL A 75 -2.41 6.40 3.58
N ILE A 76 -1.66 5.61 4.34
CA ILE A 76 -1.93 5.43 5.76
C ILE A 76 -0.64 5.46 6.57
N LEU A 77 -0.67 6.19 7.68
CA LEU A 77 0.48 6.32 8.55
C LEU A 77 0.39 5.30 9.69
N GLU A 78 1.20 4.26 9.61
CA GLU A 78 1.21 3.21 10.63
C GLU A 78 2.21 3.53 11.74
N SER A 79 1.70 3.98 12.87
CA SER A 79 2.55 4.33 14.01
C SER A 79 2.24 3.42 15.20
#